data_5K8D
#
_entry.id   5K8D
#
_cell.length_a   136.295
_cell.length_b   136.295
_cell.length_c   365.098
_cell.angle_alpha   90.000
_cell.angle_beta   90.000
_cell.angle_gamma   90.000
#
_symmetry.space_group_name_H-M   'P 41 21 2'
#
loop_
_entity.id
_entity.type
_entity.pdbx_description
1 polymer 'Coagulation factor VIII'
2 polymer 'Coagulation factor VIII,Ig gamma-1 chain C region'
3 branched alpha-D-mannopyranose-(1-6)-beta-D-mannopyranose-(1-4)-2-acetamido-2-deoxy-beta-D-glucopyranose-(1-4)-2-acetamido-2-deoxy-beta-D-glucopyranose
4 branched 2-acetamido-2-deoxy-beta-D-glucopyranose-(1-4)-2-acetamido-2-deoxy-beta-D-glucopyranose
5 branched alpha-D-mannopyranose-(1-2)-beta-D-mannopyranose-(1-3)-[alpha-D-mannopyranose-(1-6)-alpha-D-mannopyranose-(1-6)]beta-D-mannopyranose-(1-4)-2-acetamido-2-deoxy-beta-D-glucopyranose-(1-4)-2-acetamido-2-deoxy-beta-D-glucopyranose
6 non-polymer 'CALCIUM ION'
7 non-polymer 'COPPER (II) ION'
#
loop_
_entity_poly.entity_id
_entity_poly.type
_entity_poly.pdbx_seq_one_letter_code
_entity_poly.pdbx_strand_id
1 'polypeptide(L)'
;ATRRYYLGAVELSWDYMQSDLGELPVDARFPPRVPKSFPFNTSVVYKKTLFVEFTDHLFNIAKPRPPWMGLLGPTIQAEV
YDTVVITLKNMASHPVSLHAVGVSYWKASEGAEYDDQTSQREKEDDKVFPGGSHTYVWQVLKENGPMASDPLCLTYSYLS
HVDLVKDLNSGLIGALLVCREGSLAKEKTQTLHKFILLFAVFDEGKSWHSETKNSLMQDRDAASARAWPKMHTVNGYVNR
SLPGLIGCHRKSVYWHVIGMGTTPEVHSIFLEGHTFLVRNHRQASLEISPITFLTAQTLLMDLGQFLLFCHISSHQHDGM
EAYVKVDSCPEEPQLRMKNNEEAEDYDDDLTDSEMDVVRFDDDNSPSFIQIRSVAKKHPKTWVHYIAAEEEDWDYAPLVL
APDDRSYKSQYLNNGPQRIGRKYKKVRFMAYTDETFKTREAIQHESGILGPLLYGEVGDTLLIIFKNQASRPYNIYPHGI
TDVRPLYSRRLPKGVKHLKDFPILPGEIFKYKWTVTVEDGPTKSDPRCLTRYYSSFVNMERDLASGLIGPLLICYKESVD
QRGNQIMSDKRNVILFSVFDENRSWYLTENIQRFLPNPAGVQLEDPEFQASNIMHSINGYVFDSLQLSVCLHEVAYWYIL
SIGAQTDFLSVFFSGYTFKHKMVYEDTLTLFPFSGETVFMSMENPGLWILGCHNSDFRNRGMTALLKVSSCDKNTGDYYE
DSYEDISAYLLSKNNAIEPR
;
A
2 'polypeptide(L)'
;KTRHYFIAAVERLWDYGMSSSPHVLRNRAQSGSVPQFKKVVFQEFTDGSFTQPLYRGELNEHLGLLGPYIRAEVEDNIMV
TFRNQASRPYSFYSSLISYEEDQRQGAEPRKNFVKPNETKTYFWKVQHHMAPTKDEFDCKAWAYFSDVDLEKDVHSGLIG
PLLVCHTNTLNPAHGRQVTVQEFALFFTIFDETKSWYFTENMERNCRAPCNIQMEDPTFKENYRFHAINGYIMDTLPGLV
MAQDQRIRWYLLSMGSNENIHSIHFSGHVFTVRKKEEYKMALYNLYPGVFETVEMLPSKAGIWRVECLIGEHLHAGMSTL
FLVYSNKCQTPLGMASGHIRDFQITASGQYGQWAPKLARLHYSGSINAWSTKEPFSWIKVDLLAPMIIHGIKTQGARQKF
SSLYISQFIIMYSLDGKKWQTYRGNSTGTLMVFFGNVDSSGIKHNIFNPPIIARYIRLHPTHYSIRSTLRMELMGCDLNS
CSMPLGMESKAISDAQITASSYFTNMFATWSPSKARLHLQGRSNAWRPQVNNPKEWLQVDFQKTMKVTGVTTQGVKSLLT
SMYVKEFLISSSQDGHQWTLFFQNGKVKVFQGNQDSFTPVVNSLDPPLLTRYLRIHPQSWVHQIALRMEVLGCEAQDLYD
KTHTCPPCPAPELLGGPSVFLFPPKPKDTLMISRTPEVTCVVVDVSHEDPEVKFNWYVDGVEVHNAKTKPREEQYNSTYR
VVSVLTVLHQDWLNGKEYKCKVSNKALPAPIEKTISKAKGQPREPQVYTLPPSRDELTKNQVSLTCLVKGFYPSDIAVEW
ESNGQPENNYKTTPPVLDSDGSFFLYSKLTVDKSRWQQGNVFSCSVMHEALHNHYTQKSLSLSPG
;
B
#
loop_
_chem_comp.id
_chem_comp.type
_chem_comp.name
_chem_comp.formula
BMA D-saccharide, beta linking beta-D-mannopyranose 'C6 H12 O6'
CA non-polymer 'CALCIUM ION' 'Ca 2'
CU non-polymer 'COPPER (II) ION' 'Cu 2'
MAN D-saccharide, alpha linking alpha-D-mannopyranose 'C6 H12 O6'
NAG D-saccharide, beta linking 2-acetamido-2-deoxy-beta-D-glucopyranose 'C8 H15 N O6'
#
# COMPACT_ATOMS: atom_id res chain seq x y z
N ALA A 1 15.54 -24.81 -19.97
CA ALA A 1 15.06 -23.67 -19.14
C ALA A 1 13.75 -23.09 -19.71
N THR A 2 12.77 -22.76 -18.85
CA THR A 2 11.53 -22.17 -19.35
C THR A 2 11.85 -20.90 -20.14
N ARG A 3 12.56 -19.95 -19.51
CA ARG A 3 13.15 -18.77 -20.18
C ARG A 3 14.28 -18.23 -19.33
N ARG A 4 15.31 -17.64 -19.94
CA ARG A 4 16.34 -17.03 -19.09
C ARG A 4 16.93 -15.79 -19.69
N TYR A 5 17.44 -14.94 -18.80
CA TYR A 5 18.02 -13.66 -19.19
C TYR A 5 19.37 -13.45 -18.53
N TYR A 6 20.22 -12.62 -19.14
CA TYR A 6 21.44 -12.16 -18.49
C TYR A 6 21.47 -10.67 -18.44
N LEU A 7 21.47 -10.11 -17.24
CA LEU A 7 21.59 -8.67 -17.10
C LEU A 7 23.02 -8.28 -16.70
N GLY A 8 23.41 -7.05 -16.99
CA GLY A 8 24.63 -6.45 -16.46
C GLY A 8 24.24 -5.33 -15.51
N ALA A 9 25.10 -4.32 -15.41
CA ALA A 9 24.83 -3.14 -14.60
C ALA A 9 25.64 -1.95 -15.09
N VAL A 10 26.09 -2.02 -16.34
CA VAL A 10 27.19 -1.19 -16.87
C VAL A 10 27.03 0.32 -16.63
N GLU A 11 28.14 0.96 -16.25
CA GLU A 11 28.23 2.41 -16.16
C GLU A 11 28.49 2.97 -17.55
N LEU A 12 27.49 3.67 -18.10
CA LEU A 12 27.63 4.38 -19.39
C LEU A 12 27.23 5.84 -19.24
N SER A 13 27.70 6.71 -20.12
CA SER A 13 27.31 8.10 -20.03
C SER A 13 26.09 8.37 -20.90
N TRP A 14 25.51 9.54 -20.70
CA TRP A 14 24.20 9.84 -21.26
C TRP A 14 24.03 11.29 -21.62
N ASP A 15 23.58 11.52 -22.84
CA ASP A 15 23.39 12.89 -23.32
C ASP A 15 21.92 13.19 -23.55
N TYR A 16 21.07 12.17 -23.45
CA TYR A 16 19.64 12.33 -23.74
C TYR A 16 19.43 12.79 -25.20
N MET A 17 20.15 12.12 -26.11
CA MET A 17 20.10 12.38 -27.55
C MET A 17 18.66 12.48 -28.08
N VAL A 44 24.01 18.71 -22.77
CA VAL A 44 24.04 18.12 -21.44
C VAL A 44 24.55 16.69 -21.53
N VAL A 45 25.50 16.38 -20.66
CA VAL A 45 26.06 15.04 -20.61
C VAL A 45 26.06 14.60 -19.15
N TYR A 46 25.55 13.39 -18.89
CA TYR A 46 25.64 12.82 -17.55
C TYR A 46 26.03 11.35 -17.58
N LYS A 47 26.69 10.88 -16.52
CA LYS A 47 27.14 9.49 -16.43
C LYS A 47 26.26 8.73 -15.46
N LYS A 48 25.92 7.49 -15.84
CA LYS A 48 24.93 6.70 -15.13
C LYS A 48 25.26 5.19 -15.13
N THR A 49 24.93 4.51 -14.03
CA THR A 49 25.10 3.05 -13.90
C THR A 49 23.77 2.30 -14.18
N LEU A 50 23.52 1.94 -15.43
CA LEU A 50 22.22 1.32 -15.85
C LEU A 50 22.26 -0.15 -16.29
N PHE A 51 21.07 -0.73 -16.51
CA PHE A 51 20.96 -2.15 -16.82
C PHE A 51 21.29 -2.47 -18.27
N VAL A 52 21.98 -3.58 -18.45
CA VAL A 52 22.49 -4.00 -19.75
C VAL A 52 22.27 -5.49 -19.95
N GLU A 53 22.16 -5.93 -21.19
CA GLU A 53 21.96 -7.36 -21.44
C GLU A 53 22.93 -7.99 -22.46
N PHE A 54 23.31 -9.26 -22.27
CA PHE A 54 24.14 -9.99 -23.27
C PHE A 54 23.80 -11.46 -23.47
N THR A 55 24.44 -12.10 -24.46
CA THR A 55 24.20 -13.51 -24.67
C THR A 55 24.83 -14.37 -23.57
N ASP A 56 26.10 -14.09 -23.23
CA ASP A 56 26.70 -14.51 -21.95
C ASP A 56 28.02 -13.82 -21.70
N HIS A 57 27.97 -12.56 -21.32
CA HIS A 57 29.17 -11.75 -21.18
C HIS A 57 29.66 -11.46 -22.58
N LEU A 58 30.25 -10.28 -22.75
CA LEU A 58 30.67 -9.85 -24.08
C LEU A 58 31.31 -8.51 -23.98
N PHE A 59 31.50 -7.91 -25.15
CA PHE A 59 32.20 -6.65 -25.34
C PHE A 59 31.40 -5.72 -26.29
N ARG A 65 18.88 -1.69 -26.04
CA ARG A 65 19.10 -1.74 -27.49
C ARG A 65 18.08 -0.87 -28.27
N PRO A 66 17.29 -1.47 -29.21
CA PRO A 66 16.43 -0.77 -30.17
C PRO A 66 16.11 0.62 -29.66
N PRO A 67 16.28 1.66 -30.53
CA PRO A 67 16.53 2.97 -29.92
C PRO A 67 15.42 3.47 -29.03
N TRP A 68 14.19 3.19 -29.44
CA TRP A 68 13.02 3.76 -28.82
C TRP A 68 13.01 3.41 -27.34
N MET A 69 13.50 2.21 -27.05
CA MET A 69 13.63 1.74 -25.69
C MET A 69 14.54 2.72 -24.96
N GLY A 70 15.63 3.09 -25.60
CA GLY A 70 16.57 4.01 -24.98
C GLY A 70 17.11 3.51 -23.66
N LEU A 71 16.78 4.25 -22.62
CA LEU A 71 17.37 4.09 -21.32
C LEU A 71 17.07 2.77 -20.64
N LEU A 72 15.88 2.23 -20.87
CA LEU A 72 15.30 1.16 -20.03
C LEU A 72 16.20 -0.04 -19.94
N GLY A 73 16.30 -0.57 -18.74
CA GLY A 73 16.85 -1.89 -18.61
C GLY A 73 15.88 -2.77 -19.34
N PRO A 74 16.39 -3.76 -20.08
CA PRO A 74 15.54 -4.46 -21.06
C PRO A 74 14.21 -4.97 -20.52
N THR A 75 13.18 -4.88 -21.33
CA THR A 75 11.89 -5.30 -20.89
C THR A 75 11.83 -6.82 -20.97
N ILE A 76 11.74 -7.43 -19.79
CA ILE A 76 11.65 -8.89 -19.65
C ILE A 76 10.18 -9.24 -19.49
N GLN A 77 9.78 -10.35 -20.08
CA GLN A 77 8.37 -10.73 -20.05
C GLN A 77 8.16 -12.23 -20.09
N ALA A 78 7.20 -12.69 -19.27
CA ALA A 78 6.92 -14.10 -19.13
C ALA A 78 5.44 -14.38 -19.11
N GLU A 79 5.11 -15.53 -19.65
CA GLU A 79 3.76 -16.02 -19.63
C GLU A 79 3.58 -16.58 -18.25
N VAL A 80 2.35 -16.65 -17.77
CA VAL A 80 2.14 -17.28 -16.49
C VAL A 80 2.57 -18.76 -16.55
N TYR A 81 2.92 -19.33 -15.39
CA TYR A 81 3.38 -20.73 -15.29
C TYR A 81 4.85 -20.91 -15.63
N ASP A 82 5.25 -20.46 -16.82
CA ASP A 82 6.65 -20.44 -17.21
C ASP A 82 7.38 -19.43 -16.34
N THR A 83 8.62 -19.75 -15.95
CA THR A 83 9.28 -18.95 -14.92
C THR A 83 10.71 -18.61 -15.24
N VAL A 84 11.13 -17.41 -14.86
CA VAL A 84 12.39 -16.90 -15.35
C VAL A 84 13.47 -16.90 -14.33
N VAL A 85 14.67 -16.71 -14.85
CA VAL A 85 15.85 -16.47 -14.05
C VAL A 85 16.72 -15.46 -14.73
N ILE A 86 17.13 -14.47 -13.96
CA ILE A 86 18.20 -13.60 -14.36
C ILE A 86 19.50 -14.13 -13.73
N THR A 87 20.62 -13.62 -14.20
CA THR A 87 21.88 -13.74 -13.52
C THR A 87 22.50 -12.35 -13.74
N LEU A 88 22.17 -11.39 -12.87
CA LEU A 88 22.73 -10.04 -12.95
C LEU A 88 24.24 -10.08 -12.72
N LYS A 89 25.03 -9.39 -13.53
CA LYS A 89 26.46 -9.21 -13.23
C LYS A 89 26.69 -7.74 -12.92
N ASN A 90 27.22 -7.44 -11.74
CA ASN A 90 27.31 -6.06 -11.34
C ASN A 90 28.56 -5.44 -11.93
N MET A 91 28.54 -5.25 -13.24
CA MET A 91 29.70 -4.67 -13.89
C MET A 91 29.62 -3.19 -13.60
N ALA A 92 29.61 -2.84 -12.31
CA ALA A 92 29.47 -1.46 -11.86
C ALA A 92 30.46 -1.00 -10.77
N SER A 93 30.42 0.30 -10.49
CA SER A 93 30.96 0.88 -9.27
C SER A 93 30.00 0.57 -8.12
N HIS A 94 28.71 0.73 -8.40
CA HIS A 94 27.65 0.64 -7.40
C HIS A 94 27.34 -0.81 -7.04
N PRO A 95 27.02 -1.07 -5.72
CA PRO A 95 26.45 -2.39 -5.50
C PRO A 95 24.95 -2.32 -5.74
N VAL A 96 24.49 -2.91 -6.83
CA VAL A 96 23.13 -2.67 -7.26
C VAL A 96 22.37 -3.97 -7.18
N SER A 97 21.20 -3.93 -6.54
CA SER A 97 20.42 -5.14 -6.34
C SER A 97 19.25 -5.26 -7.31
N LEU A 98 18.60 -6.44 -7.30
CA LEU A 98 17.50 -6.68 -8.23
C LEU A 98 16.14 -7.15 -7.63
N HIS A 99 15.28 -6.17 -7.34
CA HIS A 99 13.93 -6.39 -6.80
C HIS A 99 12.97 -6.55 -7.94
N ALA A 100 11.87 -7.23 -7.67
CA ALA A 100 10.95 -7.74 -8.69
C ALA A 100 9.51 -7.17 -8.80
N VAL A 101 8.97 -6.64 -7.71
CA VAL A 101 7.68 -5.97 -7.81
C VAL A 101 6.64 -6.70 -8.70
N GLY A 102 6.38 -7.98 -8.42
CA GLY A 102 5.22 -8.62 -9.00
C GLY A 102 5.41 -10.01 -9.55
N VAL A 103 6.12 -10.84 -8.82
CA VAL A 103 6.23 -12.29 -9.04
C VAL A 103 6.54 -12.98 -7.70
N SER A 104 6.95 -14.24 -7.70
CA SER A 104 7.28 -14.94 -6.43
C SER A 104 8.76 -15.32 -6.32
N TYR A 105 9.29 -15.36 -5.09
CA TYR A 105 10.75 -15.41 -4.93
C TYR A 105 11.37 -16.59 -4.13
N TRP A 106 11.35 -16.48 -2.79
CA TRP A 106 12.10 -17.34 -1.82
C TRP A 106 13.24 -16.65 -1.05
N LYS A 107 13.22 -15.32 -1.04
CA LYS A 107 14.27 -14.49 -0.44
C LYS A 107 15.55 -14.56 -1.24
N ALA A 108 15.51 -15.33 -2.34
CA ALA A 108 16.56 -15.36 -3.36
C ALA A 108 16.28 -14.31 -4.44
N SER A 109 15.07 -14.35 -5.00
CA SER A 109 14.69 -13.43 -6.07
C SER A 109 14.73 -11.93 -5.69
N GLU A 110 14.11 -11.58 -4.55
CA GLU A 110 14.11 -10.19 -4.12
C GLU A 110 15.51 -9.76 -3.78
N GLY A 111 15.80 -8.51 -4.11
CA GLY A 111 17.04 -7.90 -3.70
C GLY A 111 16.78 -7.04 -2.49
N ALA A 112 16.52 -7.63 -1.33
CA ALA A 112 16.32 -6.82 -0.14
C ALA A 112 17.18 -7.26 1.04
N GLU A 113 17.88 -6.31 1.64
CA GLU A 113 18.48 -6.57 2.94
C GLU A 113 17.61 -5.87 3.96
N TYR A 114 16.93 -6.67 4.79
CA TYR A 114 16.22 -6.15 5.94
C TYR A 114 16.01 -7.27 6.94
N ASP A 115 15.76 -6.92 8.19
CA ASP A 115 16.01 -7.85 9.26
C ASP A 115 14.99 -8.95 9.11
N ASP A 116 15.24 -9.81 8.13
CA ASP A 116 14.34 -10.87 7.79
C ASP A 116 14.82 -12.20 8.37
N GLN A 117 15.86 -12.16 9.20
CA GLN A 117 16.27 -13.35 9.90
C GLN A 117 16.36 -14.54 8.94
N THR A 118 17.07 -14.36 7.83
CA THR A 118 17.27 -15.46 6.90
C THR A 118 18.74 -15.84 6.77
N SER A 119 19.62 -14.92 7.14
CA SER A 119 21.07 -15.13 7.13
C SER A 119 21.70 -15.25 5.75
N GLN A 120 22.95 -15.67 5.73
CA GLN A 120 23.73 -15.66 4.52
C GLN A 120 23.33 -16.71 3.52
N ARG A 121 23.73 -16.43 2.27
CA ARG A 121 23.38 -17.18 1.08
C ARG A 121 21.98 -16.83 0.61
N GLU A 122 21.21 -16.19 1.48
CA GLU A 122 19.83 -15.87 1.20
C GLU A 122 19.62 -14.37 1.31
N LYS A 123 20.64 -13.69 1.80
CA LYS A 123 20.75 -12.26 1.62
C LYS A 123 21.73 -12.01 0.48
N GLU A 124 22.47 -13.07 0.12
CA GLU A 124 23.51 -13.06 -0.93
C GLU A 124 23.07 -12.28 -2.18
N ASP A 125 21.98 -12.71 -2.78
CA ASP A 125 21.43 -12.03 -3.92
C ASP A 125 20.44 -10.97 -3.45
N ASP A 126 20.15 -10.96 -2.15
CA ASP A 126 19.30 -9.92 -1.59
C ASP A 126 20.09 -8.59 -1.40
N LYS A 127 21.03 -8.36 -2.34
CA LYS A 127 21.89 -7.15 -2.57
C LYS A 127 23.30 -7.56 -3.05
N VAL A 128 23.62 -7.30 -4.32
CA VAL A 128 24.86 -7.80 -4.96
C VAL A 128 26.03 -6.82 -4.83
N PHE A 129 27.26 -7.34 -4.75
CA PHE A 129 28.50 -6.55 -4.60
C PHE A 129 29.09 -6.03 -5.93
N PRO A 130 29.87 -4.91 -5.89
CA PRO A 130 30.52 -4.39 -7.11
C PRO A 130 31.54 -5.37 -7.66
N GLY A 131 31.51 -5.60 -8.96
CA GLY A 131 32.35 -6.64 -9.56
C GLY A 131 31.76 -8.03 -9.40
N GLY A 132 30.73 -8.15 -8.55
CA GLY A 132 30.09 -9.43 -8.25
C GLY A 132 28.99 -9.81 -9.22
N SER A 133 29.15 -10.99 -9.82
CA SER A 133 28.22 -11.51 -10.81
C SER A 133 27.39 -12.65 -10.21
N HIS A 134 26.25 -12.27 -9.62
CA HIS A 134 25.38 -13.18 -8.84
C HIS A 134 23.98 -13.37 -9.46
N THR A 135 23.31 -14.46 -9.09
CA THR A 135 22.22 -14.99 -9.89
C THR A 135 20.85 -14.95 -9.18
N TYR A 136 19.80 -14.55 -9.92
CA TYR A 136 18.39 -14.43 -9.41
C TYR A 136 17.41 -15.47 -9.99
N VAL A 137 16.40 -15.87 -9.21
CA VAL A 137 15.36 -16.81 -9.66
C VAL A 137 13.97 -16.29 -9.34
N TRP A 138 13.05 -16.32 -10.31
CA TRP A 138 11.67 -15.99 -10.01
C TRP A 138 10.62 -16.67 -10.87
N GLN A 139 9.40 -16.67 -10.34
CA GLN A 139 8.36 -17.51 -10.87
C GLN A 139 7.08 -16.75 -11.21
N VAL A 140 6.41 -17.16 -12.29
CA VAL A 140 5.12 -16.60 -12.71
C VAL A 140 4.00 -17.49 -12.27
N LEU A 141 3.78 -17.47 -10.97
CA LEU A 141 2.77 -18.25 -10.28
C LEU A 141 1.40 -18.02 -10.91
N LYS A 142 0.58 -19.06 -10.89
CA LYS A 142 -0.78 -19.03 -11.44
C LYS A 142 -1.61 -17.89 -10.87
N GLU A 143 -1.27 -17.49 -9.67
CA GLU A 143 -1.95 -16.41 -8.98
C GLU A 143 -1.30 -15.08 -9.36
N ASN A 144 -0.03 -15.11 -9.76
CA ASN A 144 0.66 -13.87 -10.13
C ASN A 144 0.07 -13.24 -11.41
N GLY A 145 -0.75 -14.04 -12.11
CA GLY A 145 -1.27 -13.77 -13.45
C GLY A 145 -2.42 -12.81 -13.53
N PRO A 146 -2.79 -12.40 -14.77
CA PRO A 146 -3.82 -11.36 -14.85
C PRO A 146 -5.18 -11.91 -14.62
N MET A 147 -6.11 -11.04 -14.28
CA MET A 147 -7.39 -11.53 -13.83
C MET A 147 -8.30 -12.06 -14.91
N ALA A 148 -8.18 -11.52 -16.12
CA ALA A 148 -9.12 -11.91 -17.20
C ALA A 148 -10.25 -10.92 -17.33
N SER A 149 -10.31 -10.03 -16.35
CA SER A 149 -11.05 -8.80 -16.48
C SER A 149 -9.93 -7.81 -16.82
N ASP A 150 -8.70 -8.29 -16.63
CA ASP A 150 -7.49 -7.52 -16.86
C ASP A 150 -7.06 -7.61 -18.33
N PRO A 151 -6.18 -6.68 -18.76
CA PRO A 151 -5.61 -6.71 -20.11
C PRO A 151 -4.50 -7.73 -20.23
N LEU A 152 -4.28 -8.30 -21.43
CA LEU A 152 -3.21 -9.27 -21.63
C LEU A 152 -1.89 -8.56 -21.36
N CYS A 153 -1.00 -9.20 -20.61
CA CYS A 153 0.26 -8.56 -20.15
C CYS A 153 -0.02 -7.36 -19.20
N LEU A 154 0.16 -7.58 -17.89
CA LEU A 154 0.01 -6.53 -16.90
C LEU A 154 1.38 -5.95 -16.66
N THR A 155 1.51 -4.64 -16.76
CA THR A 155 2.84 -4.04 -16.74
C THR A 155 3.30 -3.91 -15.31
N TYR A 156 4.37 -4.63 -14.99
CA TYR A 156 5.15 -4.38 -13.77
C TYR A 156 6.52 -3.99 -14.30
N SER A 157 7.50 -3.85 -13.42
CA SER A 157 8.88 -3.60 -13.83
C SER A 157 9.86 -4.24 -12.83
N TYR A 158 11.13 -3.83 -12.82
CA TYR A 158 12.03 -4.25 -11.75
C TYR A 158 12.92 -3.09 -11.36
N LEU A 159 13.83 -3.30 -10.42
CA LEU A 159 14.78 -2.26 -10.04
C LEU A 159 15.91 -2.79 -9.16
N SER A 160 16.18 -2.11 -8.05
CA SER A 160 17.23 -2.46 -7.11
C SER A 160 16.84 -1.91 -5.74
N HIS A 161 16.73 -2.80 -4.77
CA HIS A 161 16.30 -2.39 -3.44
C HIS A 161 17.48 -2.15 -2.48
N VAL A 162 18.38 -1.27 -2.91
CA VAL A 162 19.58 -0.90 -2.14
C VAL A 162 19.86 0.61 -2.25
N ASP A 163 19.35 1.38 -1.28
CA ASP A 163 19.19 2.86 -1.36
C ASP A 163 18.45 3.31 -2.63
N LEU A 164 17.13 3.29 -2.56
CA LEU A 164 16.29 3.61 -3.70
C LEU A 164 16.62 4.91 -4.38
N VAL A 165 16.91 5.95 -3.62
CA VAL A 165 17.21 7.24 -4.24
C VAL A 165 18.61 7.19 -4.89
N LYS A 166 19.60 6.72 -4.14
CA LYS A 166 20.97 6.49 -4.65
C LYS A 166 20.92 5.48 -5.81
N ASP A 167 19.78 4.82 -5.94
CA ASP A 167 19.53 3.85 -6.98
C ASP A 167 18.36 4.32 -7.83
N LEU A 168 18.11 3.60 -8.92
CA LEU A 168 17.11 3.99 -9.93
C LEU A 168 17.59 5.17 -10.73
N ASN A 169 17.95 6.26 -10.05
CA ASN A 169 18.65 7.35 -10.70
C ASN A 169 19.95 6.78 -11.19
N SER A 170 20.34 7.11 -12.42
CA SER A 170 21.46 6.44 -13.07
C SER A 170 21.08 5.15 -13.80
N GLY A 171 19.79 4.81 -13.81
CA GLY A 171 19.31 3.83 -14.79
C GLY A 171 18.93 2.46 -14.28
N LEU A 172 18.57 2.40 -13.01
CA LEU A 172 18.27 1.14 -12.35
C LEU A 172 16.79 0.81 -12.41
N ILE A 173 16.20 0.94 -13.60
CA ILE A 173 14.82 0.53 -13.81
C ILE A 173 14.57 -0.12 -15.17
N GLY A 174 13.98 -1.31 -15.11
CA GLY A 174 13.51 -2.02 -16.29
C GLY A 174 12.04 -2.42 -16.17
N ALA A 175 11.51 -3.07 -17.20
CA ALA A 175 10.11 -3.38 -17.27
C ALA A 175 9.88 -4.89 -17.33
N LEU A 176 9.07 -5.37 -16.39
CA LEU A 176 8.72 -6.77 -16.28
C LEU A 176 7.23 -6.99 -16.45
N LEU A 177 6.87 -7.89 -17.36
CA LEU A 177 5.45 -8.14 -17.66
C LEU A 177 4.97 -9.60 -17.73
N VAL A 178 3.90 -9.86 -17.01
CA VAL A 178 3.33 -11.18 -16.91
C VAL A 178 2.05 -11.26 -17.71
N CYS A 179 1.84 -12.35 -18.45
CA CYS A 179 0.72 -12.42 -19.40
C CYS A 179 -0.01 -13.76 -19.51
N ARG A 180 -1.31 -13.71 -19.86
CA ARG A 180 -2.17 -14.91 -19.88
C ARG A 180 -1.60 -16.04 -20.74
N GLU A 181 -1.77 -17.27 -20.27
CA GLU A 181 -0.86 -18.35 -20.58
C GLU A 181 -0.52 -18.60 -22.03
N GLY A 182 -1.53 -18.76 -22.88
CA GLY A 182 -1.23 -19.02 -24.28
C GLY A 182 -0.88 -17.65 -24.82
N SER A 183 0.25 -17.11 -24.41
CA SER A 183 0.47 -15.67 -24.54
C SER A 183 1.40 -15.24 -25.64
N LEU A 184 2.69 -15.56 -25.52
CA LEU A 184 3.64 -15.10 -26.52
C LEU A 184 3.36 -15.74 -27.87
N ALA A 185 3.05 -17.03 -27.88
CA ALA A 185 2.66 -17.70 -29.12
C ALA A 185 1.87 -16.74 -29.99
N LYS A 186 0.94 -15.99 -29.40
CA LYS A 186 0.14 -15.03 -30.18
C LYS A 186 0.95 -13.91 -30.78
N GLU A 187 1.96 -13.40 -30.07
CA GLU A 187 2.73 -12.22 -30.48
C GLU A 187 3.16 -12.26 -31.94
N LYS A 188 3.52 -13.44 -32.43
CA LYS A 188 3.82 -13.61 -33.85
C LYS A 188 2.55 -13.30 -34.64
N THR A 189 1.42 -13.84 -34.19
CA THR A 189 0.07 -13.43 -34.64
C THR A 189 -0.30 -12.04 -34.10
N GLN A 190 0.13 -11.77 -32.88
CA GLN A 190 -0.27 -10.59 -32.13
C GLN A 190 0.42 -9.29 -32.52
N THR A 191 -0.18 -8.18 -32.12
CA THR A 191 0.36 -6.86 -32.35
C THR A 191 1.69 -6.61 -31.63
N LEU A 192 2.65 -6.03 -32.37
CA LEU A 192 3.90 -5.53 -31.82
C LEU A 192 3.66 -4.18 -31.10
N HIS A 193 2.41 -3.74 -31.03
CA HIS A 193 2.12 -2.37 -30.58
C HIS A 193 2.18 -2.23 -29.07
N LYS A 194 3.30 -2.78 -28.59
CA LYS A 194 3.64 -3.00 -27.20
C LYS A 194 4.79 -2.03 -26.89
N PHE A 195 4.45 -0.76 -26.65
CA PHE A 195 5.50 0.19 -26.32
C PHE A 195 5.55 0.50 -24.83
N ILE A 196 6.77 0.57 -24.32
CA ILE A 196 7.00 0.74 -22.89
C ILE A 196 7.35 2.18 -22.63
N LEU A 197 6.41 2.84 -21.98
CA LEU A 197 6.52 4.22 -21.67
C LEU A 197 6.99 4.39 -20.24
N LEU A 198 8.23 4.86 -20.11
CA LEU A 198 8.88 5.12 -18.83
C LEU A 198 8.88 6.62 -18.52
N PHE A 199 7.96 7.04 -17.66
CA PHE A 199 7.86 8.44 -17.30
C PHE A 199 8.64 8.66 -16.03
N ALA A 200 9.77 9.37 -16.16
CA ALA A 200 10.82 9.43 -15.13
C ALA A 200 11.49 10.78 -14.81
N VAL A 201 11.47 11.07 -13.51
CA VAL A 201 12.02 12.26 -12.90
C VAL A 201 13.36 11.85 -12.24
N PHE A 202 14.38 11.59 -13.08
CA PHE A 202 15.72 11.29 -12.56
C PHE A 202 16.35 12.51 -11.90
N ASP A 203 16.54 12.47 -10.58
CA ASP A 203 17.22 13.57 -9.87
C ASP A 203 18.74 13.42 -10.03
N GLU A 204 19.21 13.40 -11.29
CA GLU A 204 20.64 13.26 -11.59
C GLU A 204 21.38 14.28 -10.75
N GLY A 205 22.10 13.76 -9.76
CA GLY A 205 22.52 14.51 -8.59
C GLY A 205 22.12 13.65 -7.41
N LYS A 206 22.33 12.34 -7.61
CA LYS A 206 22.02 11.31 -6.65
C LYS A 206 22.63 10.03 -7.18
N SER A 207 23.29 9.29 -6.30
CA SER A 207 24.26 8.24 -6.64
C SER A 207 25.62 8.80 -7.04
N TRP A 208 25.72 10.12 -7.28
CA TRP A 208 26.95 10.75 -7.75
C TRP A 208 27.42 11.97 -6.97
N TRP A 228 24.35 18.97 -9.17
CA TRP A 228 23.61 20.04 -9.85
C TRP A 228 22.21 19.56 -10.33
N PRO A 229 21.22 20.49 -10.47
CA PRO A 229 19.77 20.32 -10.82
C PRO A 229 19.23 19.13 -11.68
N LYS A 230 17.88 18.99 -11.62
CA LYS A 230 17.04 17.78 -11.94
C LYS A 230 16.85 17.41 -13.42
N MET A 231 15.92 16.48 -13.67
CA MET A 231 15.57 16.02 -15.02
C MET A 231 14.10 15.63 -15.11
N HIS A 232 13.59 15.50 -16.32
CA HIS A 232 12.21 15.09 -16.56
C HIS A 232 12.20 14.37 -17.88
N THR A 233 12.36 13.04 -17.85
CA THR A 233 12.49 12.31 -19.11
C THR A 233 11.30 11.40 -19.41
N VAL A 234 11.23 10.97 -20.66
CA VAL A 234 10.23 10.03 -21.09
C VAL A 234 10.98 8.94 -21.80
N ASN A 235 11.34 7.96 -20.99
CA ASN A 235 12.09 6.81 -21.44
C ASN A 235 13.58 7.14 -21.48
N GLY A 236 13.94 8.34 -21.01
CA GLY A 236 15.34 8.74 -20.99
C GLY A 236 15.68 9.73 -22.08
N TYR A 237 14.75 10.63 -22.36
CA TYR A 237 14.98 11.72 -23.27
C TYR A 237 14.37 12.93 -22.64
N VAL A 238 14.79 14.12 -23.02
CA VAL A 238 14.20 15.26 -22.38
C VAL A 238 13.28 16.09 -23.27
N ASN A 239 13.90 16.96 -24.07
CA ASN A 239 13.19 17.97 -24.83
C ASN A 239 12.72 17.41 -26.14
N ARG A 240 11.60 16.69 -26.12
CA ARG A 240 11.02 16.20 -27.38
C ARG A 240 11.98 15.29 -28.12
N SER A 241 13.05 14.92 -27.40
CA SER A 241 14.08 14.08 -27.92
C SER A 241 13.49 12.72 -28.30
N LEU A 242 14.31 11.86 -28.92
CA LEU A 242 14.00 10.43 -29.07
C LEU A 242 13.16 9.96 -30.25
N PRO A 243 13.34 8.65 -30.63
CA PRO A 243 12.69 8.23 -31.85
C PRO A 243 11.55 7.27 -31.58
N GLY A 244 11.51 6.20 -32.39
CA GLY A 244 10.51 5.16 -32.31
C GLY A 244 9.13 5.74 -32.35
N LEU A 245 8.27 5.27 -31.48
CA LEU A 245 6.94 5.87 -31.38
C LEU A 245 6.22 6.04 -32.72
N ILE A 246 6.14 4.96 -33.46
CA ILE A 246 5.36 4.89 -34.68
C ILE A 246 4.29 3.86 -34.48
N GLY A 247 3.15 4.07 -35.13
CA GLY A 247 2.02 3.16 -35.02
C GLY A 247 1.19 3.17 -36.26
N CYS A 248 0.33 2.18 -36.40
CA CYS A 248 -0.45 2.05 -37.60
C CYS A 248 -1.68 2.94 -37.68
N HIS A 249 -2.14 3.23 -38.88
CA HIS A 249 -3.17 4.23 -39.06
C HIS A 249 -4.50 3.92 -38.42
N ARG A 250 -5.18 2.88 -38.85
CA ARG A 250 -6.53 2.60 -38.34
C ARG A 250 -6.44 1.61 -37.23
N LYS A 251 -5.21 1.17 -36.98
CA LYS A 251 -4.91 0.20 -35.94
C LYS A 251 -4.49 0.94 -34.69
N SER A 252 -4.84 0.37 -33.54
CA SER A 252 -4.58 1.01 -32.26
C SER A 252 -3.27 0.57 -31.61
N VAL A 253 -2.78 1.39 -30.70
CA VAL A 253 -1.52 1.11 -30.05
C VAL A 253 -1.71 0.99 -28.55
N TYR A 254 -0.88 0.15 -27.90
CA TYR A 254 -0.96 -0.12 -26.44
C TYR A 254 0.26 0.39 -25.70
N TRP A 255 0.01 1.06 -24.59
CA TRP A 255 1.07 1.66 -23.78
C TRP A 255 1.30 0.97 -22.44
N HIS A 256 2.49 0.38 -22.31
CA HIS A 256 2.94 -0.21 -21.07
C HIS A 256 3.62 0.88 -20.23
N VAL A 257 2.86 1.49 -19.32
CA VAL A 257 3.30 2.74 -18.67
C VAL A 257 3.96 2.54 -17.31
N ILE A 258 5.12 3.15 -17.09
CA ILE A 258 5.82 3.11 -15.80
C ILE A 258 6.11 4.51 -15.21
N GLY A 259 5.51 4.80 -14.06
CA GLY A 259 5.81 6.02 -13.30
C GLY A 259 7.11 5.84 -12.55
N MET A 260 7.84 6.93 -12.34
CA MET A 260 9.15 6.88 -11.69
C MET A 260 9.47 8.15 -10.89
N GLY A 261 9.58 8.01 -9.58
CA GLY A 261 9.63 9.17 -8.68
C GLY A 261 10.90 9.37 -7.88
N THR A 262 10.99 8.68 -6.73
CA THR A 262 12.04 8.91 -5.70
C THR A 262 11.89 10.28 -4.97
N THR A 263 10.66 10.79 -5.00
CA THR A 263 10.16 11.95 -4.25
C THR A 263 8.66 12.08 -4.58
N PRO A 264 7.88 12.82 -3.77
CA PRO A 264 6.43 12.88 -4.05
C PRO A 264 5.99 13.42 -5.43
N GLU A 265 6.89 13.41 -6.42
CA GLU A 265 6.68 14.04 -7.74
C GLU A 265 5.55 13.41 -8.57
N VAL A 266 4.69 14.28 -9.12
CA VAL A 266 3.48 13.90 -9.85
C VAL A 266 3.43 14.51 -11.25
N HIS A 267 2.67 13.88 -12.14
CA HIS A 267 2.57 14.28 -13.53
C HIS A 267 1.16 14.05 -14.10
N SER A 268 0.82 14.71 -15.22
CA SER A 268 -0.45 14.49 -15.98
C SER A 268 -0.14 14.59 -17.49
N ILE A 269 -0.22 13.47 -18.19
CA ILE A 269 0.41 13.40 -19.50
C ILE A 269 -0.56 13.06 -20.58
N PHE A 270 -0.70 13.97 -21.56
CA PHE A 270 -1.67 13.78 -22.65
C PHE A 270 -1.00 13.33 -23.92
N LEU A 271 -1.80 13.17 -24.97
CA LEU A 271 -1.25 12.95 -26.30
C LEU A 271 -2.04 13.80 -27.22
N GLU A 272 -1.29 14.64 -27.95
CA GLU A 272 -1.84 15.67 -28.84
C GLU A 272 -3.09 15.13 -29.49
N GLY A 273 -4.22 15.75 -29.16
CA GLY A 273 -5.54 15.30 -29.60
C GLY A 273 -5.81 13.80 -29.53
N HIS A 274 -5.53 13.21 -28.37
CA HIS A 274 -5.82 11.81 -28.22
C HIS A 274 -6.28 11.33 -26.86
N THR A 275 -7.28 10.46 -26.93
CA THR A 275 -7.98 9.94 -25.79
C THR A 275 -7.43 8.58 -25.43
N PHE A 276 -7.17 8.44 -24.14
CA PHE A 276 -6.61 7.23 -23.59
C PHE A 276 -7.64 6.27 -23.06
N LEU A 277 -7.34 4.99 -23.25
CA LEU A 277 -8.15 3.94 -22.69
C LEU A 277 -7.30 3.14 -21.71
N VAL A 278 -7.77 3.00 -20.48
CA VAL A 278 -6.99 2.26 -19.46
C VAL A 278 -7.85 1.26 -18.74
N ARG A 279 -8.77 1.78 -17.95
CA ARG A 279 -9.54 0.96 -17.09
C ARG A 279 -10.74 0.54 -17.88
N ASN A 280 -10.72 0.80 -19.19
CA ASN A 280 -11.87 0.62 -20.06
C ASN A 280 -12.78 1.84 -19.90
N HIS A 281 -12.37 2.79 -19.05
CA HIS A 281 -13.06 4.09 -18.94
C HIS A 281 -12.10 5.03 -19.62
N ARG A 282 -12.64 5.92 -20.48
CA ARG A 282 -11.79 6.80 -21.26
C ARG A 282 -11.13 7.73 -20.25
N GLN A 283 -9.82 7.92 -20.40
CA GLN A 283 -9.08 8.73 -19.44
C GLN A 283 -8.67 10.11 -19.96
N ALA A 284 -8.42 10.23 -21.26
CA ALA A 284 -8.08 11.53 -21.91
C ALA A 284 -6.88 12.29 -21.30
N SER A 285 -6.27 11.71 -20.26
CA SER A 285 -5.33 12.43 -19.41
C SER A 285 -4.09 11.67 -19.00
N LEU A 286 -4.21 10.35 -18.90
CA LEU A 286 -3.14 9.55 -18.32
C LEU A 286 -2.48 10.19 -17.09
N GLU A 287 -3.32 10.45 -16.11
CA GLU A 287 -2.93 10.84 -14.77
C GLU A 287 -1.84 9.86 -14.33
N ILE A 288 -0.71 10.35 -13.85
CA ILE A 288 0.39 9.45 -13.54
C ILE A 288 1.10 9.75 -12.23
N SER A 289 0.83 8.91 -11.23
CA SER A 289 1.32 9.09 -9.85
C SER A 289 2.83 8.77 -9.62
N PRO A 290 3.33 8.91 -8.34
CA PRO A 290 4.76 9.06 -8.21
C PRO A 290 5.43 7.85 -8.81
N ILE A 291 4.91 6.69 -8.42
CA ILE A 291 5.30 5.44 -9.01
C ILE A 291 4.00 4.74 -9.29
N THR A 292 3.70 4.64 -10.57
CA THR A 292 2.59 3.83 -11.03
C THR A 292 3.00 2.83 -12.07
N PHE A 293 2.10 1.86 -12.22
CA PHE A 293 2.09 0.90 -13.29
C PHE A 293 0.71 1.04 -13.97
N LEU A 294 0.73 1.34 -15.27
CA LEU A 294 -0.48 1.48 -16.07
C LEU A 294 -0.40 0.88 -17.47
N THR A 295 -1.40 0.06 -17.79
CA THR A 295 -1.55 -0.41 -19.16
C THR A 295 -2.73 0.31 -19.86
N ALA A 296 -2.35 1.22 -20.76
CA ALA A 296 -3.28 2.04 -21.51
C ALA A 296 -3.20 1.81 -23.01
N GLN A 297 -4.26 2.23 -23.70
CA GLN A 297 -4.29 2.15 -25.15
C GLN A 297 -4.90 3.37 -25.82
N THR A 298 -4.48 3.54 -27.07
CA THR A 298 -4.81 4.68 -27.87
C THR A 298 -5.20 4.23 -29.26
N LEU A 299 -6.34 4.76 -29.68
CA LEU A 299 -7.10 4.35 -30.88
C LEU A 299 -6.34 4.57 -32.18
N LEU A 300 -5.63 5.69 -32.23
CA LEU A 300 -4.78 6.16 -33.35
C LEU A 300 -5.42 6.41 -34.69
N MET A 301 -6.53 7.15 -34.69
CA MET A 301 -7.17 7.65 -35.91
C MET A 301 -6.31 8.76 -36.49
N ASP A 302 -6.45 8.99 -37.81
CA ASP A 302 -5.72 10.06 -38.49
C ASP A 302 -4.26 9.71 -38.70
N LEU A 303 -3.50 10.63 -39.26
CA LEU A 303 -2.14 10.33 -39.62
C LEU A 303 -1.21 11.42 -39.12
N GLY A 304 0.04 11.02 -38.89
CA GLY A 304 1.17 11.94 -38.79
C GLY A 304 1.82 12.05 -37.44
N GLN A 305 2.30 13.26 -37.16
CA GLN A 305 3.02 13.58 -35.95
C GLN A 305 2.10 14.23 -34.94
N PHE A 306 1.82 13.54 -33.83
CA PHE A 306 1.24 14.19 -32.68
C PHE A 306 2.17 13.97 -31.52
N LEU A 307 1.91 14.68 -30.42
CA LEU A 307 2.81 14.71 -29.25
C LEU A 307 2.15 14.34 -27.93
N LEU A 308 2.79 13.43 -27.18
CA LEU A 308 2.44 13.16 -25.78
C LEU A 308 3.30 14.16 -25.02
N PHE A 309 3.01 14.40 -23.74
CA PHE A 309 3.74 15.46 -23.05
C PHE A 309 3.20 15.71 -21.65
N CYS A 310 4.10 16.09 -20.76
CA CYS A 310 3.64 16.40 -19.43
C CYS A 310 3.25 17.83 -19.43
N HIS A 311 2.05 18.07 -18.93
CA HIS A 311 1.48 19.39 -18.90
C HIS A 311 1.29 19.72 -17.44
N ILE A 312 1.94 20.77 -16.97
CA ILE A 312 1.75 21.26 -15.60
C ILE A 312 2.14 22.74 -15.44
N SER A 313 3.39 22.95 -15.04
CA SER A 313 3.88 24.29 -14.81
C SER A 313 5.28 24.40 -15.36
N SER A 314 6.24 23.90 -14.58
CA SER A 314 7.66 24.05 -14.88
C SER A 314 8.21 22.78 -15.52
N HIS A 315 7.35 21.77 -15.61
CA HIS A 315 7.75 20.47 -16.10
C HIS A 315 8.26 20.49 -17.54
N GLN A 316 7.56 21.23 -18.40
CA GLN A 316 7.93 21.34 -19.83
C GLN A 316 9.27 22.05 -20.03
N HIS A 317 9.59 22.97 -19.12
CA HIS A 317 10.89 23.62 -19.11
C HIS A 317 11.98 22.66 -18.62
N ASP A 318 11.58 21.45 -18.22
CA ASP A 318 12.54 20.44 -17.79
C ASP A 318 12.55 19.20 -18.70
N GLY A 319 11.50 19.02 -19.51
CA GLY A 319 11.39 17.86 -20.40
C GLY A 319 10.04 17.15 -20.31
N MET A 320 10.03 15.85 -20.56
CA MET A 320 8.83 15.03 -20.40
C MET A 320 7.82 15.17 -21.56
N GLU A 321 8.30 15.60 -22.71
CA GLU A 321 7.41 15.62 -23.82
C GLU A 321 8.12 14.85 -24.93
N ALA A 322 7.38 14.01 -25.66
CA ALA A 322 7.95 13.30 -26.84
C ALA A 322 6.92 12.93 -27.94
N TYR A 323 7.41 12.80 -29.17
CA TYR A 323 6.53 12.82 -30.34
C TYR A 323 6.18 11.41 -30.75
N VAL A 324 4.89 11.21 -31.05
CA VAL A 324 4.35 9.94 -31.55
C VAL A 324 3.75 10.03 -32.96
N LYS A 325 4.51 9.49 -33.91
CA LYS A 325 4.13 9.44 -35.31
C LYS A 325 3.11 8.36 -35.49
N VAL A 326 2.13 8.62 -36.35
CA VAL A 326 1.37 7.56 -37.02
C VAL A 326 1.49 7.73 -38.53
N ASP A 327 1.89 6.67 -39.21
CA ASP A 327 1.96 6.64 -40.65
C ASP A 327 0.85 5.77 -41.12
N SER A 328 0.77 5.58 -42.43
CA SER A 328 -0.04 4.53 -43.00
C SER A 328 0.81 3.27 -42.92
N CYS A 329 0.17 2.11 -43.00
CA CYS A 329 0.85 0.85 -42.75
C CYS A 329 0.72 -0.18 -43.86
N PRO A 330 1.69 -1.10 -43.98
CA PRO A 330 1.63 -2.17 -44.98
C PRO A 330 0.40 -3.04 -44.80
N GLU A 331 -0.28 -3.34 -45.89
CA GLU A 331 -1.52 -4.14 -45.83
C GLU A 331 -1.19 -5.62 -46.04
N GLU A 332 -1.99 -6.52 -45.45
CA GLU A 332 -1.73 -7.98 -45.51
C GLU A 332 -2.91 -8.94 -45.18
N PRO A 333 -3.83 -9.19 -46.16
CA PRO A 333 -4.91 -10.16 -45.89
C PRO A 333 -4.51 -11.61 -46.21
N GLN A 334 -4.36 -12.45 -45.19
CA GLN A 334 -4.02 -13.86 -45.41
C GLN A 334 -5.25 -14.71 -45.78
N ALA A 375 -39.84 8.12 -36.05
CA ALA A 375 -38.41 8.23 -35.82
C ALA A 375 -38.02 7.52 -34.52
N LYS A 376 -38.26 8.19 -33.40
CA LYS A 376 -38.00 7.67 -32.05
C LYS A 376 -36.51 7.68 -31.62
N LYS A 377 -35.62 8.12 -32.51
CA LYS A 377 -34.17 7.95 -32.28
C LYS A 377 -33.31 9.02 -32.96
N HIS A 378 -32.00 8.76 -32.95
CA HIS A 378 -31.00 9.56 -33.67
C HIS A 378 -30.62 10.87 -33.03
N PRO A 379 -29.61 11.54 -33.63
CA PRO A 379 -29.06 12.77 -33.08
C PRO A 379 -29.76 13.99 -33.63
N LYS A 380 -29.62 15.10 -32.91
CA LYS A 380 -29.94 16.43 -33.41
C LYS A 380 -28.76 17.30 -33.03
N THR A 381 -28.65 18.48 -33.64
CA THR A 381 -27.46 19.31 -33.42
C THR A 381 -27.70 20.54 -32.48
N TRP A 382 -26.69 20.90 -31.70
CA TRP A 382 -26.81 21.91 -30.67
C TRP A 382 -26.50 23.26 -31.25
N VAL A 383 -27.14 24.30 -30.73
CA VAL A 383 -26.92 25.66 -31.19
C VAL A 383 -26.61 26.58 -30.05
N HIS A 384 -25.54 27.36 -30.16
CA HIS A 384 -25.21 28.25 -29.07
C HIS A 384 -24.72 29.62 -29.55
N TYR A 385 -25.55 30.63 -29.38
CA TYR A 385 -25.10 32.00 -29.60
C TYR A 385 -24.42 32.35 -28.32
N ILE A 386 -23.08 32.37 -28.36
CA ILE A 386 -22.26 32.67 -27.16
C ILE A 386 -21.12 33.68 -27.45
N ALA A 387 -20.61 34.31 -26.40
CA ALA A 387 -19.74 35.47 -26.54
C ALA A 387 -18.86 35.59 -25.33
N ALA A 388 -17.70 36.24 -25.49
CA ALA A 388 -16.87 36.61 -24.36
C ALA A 388 -16.98 38.09 -24.08
N GLU A 389 -17.80 38.39 -23.07
CA GLU A 389 -18.03 39.74 -22.58
C GLU A 389 -17.30 39.93 -21.26
N GLU A 390 -17.07 41.19 -20.88
CA GLU A 390 -16.33 41.46 -19.67
C GLU A 390 -17.14 42.22 -18.66
N GLU A 391 -16.79 41.99 -17.41
CA GLU A 391 -17.52 42.50 -16.26
C GLU A 391 -16.63 42.30 -15.01
N ASP A 392 -16.92 43.06 -13.96
CA ASP A 392 -16.23 42.88 -12.69
C ASP A 392 -16.88 41.76 -11.90
N TRP A 393 -16.04 41.01 -11.19
CA TRP A 393 -16.53 39.87 -10.45
C TRP A 393 -16.31 40.01 -8.95
N ASP A 394 -17.39 39.88 -8.17
CA ASP A 394 -17.31 39.98 -6.74
C ASP A 394 -17.62 38.66 -6.05
N TYR A 395 -16.61 38.15 -5.36
CA TYR A 395 -16.77 36.91 -4.62
C TYR A 395 -17.37 37.26 -3.26
N ALA A 396 -18.65 37.63 -3.29
CA ALA A 396 -19.34 38.14 -2.12
C ALA A 396 -20.84 37.99 -2.35
N PRO A 397 -21.71 38.39 -1.38
CA PRO A 397 -21.19 38.97 -0.14
C PRO A 397 -21.61 38.21 1.11
N LEU A 398 -20.66 37.87 1.98
CA LEU A 398 -21.03 37.48 3.35
C LEU A 398 -20.30 38.38 4.32
N VAL A 399 -20.42 38.05 5.60
CA VAL A 399 -19.89 38.88 6.67
C VAL A 399 -18.47 39.26 6.35
N LEU A 400 -18.20 40.54 6.50
CA LEU A 400 -16.91 41.09 6.25
C LEU A 400 -16.32 41.21 7.64
N ALA A 401 -15.21 40.53 7.87
CA ALA A 401 -14.57 40.56 9.18
C ALA A 401 -13.20 41.25 9.08
N PRO A 402 -13.13 42.55 9.47
CA PRO A 402 -11.98 43.41 9.10
C PRO A 402 -10.65 43.11 9.81
N ASP A 403 -9.61 43.79 9.35
CA ASP A 403 -8.28 43.86 9.95
C ASP A 403 -7.72 42.60 10.64
N ASP A 404 -7.91 42.49 11.96
CA ASP A 404 -7.37 41.38 12.79
C ASP A 404 -7.65 40.00 12.22
N ARG A 405 -8.66 39.90 11.35
CA ARG A 405 -8.91 38.68 10.62
C ARG A 405 -7.86 38.61 9.52
N SER A 406 -6.61 38.55 9.96
CA SER A 406 -5.43 38.53 9.10
C SER A 406 -5.25 37.21 8.36
N TYR A 407 -6.23 36.31 8.49
CA TYR A 407 -6.35 35.13 7.66
C TYR A 407 -7.44 35.35 6.60
N LYS A 408 -8.60 35.82 7.05
CA LYS A 408 -9.78 35.94 6.20
C LYS A 408 -9.73 37.19 5.33
N SER A 409 -9.66 38.34 5.99
CA SER A 409 -9.88 39.64 5.38
C SER A 409 -8.83 40.04 4.36
N GLN A 410 -7.58 39.74 4.68
CA GLN A 410 -6.43 40.02 3.83
C GLN A 410 -6.73 39.75 2.35
N TYR A 411 -7.65 38.82 2.11
CA TYR A 411 -8.04 38.38 0.77
C TYR A 411 -8.99 39.32 0.02
N LEU A 412 -10.08 39.68 0.72
CA LEU A 412 -11.21 40.41 0.16
C LEU A 412 -11.60 41.69 0.90
N ASN A 413 -10.58 42.44 1.31
CA ASN A 413 -10.76 43.76 1.90
C ASN A 413 -9.91 44.80 1.21
N ASN A 414 -10.54 45.92 0.85
CA ASN A 414 -9.81 47.01 0.23
C ASN A 414 -9.01 47.76 1.30
N GLY A 415 -7.70 47.66 1.17
CA GLY A 415 -6.74 48.17 2.14
C GLY A 415 -5.66 48.93 1.42
N PRO A 416 -4.57 49.34 2.16
CA PRO A 416 -3.61 50.23 1.48
C PRO A 416 -2.97 49.56 0.26
N GLN A 417 -2.72 48.26 0.35
CA GLN A 417 -2.19 47.52 -0.78
C GLN A 417 -2.89 46.16 -0.96
N ARG A 418 -4.19 46.24 -1.30
CA ARG A 418 -5.02 45.05 -1.47
C ARG A 418 -6.29 45.44 -2.21
N ILE A 419 -6.91 44.47 -2.88
CA ILE A 419 -8.08 44.75 -3.70
C ILE A 419 -9.07 43.61 -3.61
N GLY A 420 -9.71 43.49 -2.46
CA GLY A 420 -10.51 42.32 -2.17
C GLY A 420 -11.77 42.14 -2.98
N ARG A 421 -12.21 40.89 -3.04
CA ARG A 421 -13.56 40.52 -3.46
C ARG A 421 -13.84 40.73 -4.95
N LYS A 422 -13.64 41.96 -5.42
CA LYS A 422 -14.03 42.32 -6.76
C LYS A 422 -12.85 42.65 -7.62
N TYR A 423 -12.79 41.99 -8.77
CA TYR A 423 -11.77 42.22 -9.77
C TYR A 423 -12.51 42.31 -11.09
N LYS A 424 -11.90 42.91 -12.10
CA LYS A 424 -12.49 42.92 -13.43
C LYS A 424 -12.03 41.69 -14.16
N LYS A 425 -13.00 40.99 -14.75
CA LYS A 425 -12.79 39.72 -15.47
C LYS A 425 -13.41 39.70 -16.87
N VAL A 426 -13.30 38.55 -17.52
CA VAL A 426 -14.04 38.25 -18.72
C VAL A 426 -14.60 36.88 -18.55
N ARG A 427 -15.90 36.75 -18.77
CA ARG A 427 -16.53 35.44 -18.74
C ARG A 427 -17.16 35.16 -20.06
N PHE A 428 -17.69 33.95 -20.18
CA PHE A 428 -18.52 33.65 -21.30
C PHE A 428 -19.98 33.89 -20.91
N MET A 429 -20.70 34.61 -21.75
CA MET A 429 -22.15 34.74 -21.60
C MET A 429 -22.83 34.24 -22.88
N ALA A 430 -24.08 33.76 -22.80
CA ALA A 430 -24.82 33.20 -23.99
C ALA A 430 -25.75 34.21 -24.69
N TYR A 431 -25.20 35.40 -24.86
CA TYR A 431 -25.80 36.65 -24.51
C TYR A 431 -27.21 36.81 -25.01
N THR A 432 -27.99 37.48 -24.16
CA THR A 432 -29.43 37.69 -24.30
C THR A 432 -29.89 38.59 -25.48
N ASP A 433 -29.21 39.72 -25.67
CA ASP A 433 -29.73 40.73 -26.60
C ASP A 433 -28.72 41.13 -27.65
N GLU A 434 -28.81 40.50 -28.83
CA GLU A 434 -27.86 40.70 -29.91
C GLU A 434 -28.15 39.88 -31.14
N THR A 435 -27.07 39.64 -31.88
CA THR A 435 -27.09 38.92 -33.14
C THR A 435 -27.37 37.48 -32.91
N PHE A 436 -28.04 36.90 -33.90
CA PHE A 436 -28.51 35.54 -33.85
C PHE A 436 -29.17 35.32 -32.52
N LYS A 437 -30.22 36.14 -32.35
CA LYS A 437 -30.86 36.38 -31.07
C LYS A 437 -29.99 35.97 -29.90
N THR A 438 -30.28 34.82 -29.28
CA THR A 438 -29.87 34.61 -27.92
C THR A 438 -30.38 33.37 -27.22
N ARG A 439 -29.79 33.13 -26.04
CA ARG A 439 -30.42 32.40 -24.90
C ARG A 439 -29.69 32.80 -23.59
N GLU A 440 -30.28 33.68 -22.77
CA GLU A 440 -29.60 34.20 -21.57
C GLU A 440 -30.42 34.52 -20.34
N ALA A 441 -30.10 33.79 -19.30
CA ALA A 441 -30.59 33.99 -17.97
C ALA A 441 -29.48 33.34 -17.17
N ILE A 442 -29.23 33.84 -15.95
CA ILE A 442 -28.08 33.38 -15.19
C ILE A 442 -28.55 32.61 -13.98
N GLN A 443 -27.75 31.64 -13.59
CA GLN A 443 -27.97 31.05 -12.28
C GLN A 443 -26.82 31.41 -11.35
N HIS A 444 -27.11 32.02 -10.19
CA HIS A 444 -26.09 32.31 -9.15
C HIS A 444 -25.28 31.07 -8.80
N GLU A 445 -25.91 29.92 -8.92
CA GLU A 445 -25.34 28.68 -8.44
C GLU A 445 -24.04 28.24 -9.13
N SER A 446 -23.85 28.61 -10.39
CA SER A 446 -22.54 28.46 -11.04
C SER A 446 -22.04 29.85 -11.31
N GLY A 447 -20.85 30.15 -10.78
CA GLY A 447 -20.44 31.54 -10.64
C GLY A 447 -20.04 32.15 -11.96
N ILE A 448 -18.74 32.18 -12.16
CA ILE A 448 -18.17 32.59 -13.42
C ILE A 448 -18.50 31.59 -14.49
N LEU A 449 -18.66 30.33 -14.09
CA LEU A 449 -18.81 29.24 -15.04
C LEU A 449 -19.67 29.63 -16.26
N GLY A 450 -19.20 29.28 -17.45
CA GLY A 450 -19.83 29.71 -18.71
C GLY A 450 -21.20 29.09 -18.92
N PRO A 451 -21.74 29.19 -20.15
CA PRO A 451 -22.87 28.30 -20.38
C PRO A 451 -22.45 26.80 -20.29
N LEU A 452 -23.34 25.94 -19.81
CA LEU A 452 -23.07 24.53 -19.91
C LEU A 452 -23.43 24.04 -21.28
N LEU A 453 -22.48 23.39 -21.97
CA LEU A 453 -22.70 22.83 -23.33
C LEU A 453 -22.72 21.29 -23.36
N TYR A 454 -23.84 20.77 -23.84
CA TYR A 454 -24.17 19.38 -23.67
C TYR A 454 -23.88 18.69 -24.98
N GLY A 455 -23.17 17.58 -24.92
CA GLY A 455 -22.91 16.77 -26.13
C GLY A 455 -23.27 15.30 -26.11
N GLU A 456 -24.20 14.91 -26.98
CA GLU A 456 -24.54 13.50 -27.08
C GLU A 456 -23.81 12.98 -28.27
N VAL A 457 -23.26 11.80 -28.12
CA VAL A 457 -22.41 11.25 -29.14
C VAL A 457 -23.11 11.35 -30.47
N GLY A 458 -22.39 11.79 -31.48
CA GLY A 458 -22.96 11.90 -32.82
C GLY A 458 -23.74 13.18 -33.02
N ASP A 459 -23.98 13.88 -31.91
CA ASP A 459 -24.48 15.24 -31.92
C ASP A 459 -23.39 16.20 -32.37
N THR A 460 -23.84 17.32 -32.90
CA THR A 460 -22.94 18.33 -33.39
C THR A 460 -23.16 19.57 -32.53
N LEU A 461 -22.19 20.48 -32.52
CA LEU A 461 -22.35 21.75 -31.79
C LEU A 461 -22.17 22.95 -32.69
N LEU A 462 -22.80 24.07 -32.31
CA LEU A 462 -22.80 25.27 -33.15
C LEU A 462 -22.56 26.48 -32.34
N ILE A 463 -21.30 26.72 -32.12
CA ILE A 463 -20.86 27.80 -31.28
C ILE A 463 -20.70 28.98 -32.19
N ILE A 464 -21.71 29.83 -32.22
CA ILE A 464 -21.58 31.07 -32.93
C ILE A 464 -21.07 32.09 -31.96
N PHE A 465 -19.74 32.15 -31.90
CA PHE A 465 -18.98 32.91 -30.93
C PHE A 465 -18.54 34.28 -31.44
N LYS A 466 -18.52 35.25 -30.53
CA LYS A 466 -18.12 36.63 -30.82
C LYS A 466 -17.30 37.12 -29.62
N ASN A 467 -16.19 37.79 -29.84
CA ASN A 467 -15.46 38.38 -28.71
C ASN A 467 -15.99 39.75 -28.37
N GLN A 468 -16.93 39.77 -27.44
CA GLN A 468 -17.65 41.00 -27.16
C GLN A 468 -16.83 42.09 -26.52
N ALA A 469 -15.81 41.70 -25.76
CA ALA A 469 -15.07 42.73 -25.03
C ALA A 469 -13.55 42.61 -25.02
N SER A 470 -12.89 43.73 -25.34
CA SER A 470 -11.46 44.00 -25.15
C SER A 470 -10.41 43.20 -25.99
N ARG A 471 -9.54 42.45 -25.29
CA ARG A 471 -8.47 41.62 -25.88
C ARG A 471 -8.99 40.38 -26.63
N PRO A 472 -8.32 40.03 -27.72
CA PRO A 472 -8.83 38.95 -28.58
C PRO A 472 -8.78 37.58 -27.88
N TYR A 473 -9.90 36.85 -27.82
CA TYR A 473 -9.93 35.56 -27.10
C TYR A 473 -10.49 34.39 -27.92
N ASN A 474 -10.16 33.16 -27.56
CA ASN A 474 -10.53 32.06 -28.40
C ASN A 474 -11.50 31.15 -27.70
N ILE A 475 -12.16 30.26 -28.44
CA ILE A 475 -13.11 29.37 -27.78
C ILE A 475 -13.00 27.88 -28.13
N TYR A 476 -12.21 27.16 -27.35
CA TYR A 476 -11.98 25.78 -27.70
C TYR A 476 -12.34 24.80 -26.63
N PRO A 477 -12.98 23.68 -27.03
CA PRO A 477 -13.45 22.64 -26.12
C PRO A 477 -12.42 21.52 -25.89
N HIS A 478 -11.96 21.35 -24.66
CA HIS A 478 -11.16 20.17 -24.36
C HIS A 478 -12.18 19.06 -24.23
N GLY A 479 -11.97 18.00 -25.01
CA GLY A 479 -12.78 16.77 -24.94
C GLY A 479 -13.21 16.18 -26.27
N ILE A 480 -13.74 17.05 -27.13
CA ILE A 480 -14.10 16.71 -28.51
C ILE A 480 -12.91 16.90 -29.47
N THR A 481 -13.14 16.58 -30.73
CA THR A 481 -12.06 16.37 -31.64
C THR A 481 -12.33 17.02 -32.99
N ASP A 482 -13.49 16.71 -33.59
CA ASP A 482 -13.84 17.27 -34.89
C ASP A 482 -14.27 18.71 -34.64
N VAL A 483 -13.29 19.58 -34.50
CA VAL A 483 -13.54 21.01 -34.40
C VAL A 483 -12.83 21.79 -35.50
N ARG A 484 -13.68 22.25 -36.42
CA ARG A 484 -13.30 23.06 -37.57
C ARG A 484 -14.47 24.01 -37.74
N PRO A 485 -14.21 25.20 -38.27
CA PRO A 485 -15.30 26.13 -38.46
C PRO A 485 -16.26 25.47 -39.39
N LEU A 486 -17.55 25.64 -39.16
CA LEU A 486 -18.51 25.04 -40.05
C LEU A 486 -18.39 25.77 -41.36
N TYR A 487 -18.82 25.12 -42.44
CA TYR A 487 -18.79 25.71 -43.74
C TYR A 487 -17.45 25.51 -44.44
N SER A 488 -16.43 25.05 -43.71
CA SER A 488 -15.11 24.79 -44.30
C SER A 488 -14.09 24.11 -43.42
N ARG A 489 -13.39 23.16 -44.02
CA ARG A 489 -12.33 22.48 -43.34
C ARG A 489 -11.07 23.35 -43.41
N ARG A 490 -11.08 24.35 -44.30
CA ARG A 490 -10.00 25.34 -44.44
C ARG A 490 -9.70 26.04 -43.14
N LEU A 491 -8.46 26.49 -43.00
CA LEU A 491 -8.07 27.25 -41.83
C LEU A 491 -7.71 28.66 -42.27
N PRO A 492 -8.03 29.69 -41.46
CA PRO A 492 -7.87 31.12 -41.73
C PRO A 492 -6.61 31.45 -42.55
N LYS A 493 -6.18 30.47 -43.36
CA LYS A 493 -5.05 30.64 -44.27
C LYS A 493 -3.79 30.85 -43.45
N GLY A 494 -3.85 31.85 -42.58
CA GLY A 494 -2.74 32.25 -41.76
C GLY A 494 -2.20 31.22 -40.78
N VAL A 495 -3.06 30.43 -40.16
CA VAL A 495 -2.62 29.72 -38.97
C VAL A 495 -3.03 28.26 -38.78
N LYS A 496 -2.34 27.63 -37.83
CA LYS A 496 -2.48 26.24 -37.44
C LYS A 496 -3.41 25.98 -36.27
N HIS A 497 -4.31 25.01 -36.39
CA HIS A 497 -5.25 24.63 -35.32
C HIS A 497 -5.92 25.80 -34.61
N LEU A 498 -7.22 25.96 -34.79
CA LEU A 498 -7.88 27.27 -34.61
C LEU A 498 -7.60 27.81 -33.25
N LYS A 499 -7.51 26.85 -32.33
CA LYS A 499 -7.24 27.15 -30.94
C LYS A 499 -5.98 28.01 -30.87
N ASP A 500 -5.02 27.75 -31.75
CA ASP A 500 -3.78 28.46 -31.75
C ASP A 500 -4.11 29.92 -31.92
N PHE A 501 -4.71 30.31 -33.04
CA PHE A 501 -4.75 31.75 -33.34
C PHE A 501 -6.10 32.44 -33.64
N PRO A 502 -6.79 32.21 -34.79
CA PRO A 502 -7.67 33.33 -35.23
C PRO A 502 -8.57 33.73 -34.06
N ILE A 503 -8.18 34.82 -33.42
CA ILE A 503 -8.61 35.11 -32.04
C ILE A 503 -9.65 36.23 -31.90
N LEU A 504 -10.06 36.78 -33.04
CA LEU A 504 -11.31 37.52 -33.16
C LEU A 504 -11.47 38.63 -32.11
N PRO A 505 -10.96 39.87 -32.45
CA PRO A 505 -10.93 40.91 -31.37
C PRO A 505 -12.21 41.77 -31.10
N GLY A 506 -12.94 42.05 -32.16
CA GLY A 506 -14.27 42.63 -32.03
C GLY A 506 -15.26 41.81 -32.84
N GLU A 507 -14.81 40.67 -33.36
CA GLU A 507 -15.54 39.90 -34.39
C GLU A 507 -16.54 38.84 -33.92
N ILE A 508 -16.88 37.95 -34.86
CA ILE A 508 -17.74 36.81 -34.62
C ILE A 508 -17.27 35.63 -35.48
N PHE A 509 -17.08 34.48 -34.86
CA PHE A 509 -16.75 33.24 -35.56
C PHE A 509 -17.71 32.11 -35.27
N LYS A 510 -18.06 31.39 -36.34
CA LYS A 510 -18.94 30.25 -36.28
C LYS A 510 -18.23 28.87 -36.31
N TYR A 511 -18.41 28.08 -35.25
CA TYR A 511 -17.66 26.88 -34.93
C TYR A 511 -18.53 25.66 -34.94
N LYS A 512 -17.95 24.51 -35.30
CA LYS A 512 -18.65 23.18 -35.26
C LYS A 512 -17.92 22.12 -34.46
N TRP A 513 -18.55 21.68 -33.37
CA TRP A 513 -18.06 20.58 -32.54
C TRP A 513 -18.88 19.33 -32.78
N THR A 514 -18.38 18.51 -33.69
CA THR A 514 -18.99 17.24 -34.01
C THR A 514 -18.52 16.26 -32.97
N VAL A 515 -19.46 15.50 -32.44
CA VAL A 515 -19.10 14.46 -31.48
C VAL A 515 -19.11 13.09 -32.15
N THR A 516 -18.01 12.39 -31.92
CA THR A 516 -17.85 11.02 -32.35
C THR A 516 -18.03 10.23 -31.11
N VAL A 517 -18.12 8.92 -31.28
CA VAL A 517 -18.18 8.02 -30.15
C VAL A 517 -16.80 7.88 -29.45
N GLU A 518 -15.76 7.99 -30.26
CA GLU A 518 -14.40 8.11 -29.79
C GLU A 518 -14.33 9.12 -28.64
N ASP A 519 -14.82 10.34 -28.86
CA ASP A 519 -14.79 11.40 -27.85
C ASP A 519 -15.62 11.11 -26.61
N GLY A 520 -16.50 10.11 -26.72
CA GLY A 520 -17.53 9.87 -25.71
C GLY A 520 -17.24 8.80 -24.70
N PRO A 521 -18.13 8.67 -23.70
CA PRO A 521 -17.93 7.72 -22.62
C PRO A 521 -18.13 6.29 -23.10
N THR A 522 -17.36 5.37 -22.53
CA THR A 522 -17.45 3.95 -22.90
C THR A 522 -18.64 3.29 -22.26
N LYS A 523 -18.77 2.00 -22.57
CA LYS A 523 -19.57 1.07 -21.83
C LYS A 523 -19.24 1.30 -20.35
N SER A 524 -17.97 1.29 -19.98
CA SER A 524 -17.65 1.22 -18.57
C SER A 524 -17.81 2.52 -17.77
N ASP A 525 -17.30 3.63 -18.29
CA ASP A 525 -17.35 4.92 -17.55
C ASP A 525 -18.78 5.42 -17.40
N PRO A 526 -19.09 6.04 -16.27
CA PRO A 526 -20.44 6.57 -16.15
C PRO A 526 -20.61 7.61 -17.26
N ARG A 527 -21.86 7.79 -17.70
CA ARG A 527 -22.30 8.71 -18.80
C ARG A 527 -22.25 10.17 -18.48
N CYS A 528 -22.03 11.04 -19.47
CA CYS A 528 -21.87 12.49 -19.16
C CYS A 528 -20.54 12.91 -18.51
N LEU A 529 -19.45 12.25 -18.95
CA LEU A 529 -18.08 12.56 -18.48
C LEU A 529 -17.79 14.04 -18.60
N THR A 530 -17.02 14.55 -17.66
CA THR A 530 -17.02 15.99 -17.47
C THR A 530 -15.97 16.62 -18.34
N ARG A 531 -16.30 17.78 -18.90
CA ARG A 531 -15.41 18.47 -19.81
C ARG A 531 -15.49 19.94 -19.57
N TYR A 532 -14.48 20.63 -20.07
CA TYR A 532 -14.53 22.05 -19.98
C TYR A 532 -14.09 22.66 -21.31
N TYR A 533 -14.41 23.92 -21.51
CA TYR A 533 -13.84 24.65 -22.63
C TYR A 533 -13.17 26.00 -22.21
N SER A 534 -12.08 26.40 -22.87
CA SER A 534 -11.43 27.65 -22.51
C SER A 534 -11.26 28.57 -23.70
N SER A 535 -10.39 29.57 -23.53
CA SER A 535 -10.04 30.55 -24.57
C SER A 535 -8.59 30.45 -24.92
N PHE A 536 -8.24 29.61 -25.87
CA PHE A 536 -6.84 29.37 -26.14
C PHE A 536 -6.26 30.49 -27.00
N VAL A 537 -6.16 31.67 -26.42
CA VAL A 537 -5.43 32.77 -27.00
C VAL A 537 -3.94 32.50 -26.82
N ASN A 538 -3.64 31.72 -25.77
CA ASN A 538 -2.39 30.93 -25.62
C ASN A 538 -2.65 29.45 -25.18
N MET A 539 -2.93 29.30 -23.87
CA MET A 539 -3.50 28.09 -23.25
C MET A 539 -3.95 28.37 -21.81
N GLU A 540 -3.23 29.28 -21.15
CA GLU A 540 -3.46 29.51 -19.72
C GLU A 540 -3.73 30.96 -19.39
N ARG A 541 -3.03 31.84 -20.08
CA ARG A 541 -2.89 33.22 -19.61
C ARG A 541 -4.24 33.91 -19.45
N ASP A 542 -5.13 33.69 -20.41
CA ASP A 542 -6.43 34.33 -20.39
C ASP A 542 -7.25 33.63 -19.33
N LEU A 543 -7.35 32.30 -19.42
CA LEU A 543 -8.21 31.55 -18.51
C LEU A 543 -8.20 32.17 -17.13
N ALA A 544 -7.01 32.33 -16.58
CA ALA A 544 -6.84 32.88 -15.27
C ALA A 544 -7.70 34.14 -15.18
N SER A 545 -7.66 34.96 -16.23
CA SER A 545 -8.45 36.17 -16.31
C SER A 545 -9.90 35.93 -15.89
N GLY A 546 -10.54 34.88 -16.41
CA GLY A 546 -11.88 34.45 -15.96
C GLY A 546 -12.75 33.70 -16.96
N LEU A 547 -12.15 33.28 -18.06
CA LEU A 547 -12.90 32.66 -19.12
C LEU A 547 -12.84 31.14 -19.01
N ILE A 548 -13.99 30.54 -18.70
CA ILE A 548 -14.13 29.07 -18.55
C ILE A 548 -15.60 28.62 -18.44
N GLY A 549 -15.89 27.41 -18.91
CA GLY A 549 -17.21 26.80 -18.80
C GLY A 549 -17.15 25.29 -18.95
N PRO A 550 -18.28 24.61 -18.64
CA PRO A 550 -18.39 23.14 -18.59
C PRO A 550 -19.09 22.45 -19.78
N LEU A 551 -18.35 21.54 -20.41
CA LEU A 551 -18.87 20.78 -21.54
C LEU A 551 -19.14 19.32 -21.18
N LEU A 552 -20.39 18.90 -21.28
CA LEU A 552 -20.67 17.50 -20.97
C LEU A 552 -20.74 16.71 -22.23
N ILE A 553 -20.13 15.53 -22.22
CA ILE A 553 -20.22 14.64 -23.36
C ILE A 553 -20.95 13.42 -22.87
N CYS A 554 -21.93 12.90 -23.63
CA CYS A 554 -22.87 11.94 -23.03
C CYS A 554 -23.40 10.83 -23.94
N TYR A 555 -23.70 9.65 -23.38
CA TYR A 555 -24.38 8.59 -24.14
C TYR A 555 -25.89 8.40 -23.81
N ARG A 571 -28.06 18.72 -13.69
CA ARG A 571 -26.80 19.24 -14.21
C ARG A 571 -26.23 20.35 -13.29
N ASN A 572 -25.89 19.90 -12.08
CA ASN A 572 -25.10 20.63 -11.09
C ASN A 572 -23.64 20.41 -11.46
N VAL A 573 -22.93 21.51 -11.69
CA VAL A 573 -21.50 21.42 -11.98
C VAL A 573 -20.76 22.19 -10.90
N ILE A 574 -19.74 21.56 -10.32
CA ILE A 574 -18.81 22.27 -9.44
C ILE A 574 -17.36 22.30 -10.00
N LEU A 575 -16.96 23.44 -10.56
CA LEU A 575 -15.55 23.69 -10.90
C LEU A 575 -14.71 24.29 -9.76
N PHE A 576 -13.71 23.56 -9.29
CA PHE A 576 -12.76 24.22 -8.41
C PHE A 576 -11.82 24.88 -9.36
N SER A 577 -11.32 26.02 -8.94
CA SER A 577 -10.38 26.75 -9.76
C SER A 577 -9.62 27.70 -8.89
N VAL A 578 -8.51 28.19 -9.42
CA VAL A 578 -7.72 29.16 -8.73
C VAL A 578 -7.56 30.32 -9.70
N PHE A 579 -7.89 31.49 -9.21
CA PHE A 579 -7.77 32.64 -10.05
C PHE A 579 -6.57 33.46 -9.60
N ASP A 580 -5.52 33.43 -10.42
CA ASP A 580 -4.26 34.11 -10.13
C ASP A 580 -4.43 35.61 -10.02
N GLU A 581 -5.29 36.18 -10.86
CA GLU A 581 -5.53 37.61 -10.92
C GLU A 581 -4.29 38.31 -11.41
N ASN A 582 -3.14 37.90 -10.89
CA ASN A 582 -1.87 38.53 -11.18
C ASN A 582 -1.48 38.34 -12.63
N ARG A 583 -1.80 37.19 -13.20
CA ARG A 583 -1.51 36.96 -14.60
C ARG A 583 -2.72 37.34 -15.46
N SER A 584 -3.84 37.60 -14.80
CA SER A 584 -5.08 38.08 -15.45
C SER A 584 -4.81 39.28 -16.32
N TRP A 585 -5.51 39.35 -17.43
CA TRP A 585 -5.31 40.45 -18.34
C TRP A 585 -5.65 41.81 -17.67
N TYR A 586 -6.78 41.83 -16.99
CA TYR A 586 -7.28 43.03 -16.36
C TYR A 586 -6.69 43.11 -14.97
N LEU A 587 -5.39 43.35 -14.90
CA LEU A 587 -4.80 43.63 -13.60
C LEU A 587 -4.57 45.12 -13.49
N THR A 588 -4.01 45.69 -14.55
CA THR A 588 -3.80 47.13 -14.67
C THR A 588 -5.12 47.84 -14.39
N GLU A 589 -6.20 47.32 -14.99
CA GLU A 589 -7.55 47.87 -14.81
C GLU A 589 -8.12 47.61 -13.41
N ASN A 590 -7.51 46.67 -12.67
CA ASN A 590 -7.97 46.32 -11.34
C ASN A 590 -7.20 47.08 -10.27
N ILE A 591 -5.87 47.03 -10.37
CA ILE A 591 -4.97 47.79 -9.52
C ILE A 591 -5.42 49.26 -9.50
N GLN A 592 -5.66 49.81 -10.70
CA GLN A 592 -6.01 51.22 -10.86
C GLN A 592 -7.52 51.46 -10.79
N ARG A 593 -8.24 50.62 -10.04
CA ARG A 593 -9.66 50.85 -9.84
C ARG A 593 -10.06 50.71 -8.38
N PHE A 594 -9.30 49.93 -7.61
CA PHE A 594 -9.67 49.58 -6.23
C PHE A 594 -8.67 50.00 -5.15
N LEU A 595 -7.38 49.87 -5.48
CA LEU A 595 -6.27 50.21 -4.60
C LEU A 595 -6.26 51.71 -4.30
N PRO A 596 -5.83 52.12 -3.07
CA PRO A 596 -5.89 53.53 -2.67
C PRO A 596 -4.97 54.52 -3.40
N ASN A 597 -3.69 54.20 -3.58
CA ASN A 597 -2.81 55.00 -4.41
C ASN A 597 -3.02 54.70 -5.88
N PRO A 598 -3.00 55.73 -6.73
CA PRO A 598 -3.63 55.61 -8.06
C PRO A 598 -2.95 54.58 -8.93
N ALA A 599 -1.62 54.63 -8.97
CA ALA A 599 -0.84 53.80 -9.85
C ALA A 599 0.37 53.26 -9.13
N GLY A 600 1.16 54.16 -8.56
CA GLY A 600 2.40 53.79 -7.91
C GLY A 600 2.05 52.94 -6.72
N VAL A 601 2.68 51.78 -6.66
CA VAL A 601 2.46 50.85 -5.55
C VAL A 601 3.39 49.64 -5.69
N GLN A 602 3.39 48.73 -4.72
CA GLN A 602 4.29 47.59 -4.82
C GLN A 602 4.08 46.94 -6.15
N LEU A 603 5.15 46.90 -6.94
CA LEU A 603 5.10 46.38 -8.30
C LEU A 603 4.65 44.94 -8.20
N GLU A 604 5.37 44.19 -7.38
CA GLU A 604 4.98 42.86 -7.01
C GLU A 604 5.60 42.65 -5.64
N ASP A 605 4.98 41.76 -4.88
CA ASP A 605 5.48 41.40 -3.56
C ASP A 605 4.76 40.16 -3.04
N PRO A 606 5.48 39.34 -2.26
CA PRO A 606 4.84 38.28 -1.48
C PRO A 606 3.58 38.74 -0.72
N GLU A 607 3.71 39.81 0.06
CA GLU A 607 2.61 40.39 0.84
C GLU A 607 1.26 40.41 0.09
N PHE A 608 1.26 40.95 -1.13
CA PHE A 608 0.02 41.10 -1.90
C PHE A 608 -0.19 40.06 -3.00
N GLN A 609 0.90 39.41 -3.42
CA GLN A 609 0.87 38.53 -4.57
C GLN A 609 -0.24 37.52 -4.41
N ALA A 610 -0.05 36.62 -3.45
CA ALA A 610 -1.00 35.56 -3.17
C ALA A 610 -2.25 36.08 -2.46
N SER A 611 -2.30 37.39 -2.24
CA SER A 611 -3.44 38.03 -1.58
C SER A 611 -4.44 38.43 -2.62
N ASN A 612 -3.96 38.37 -3.86
CA ASN A 612 -4.80 38.52 -5.01
C ASN A 612 -4.82 37.23 -5.83
N ILE A 613 -4.71 36.07 -5.17
CA ILE A 613 -5.04 34.76 -5.78
C ILE A 613 -6.12 34.05 -4.98
N MET A 614 -7.36 34.14 -5.46
CA MET A 614 -8.49 33.64 -4.71
C MET A 614 -8.72 32.16 -5.04
N HIS A 615 -9.33 31.43 -4.13
CA HIS A 615 -9.36 29.98 -4.31
C HIS A 615 -10.68 29.35 -4.75
N SER A 616 -11.54 30.26 -5.21
CA SER A 616 -12.61 30.04 -6.17
C SER A 616 -13.89 29.37 -5.74
N ILE A 617 -13.83 28.07 -5.44
CA ILE A 617 -15.03 27.27 -5.13
C ILE A 617 -16.05 27.31 -6.27
N ASN A 618 -15.52 27.48 -7.46
CA ASN A 618 -16.35 27.89 -8.60
C ASN A 618 -16.43 29.44 -8.74
N GLY A 619 -15.33 30.10 -8.27
CA GLY A 619 -15.18 31.54 -8.48
C GLY A 619 -16.17 32.20 -7.58
N TYR A 620 -16.08 31.80 -6.33
CA TYR A 620 -17.01 32.23 -5.32
C TYR A 620 -16.47 32.47 -3.90
N VAL A 621 -15.28 31.95 -3.55
CA VAL A 621 -14.65 32.26 -2.25
C VAL A 621 -15.07 31.39 -1.09
N PHE A 622 -14.78 31.86 0.13
CA PHE A 622 -14.91 31.04 1.32
C PHE A 622 -16.31 30.46 1.53
N ASP A 623 -17.31 31.32 1.55
CA ASP A 623 -18.66 30.82 1.54
C ASP A 623 -19.53 31.48 0.52
N SER A 624 -20.24 30.66 -0.23
CA SER A 624 -21.07 31.15 -1.30
C SER A 624 -22.00 30.05 -1.68
N LEU A 625 -22.90 30.35 -2.61
CA LEU A 625 -23.69 29.32 -3.30
C LEU A 625 -24.78 28.72 -2.44
N GLN A 626 -24.40 28.06 -1.35
CA GLN A 626 -25.38 27.45 -0.44
C GLN A 626 -26.05 26.28 -1.16
N LEU A 627 -26.55 26.57 -2.36
CA LEU A 627 -27.06 25.57 -3.28
C LEU A 627 -28.42 25.06 -2.89
N SER A 628 -29.13 24.53 -3.88
CA SER A 628 -30.57 24.34 -3.75
C SER A 628 -30.95 22.90 -4.14
N VAL A 629 -30.66 21.98 -3.23
CA VAL A 629 -31.01 20.59 -3.48
C VAL A 629 -31.97 20.08 -2.43
N CYS A 630 -33.10 19.57 -2.90
CA CYS A 630 -34.12 19.03 -2.00
C CYS A 630 -33.87 17.55 -1.70
N LEU A 631 -34.13 17.16 -0.45
CA LEU A 631 -33.80 15.86 0.07
C LEU A 631 -34.29 14.71 -0.78
N HIS A 632 -33.46 13.68 -0.89
CA HIS A 632 -33.78 12.45 -1.64
C HIS A 632 -33.66 12.55 -3.16
N GLU A 633 -33.57 13.78 -3.67
CA GLU A 633 -33.27 14.02 -5.08
C GLU A 633 -31.89 13.43 -5.38
N VAL A 634 -31.83 12.47 -6.31
CA VAL A 634 -30.55 11.99 -6.79
C VAL A 634 -29.98 13.02 -7.76
N ALA A 635 -28.69 13.31 -7.65
CA ALA A 635 -28.06 14.24 -8.56
C ALA A 635 -26.97 13.56 -9.37
N TYR A 636 -26.59 14.21 -10.46
CA TYR A 636 -25.33 13.94 -11.08
C TYR A 636 -24.43 15.14 -10.83
N TRP A 637 -23.24 14.90 -10.29
CA TRP A 637 -22.37 15.98 -9.86
C TRP A 637 -21.11 16.03 -10.69
N TYR A 638 -21.17 16.78 -11.78
CA TYR A 638 -19.99 16.97 -12.65
C TYR A 638 -19.08 18.03 -12.08
N ILE A 639 -17.93 17.57 -11.57
CA ILE A 639 -17.02 18.47 -10.87
C ILE A 639 -15.67 18.46 -11.57
N LEU A 640 -14.91 19.56 -11.42
CA LEU A 640 -13.59 19.71 -12.04
C LEU A 640 -12.69 20.78 -11.40
N SER A 641 -11.39 20.48 -11.32
CA SER A 641 -10.43 21.51 -10.95
C SER A 641 -9.85 22.14 -12.20
N ILE A 642 -9.51 23.42 -12.06
CA ILE A 642 -8.66 24.18 -12.99
C ILE A 642 -7.77 25.17 -12.16
N GLY A 643 -7.20 26.19 -12.82
CA GLY A 643 -6.45 27.28 -12.19
C GLY A 643 -5.00 26.97 -11.86
N ALA A 644 -4.73 26.65 -10.60
CA ALA A 644 -3.40 26.25 -10.17
C ALA A 644 -3.52 24.78 -9.84
N GLN A 645 -2.35 24.14 -9.76
CA GLN A 645 -2.13 22.66 -9.71
C GLN A 645 -1.39 22.16 -8.47
N THR A 646 -1.31 20.82 -8.40
CA THR A 646 -1.14 19.97 -7.20
C THR A 646 -2.43 19.15 -7.11
N ASP A 647 -2.40 17.93 -6.58
CA ASP A 647 -3.59 17.08 -6.78
C ASP A 647 -4.81 17.74 -6.16
N PHE A 648 -5.97 17.15 -6.39
CA PHE A 648 -7.07 17.59 -5.58
C PHE A 648 -7.79 16.59 -4.66
N LEU A 649 -8.33 17.14 -3.58
CA LEU A 649 -8.97 16.36 -2.53
C LEU A 649 -10.31 17.02 -2.29
N SER A 650 -11.35 16.49 -2.89
CA SER A 650 -12.67 17.12 -2.86
C SER A 650 -13.68 16.17 -2.27
N VAL A 651 -14.47 16.67 -1.32
CA VAL A 651 -15.42 15.86 -0.55
C VAL A 651 -16.65 16.64 -0.15
N PHE A 652 -17.68 15.88 0.21
CA PHE A 652 -18.89 16.41 0.74
C PHE A 652 -19.04 16.04 2.23
N PHE A 653 -19.43 17.05 3.01
CA PHE A 653 -19.28 17.10 4.46
C PHE A 653 -20.55 17.83 4.95
N SER A 654 -21.69 17.12 5.00
CA SER A 654 -22.96 17.72 5.47
C SER A 654 -23.73 16.95 6.52
N GLY A 655 -25.01 17.26 6.68
CA GLY A 655 -25.89 16.55 7.61
C GLY A 655 -26.04 15.07 7.28
N TYR A 656 -25.37 14.65 6.21
CA TYR A 656 -25.15 13.25 5.87
C TYR A 656 -23.75 13.02 5.31
N THR A 657 -22.89 14.03 5.43
CA THR A 657 -21.50 13.95 4.99
C THR A 657 -21.54 13.72 3.50
N PHE A 658 -22.18 12.62 3.12
CA PHE A 658 -22.39 12.19 1.74
C PHE A 658 -21.36 11.18 1.24
N LYS A 659 -21.83 10.29 0.36
CA LYS A 659 -21.02 9.26 -0.27
C LYS A 659 -21.47 9.26 -1.68
N HIS A 660 -20.60 8.87 -2.59
CA HIS A 660 -20.97 8.94 -4.00
C HIS A 660 -20.31 7.78 -4.75
N LYS A 661 -20.75 7.52 -5.98
CA LYS A 661 -20.28 6.32 -6.71
C LYS A 661 -19.63 6.62 -8.06
N MET A 662 -18.34 6.27 -8.21
CA MET A 662 -17.69 6.32 -9.52
C MET A 662 -17.77 5.01 -10.25
N VAL A 663 -18.36 4.02 -9.57
CA VAL A 663 -18.46 2.64 -10.01
C VAL A 663 -18.73 1.83 -8.73
N TYR A 664 -17.74 1.81 -7.85
CA TYR A 664 -17.85 1.35 -6.48
C TYR A 664 -17.82 2.66 -5.76
N GLU A 665 -18.58 2.79 -4.67
CA GLU A 665 -18.76 4.09 -4.03
C GLU A 665 -17.58 4.54 -3.23
N ASP A 666 -17.13 5.75 -3.54
CA ASP A 666 -15.99 6.31 -2.86
C ASP A 666 -16.55 7.33 -1.93
N THR A 667 -15.80 7.61 -0.88
CA THR A 667 -16.35 8.31 0.26
C THR A 667 -15.84 9.73 0.35
N LEU A 668 -15.40 10.11 1.55
CA LEU A 668 -14.97 11.44 1.89
C LEU A 668 -13.69 11.61 1.12
N THR A 669 -13.87 11.48 -0.19
CA THR A 669 -12.81 11.51 -1.16
C THR A 669 -13.28 11.60 -2.61
N LEU A 670 -12.68 12.55 -3.33
CA LEU A 670 -12.49 12.49 -4.78
C LEU A 670 -11.22 13.26 -5.10
N PHE A 671 -10.59 12.92 -6.21
CA PHE A 671 -9.25 13.38 -6.51
C PHE A 671 -9.06 13.87 -7.96
N PRO A 672 -9.73 14.99 -8.36
CA PRO A 672 -9.43 15.59 -9.68
C PRO A 672 -7.98 16.08 -9.76
N PHE A 673 -7.30 15.61 -10.80
CA PHE A 673 -5.88 15.79 -10.94
C PHE A 673 -5.43 17.22 -11.22
N SER A 674 -6.41 18.10 -11.49
CA SER A 674 -6.12 19.50 -11.72
C SER A 674 -5.81 19.69 -13.18
N GLY A 675 -6.38 20.75 -13.77
CA GLY A 675 -6.42 20.94 -15.22
C GLY A 675 -7.08 19.68 -15.76
N GLU A 676 -7.98 19.09 -14.94
CA GLU A 676 -8.53 17.77 -15.17
C GLU A 676 -9.89 17.64 -14.51
N THR A 677 -10.65 16.62 -14.94
CA THR A 677 -12.02 16.40 -14.44
C THR A 677 -12.72 15.01 -14.70
N VAL A 678 -13.48 14.56 -13.70
CA VAL A 678 -14.35 13.35 -13.75
C VAL A 678 -15.63 13.68 -12.89
N PHE A 679 -16.73 12.94 -13.09
CA PHE A 679 -18.07 13.29 -12.56
C PHE A 679 -18.73 12.14 -11.78
N MET A 680 -19.78 12.48 -11.02
CA MET A 680 -20.20 11.74 -9.84
C MET A 680 -21.71 11.62 -9.65
N SER A 681 -22.21 10.40 -9.36
CA SER A 681 -23.62 10.16 -8.88
C SER A 681 -23.63 10.13 -7.36
N MET A 682 -24.69 10.68 -6.81
CA MET A 682 -24.76 10.97 -5.44
C MET A 682 -26.21 10.94 -5.08
N GLU A 683 -26.61 9.88 -4.40
CA GLU A 683 -27.91 9.78 -3.75
C GLU A 683 -27.92 10.87 -2.68
N ASN A 684 -29.02 11.60 -2.55
CA ASN A 684 -28.97 12.73 -1.62
C ASN A 684 -29.67 12.57 -0.24
N PRO A 685 -30.01 11.30 0.20
CA PRO A 685 -30.75 11.18 1.46
C PRO A 685 -29.88 11.64 2.63
N GLY A 686 -29.25 12.79 2.46
CA GLY A 686 -28.35 13.36 3.42
C GLY A 686 -29.01 14.29 4.39
N LEU A 687 -28.34 15.44 4.59
CA LEU A 687 -28.89 16.58 5.33
C LEU A 687 -28.11 17.89 5.24
N TRP A 688 -28.59 18.93 5.92
CA TRP A 688 -28.20 20.32 5.62
C TRP A 688 -26.86 20.81 6.18
N ILE A 689 -26.35 21.88 5.56
CA ILE A 689 -25.08 22.56 5.85
C ILE A 689 -23.86 21.69 5.58
N LEU A 690 -23.14 22.07 4.54
CA LEU A 690 -22.13 21.20 3.96
C LEU A 690 -20.79 21.87 3.72
N GLY A 691 -19.76 21.49 4.49
CA GLY A 691 -18.39 21.77 4.05
C GLY A 691 -18.22 21.10 2.67
N CYS A 692 -17.94 21.90 1.65
CA CYS A 692 -17.66 21.34 0.33
C CYS A 692 -16.20 21.54 -0.07
N HIS A 693 -15.48 20.42 -0.22
CA HIS A 693 -14.03 20.34 -0.05
C HIS A 693 -13.13 20.92 -1.13
N ASN A 694 -12.37 21.97 -0.77
CA ASN A 694 -11.03 22.21 -1.38
C ASN A 694 -10.08 21.27 -0.53
N SER A 695 -10.49 20.90 0.69
CA SER A 695 -9.90 19.80 1.53
C SER A 695 -8.40 19.78 1.88
N ASP A 696 -7.60 20.40 1.04
CA ASP A 696 -6.17 20.24 1.14
C ASP A 696 -5.46 21.52 1.62
N PHE A 697 -4.58 21.34 2.61
CA PHE A 697 -3.61 22.35 3.04
C PHE A 697 -4.23 23.75 3.32
N ARG A 698 -3.56 24.84 2.91
CA ARG A 698 -4.11 26.16 3.12
C ARG A 698 -5.28 26.25 2.21
N ASN A 699 -5.17 25.60 1.04
CA ASN A 699 -6.33 25.38 0.16
C ASN A 699 -7.63 25.30 0.99
N ARG A 700 -7.61 24.54 2.08
CA ARG A 700 -8.74 24.43 2.98
C ARG A 700 -9.04 25.74 3.75
N GLY A 701 -8.03 26.25 4.45
CA GLY A 701 -8.10 27.51 5.19
C GLY A 701 -8.37 28.67 4.28
N MET A 702 -7.73 28.69 3.12
CA MET A 702 -7.85 29.79 2.14
C MET A 702 -9.14 29.85 1.32
N THR A 703 -9.64 28.72 0.84
CA THR A 703 -10.92 28.71 0.08
C THR A 703 -11.48 27.35 -0.18
N ALA A 704 -12.58 27.04 0.47
CA ALA A 704 -13.19 25.77 0.23
C ALA A 704 -14.67 25.89 0.32
N LEU A 705 -15.10 26.17 1.53
CA LEU A 705 -16.47 26.00 2.03
C LEU A 705 -17.59 25.75 1.01
N LEU A 706 -18.69 26.50 1.10
CA LEU A 706 -19.97 26.18 0.45
C LEU A 706 -20.91 25.38 1.35
N LYS A 707 -22.09 25.04 0.86
CA LYS A 707 -23.10 24.36 1.69
C LYS A 707 -24.01 23.43 0.89
N VAL A 708 -24.93 22.76 1.58
CA VAL A 708 -26.02 22.00 0.95
C VAL A 708 -27.31 22.11 1.80
N SER A 709 -28.42 21.69 1.20
CA SER A 709 -29.76 21.85 1.76
C SER A 709 -30.49 20.52 2.08
N SER A 710 -31.70 20.65 2.65
CA SER A 710 -32.61 19.49 2.79
C SER A 710 -34.11 19.81 2.75
N CYS A 711 -34.46 20.75 1.86
CA CYS A 711 -35.84 21.14 1.58
C CYS A 711 -36.66 20.06 0.90
N ASP A 712 -37.98 20.26 0.93
CA ASP A 712 -38.89 19.33 0.29
C ASP A 712 -40.31 19.87 0.18
N LYS A 713 -41.11 19.25 -0.70
CA LYS A 713 -42.58 19.45 -0.85
C LYS A 713 -43.06 20.18 -2.10
N ASN A 714 -42.14 20.51 -3.00
CA ASN A 714 -42.50 21.17 -4.26
C ASN A 714 -42.49 20.17 -5.42
N THR A 715 -43.55 20.16 -6.22
CA THR A 715 -43.67 19.17 -7.28
C THR A 715 -44.21 19.76 -8.59
N GLY A 716 -43.90 19.11 -9.71
CA GLY A 716 -44.33 19.56 -11.01
C GLY A 716 -44.68 18.44 -11.96
N LYS B 1 -30.81 -7.33 15.35
CA LYS B 1 -30.01 -6.36 14.57
C LYS B 1 -29.34 -5.30 15.47
N THR B 2 -28.29 -4.65 14.97
CA THR B 2 -27.59 -3.51 15.64
C THR B 2 -26.31 -3.87 16.43
N ARG B 3 -25.41 -2.89 16.54
CA ARG B 3 -24.13 -3.01 17.22
C ARG B 3 -23.79 -1.71 17.86
N HIS B 4 -23.29 -1.79 19.08
CA HIS B 4 -22.82 -0.60 19.75
C HIS B 4 -21.33 -0.77 19.99
N TYR B 5 -20.65 0.37 20.00
CA TYR B 5 -19.24 0.41 20.36
C TYR B 5 -19.01 1.50 21.37
N PHE B 6 -18.16 1.22 22.34
CA PHE B 6 -17.84 2.18 23.38
C PHE B 6 -16.41 2.70 23.20
N ILE B 7 -16.32 3.90 22.64
CA ILE B 7 -15.08 4.44 22.09
C ILE B 7 -14.80 5.82 22.66
N ALA B 8 -13.52 6.18 22.74
CA ALA B 8 -13.13 7.44 23.39
C ALA B 8 -11.75 7.94 23.01
N ALA B 9 -11.55 9.25 23.14
CA ALA B 9 -10.31 9.88 22.77
C ALA B 9 -9.43 10.09 23.98
N VAL B 10 -8.25 9.47 23.92
CA VAL B 10 -7.26 9.54 25.00
C VAL B 10 -6.06 10.36 24.53
N GLU B 11 -5.40 11.02 25.49
CA GLU B 11 -4.11 11.67 25.28
C GLU B 11 -3.03 10.81 25.95
N ARG B 12 -2.00 10.47 25.17
CA ARG B 12 -1.01 9.46 25.57
C ARG B 12 0.32 9.69 24.84
N LEU B 13 1.35 8.92 25.19
CA LEU B 13 2.72 9.17 24.71
C LEU B 13 3.18 8.18 23.64
N TRP B 14 3.90 8.70 22.64
CA TRP B 14 4.32 7.88 21.50
C TRP B 14 5.80 7.79 21.28
N ASP B 15 6.29 6.56 21.17
CA ASP B 15 7.71 6.31 21.01
C ASP B 15 7.97 5.22 19.97
N TYR B 16 9.21 5.11 19.53
CA TYR B 16 9.59 4.05 18.60
C TYR B 16 10.87 3.34 19.04
N GLY B 17 12.01 3.84 18.57
CA GLY B 17 13.30 3.31 18.99
C GLY B 17 13.62 1.90 18.53
N MET B 18 14.28 1.13 19.40
CA MET B 18 14.86 -0.21 19.12
C MET B 18 16.20 -0.15 18.36
N SER B 19 16.68 1.06 18.11
CA SER B 19 17.89 1.27 17.32
C SER B 19 19.10 0.55 17.93
N SER B 33 19.33 9.62 23.55
CA SER B 33 18.15 10.50 23.59
C SER B 33 16.93 9.83 22.94
N VAL B 34 15.82 9.84 23.66
CA VAL B 34 14.58 9.22 23.19
C VAL B 34 13.50 10.28 22.95
N PRO B 35 12.90 10.29 21.76
CA PRO B 35 11.88 11.30 21.50
C PRO B 35 10.52 10.89 22.06
N GLN B 36 9.99 11.66 23.02
CA GLN B 36 8.68 11.33 23.57
C GLN B 36 7.59 12.33 23.16
N PHE B 37 6.57 11.86 22.44
CA PHE B 37 5.49 12.70 21.90
C PHE B 37 4.11 12.38 22.48
N LYS B 38 3.31 13.43 22.67
CA LYS B 38 1.94 13.34 23.22
C LYS B 38 0.87 13.59 22.15
N LYS B 39 0.56 12.54 21.40
CA LYS B 39 -0.53 12.56 20.43
C LYS B 39 -1.81 12.04 21.12
N VAL B 40 -2.96 12.18 20.48
CA VAL B 40 -4.26 11.75 21.07
C VAL B 40 -4.99 10.69 20.23
N VAL B 41 -5.22 9.51 20.78
CA VAL B 41 -5.80 8.42 19.97
C VAL B 41 -7.16 7.94 20.47
N PHE B 42 -7.64 6.83 19.90
CA PHE B 42 -8.95 6.25 20.18
C PHE B 42 -8.81 4.85 20.82
N GLN B 43 -9.60 4.56 21.86
CA GLN B 43 -9.66 3.23 22.55
C GLN B 43 -11.08 2.82 22.97
N GLU B 44 -11.31 1.52 23.16
CA GLU B 44 -12.64 1.02 23.51
C GLU B 44 -12.70 0.11 24.75
N PHE B 45 -13.71 0.34 25.57
CA PHE B 45 -13.79 -0.27 26.90
C PHE B 45 -15.22 -0.55 27.37
N THR B 46 -15.43 -1.24 28.47
CA THR B 46 -16.79 -1.67 28.80
C THR B 46 -17.76 -0.51 28.84
N ASP B 47 -17.37 0.61 29.46
CA ASP B 47 -18.15 1.86 29.74
C ASP B 47 -17.87 2.42 31.10
N GLY B 48 -17.26 1.58 31.93
CA GLY B 48 -16.54 2.06 33.09
C GLY B 48 -15.57 3.06 32.51
N SER B 49 -15.69 4.28 32.97
CA SER B 49 -15.02 5.37 32.33
C SER B 49 -13.50 5.22 32.17
N PHE B 50 -12.79 4.90 33.25
CA PHE B 50 -11.32 5.02 33.25
C PHE B 50 -10.53 3.85 33.77
N THR B 51 -10.56 3.70 35.09
CA THR B 51 -9.73 2.73 35.78
C THR B 51 -10.01 1.38 35.13
N GLN B 52 -11.29 1.11 34.89
CA GLN B 52 -11.72 0.05 33.99
C GLN B 52 -12.84 0.59 33.11
N PRO B 53 -13.01 -0.01 31.89
CA PRO B 53 -11.96 -0.90 31.40
C PRO B 53 -11.51 -0.50 30.04
N LEU B 54 -10.24 -0.19 29.88
CA LEU B 54 -9.73 0.25 28.59
C LEU B 54 -8.73 -0.77 28.08
N TYR B 55 -9.24 -1.90 27.59
CA TYR B 55 -8.33 -2.97 27.11
C TYR B 55 -8.61 -3.61 25.75
N ARG B 56 -7.52 -3.84 25.03
CA ARG B 56 -7.52 -4.42 23.72
C ARG B 56 -6.16 -5.02 23.62
N GLY B 57 -5.98 -5.99 22.74
CA GLY B 57 -4.67 -6.56 22.62
C GLY B 57 -4.61 -7.82 21.82
N GLU B 58 -3.44 -8.43 21.86
CA GLU B 58 -3.10 -9.56 21.01
C GLU B 58 -3.24 -9.18 19.56
N LEU B 59 -3.88 -10.04 18.79
CA LEU B 59 -3.98 -9.85 17.34
C LEU B 59 -4.08 -8.37 16.87
N ASN B 60 -4.79 -7.54 17.62
CA ASN B 60 -5.05 -6.18 17.16
C ASN B 60 -3.89 -5.21 17.25
N GLU B 61 -2.69 -5.71 17.56
CA GLU B 61 -1.57 -4.82 17.80
C GLU B 61 -1.52 -3.89 16.64
N HIS B 62 -1.69 -4.46 15.47
CA HIS B 62 -1.36 -3.80 14.22
C HIS B 62 -1.92 -2.38 14.04
N LEU B 63 -3.04 -2.09 14.69
CA LEU B 63 -3.64 -0.76 14.56
C LEU B 63 -2.69 0.25 15.13
N GLY B 64 -2.16 -0.10 16.30
CA GLY B 64 -1.19 0.74 16.97
C GLY B 64 -1.91 2.01 17.33
N LEU B 65 -1.56 3.08 16.62
CA LEU B 65 -2.11 4.41 16.89
C LEU B 65 -3.52 4.40 16.52
N LEU B 66 -3.85 3.63 15.50
CA LEU B 66 -5.21 3.58 15.01
C LEU B 66 -6.25 3.24 16.06
N GLY B 67 -7.41 3.89 15.96
CA GLY B 67 -8.54 3.59 16.82
C GLY B 67 -9.06 2.22 16.49
N PRO B 68 -9.97 1.67 17.30
CA PRO B 68 -10.26 0.29 17.03
C PRO B 68 -11.24 0.11 15.90
N TYR B 69 -11.30 -1.14 15.41
CA TYR B 69 -12.15 -1.57 14.32
C TYR B 69 -13.61 -1.43 14.67
N ILE B 70 -14.27 -0.49 14.02
CA ILE B 70 -15.68 -0.32 14.22
C ILE B 70 -16.33 -0.98 13.02
N ARG B 71 -16.65 -2.26 13.20
CA ARG B 71 -17.19 -3.08 12.11
C ARG B 71 -18.68 -3.25 12.28
N ALA B 72 -19.41 -2.97 11.20
CA ALA B 72 -20.84 -3.20 11.17
C ALA B 72 -21.19 -3.96 9.90
N GLU B 73 -22.47 -4.33 9.77
CA GLU B 73 -22.98 -5.06 8.63
C GLU B 73 -23.83 -4.11 7.77
N VAL B 74 -24.28 -4.59 6.61
CA VAL B 74 -25.31 -3.88 5.85
C VAL B 74 -26.59 -3.99 6.65
N GLU B 75 -27.34 -2.89 6.70
CA GLU B 75 -28.65 -2.83 7.38
C GLU B 75 -28.56 -2.25 8.78
N ASP B 76 -27.87 -2.97 9.65
CA ASP B 76 -27.82 -2.71 11.10
C ASP B 76 -27.25 -1.34 11.44
N ASN B 77 -27.20 -1.01 12.73
CA ASN B 77 -26.81 0.31 13.16
C ASN B 77 -25.47 0.35 13.88
N ILE B 78 -24.76 1.45 13.68
CA ILE B 78 -23.63 1.75 14.52
C ILE B 78 -24.17 2.74 15.53
N MET B 79 -24.08 2.37 16.81
CA MET B 79 -24.20 3.32 17.92
C MET B 79 -22.77 3.47 18.42
N VAL B 80 -22.36 4.72 18.60
CA VAL B 80 -21.01 4.98 19.02
C VAL B 80 -21.00 6.10 20.04
N THR B 81 -20.96 5.65 21.30
CA THR B 81 -20.73 6.51 22.44
C THR B 81 -19.31 7.07 22.33
N PHE B 82 -19.13 8.33 22.71
CA PHE B 82 -17.82 8.98 22.61
C PHE B 82 -17.51 9.94 23.77
N ARG B 83 -16.33 9.77 24.38
CA ARG B 83 -15.89 10.52 25.57
C ARG B 83 -14.55 11.19 25.27
N ASN B 84 -14.50 12.51 25.29
CA ASN B 84 -13.22 13.19 25.06
C ASN B 84 -12.48 13.36 26.36
N GLN B 85 -11.17 13.11 26.33
CA GLN B 85 -10.34 13.30 27.51
C GLN B 85 -9.01 13.96 27.15
N ALA B 86 -9.10 15.20 26.68
CA ALA B 86 -7.95 16.04 26.35
C ALA B 86 -8.38 17.50 26.39
N SER B 87 -7.43 18.42 26.36
CA SER B 87 -7.73 19.85 26.52
C SER B 87 -8.64 20.49 25.46
N ARG B 88 -8.40 20.19 24.18
CA ARG B 88 -9.19 20.80 23.12
C ARG B 88 -10.25 19.86 22.54
N PRO B 89 -11.51 20.29 22.62
CA PRO B 89 -12.64 19.48 22.17
C PRO B 89 -12.43 18.83 20.81
N TYR B 90 -12.87 17.58 20.68
CA TYR B 90 -12.80 16.88 19.41
C TYR B 90 -14.15 16.31 19.01
N SER B 91 -14.17 15.48 17.96
CA SER B 91 -15.40 14.84 17.50
C SER B 91 -15.20 13.57 16.67
N PHE B 92 -15.95 12.53 17.02
CA PHE B 92 -16.02 11.33 16.21
C PHE B 92 -16.93 11.66 15.04
N TYR B 93 -16.32 11.72 13.86
CA TYR B 93 -17.05 11.85 12.59
C TYR B 93 -16.51 10.93 11.50
N SER B 94 -17.43 10.38 10.74
CA SER B 94 -17.13 9.66 9.52
C SER B 94 -18.12 10.09 8.47
N SER B 95 -17.96 9.50 7.29
CA SER B 95 -18.80 9.80 6.18
C SER B 95 -20.21 9.41 6.46
N LEU B 96 -20.39 8.40 7.27
CA LEU B 96 -21.70 7.81 7.42
C LEU B 96 -22.44 8.28 8.67
N ILE B 97 -21.95 9.34 9.29
CA ILE B 97 -22.56 9.85 10.50
C ILE B 97 -23.77 10.52 10.00
N SER B 98 -24.76 9.72 9.68
CA SER B 98 -25.61 10.14 8.63
C SER B 98 -26.95 10.64 9.08
N TYR B 99 -27.94 9.76 9.20
CA TYR B 99 -29.31 10.21 9.34
C TYR B 99 -29.39 11.10 10.56
N GLU B 100 -29.93 12.29 10.33
CA GLU B 100 -30.11 13.25 11.39
C GLU B 100 -31.29 14.06 10.91
N GLU B 101 -32.46 13.44 10.96
CA GLU B 101 -33.65 13.90 10.24
C GLU B 101 -34.04 15.39 10.42
N ASP B 102 -33.84 15.91 11.63
CA ASP B 102 -34.00 17.35 11.92
C ASP B 102 -35.43 17.76 12.09
N GLN B 103 -35.64 18.83 12.86
CA GLN B 103 -36.96 19.39 13.02
C GLN B 103 -36.95 20.87 13.40
N ARG B 104 -36.52 21.74 12.49
CA ARG B 104 -36.45 23.16 12.83
C ARG B 104 -35.31 23.41 13.83
N GLN B 105 -34.47 22.38 14.02
CA GLN B 105 -33.33 22.47 14.94
C GLN B 105 -31.96 22.57 14.30
N GLY B 106 -31.89 22.44 12.97
CA GLY B 106 -30.61 22.35 12.32
C GLY B 106 -30.14 20.90 12.28
N ALA B 107 -28.98 20.66 11.65
CA ALA B 107 -28.40 19.29 11.57
C ALA B 107 -26.89 19.20 11.76
N GLU B 108 -26.14 19.75 10.81
CA GLU B 108 -24.69 19.58 10.74
C GLU B 108 -23.91 20.23 11.89
N PRO B 109 -24.25 21.52 12.26
CA PRO B 109 -23.40 22.10 13.31
C PRO B 109 -23.98 21.90 14.71
N ARG B 110 -25.06 21.14 14.79
CA ARG B 110 -25.85 21.03 16.01
C ARG B 110 -25.33 19.95 16.96
N LYS B 111 -24.55 19.02 16.41
CA LYS B 111 -23.86 17.97 17.15
C LYS B 111 -22.39 17.95 16.76
N ASN B 112 -21.91 19.10 16.28
CA ASN B 112 -20.64 19.19 15.61
C ASN B 112 -19.49 18.65 16.44
N PHE B 113 -19.36 19.12 17.68
CA PHE B 113 -18.17 18.78 18.47
C PHE B 113 -18.41 18.54 19.95
N VAL B 114 -17.43 17.87 20.57
CA VAL B 114 -17.52 17.55 21.98
C VAL B 114 -16.38 18.14 22.79
N LYS B 115 -16.76 18.91 23.81
CA LYS B 115 -15.86 19.50 24.82
C LYS B 115 -15.21 18.40 25.67
N PRO B 116 -14.00 18.65 26.24
CA PRO B 116 -13.41 17.66 27.13
C PRO B 116 -14.39 17.18 28.19
N ASN B 117 -14.31 15.91 28.53
CA ASN B 117 -15.22 15.25 29.49
C ASN B 117 -16.67 15.08 29.04
N GLU B 118 -17.15 16.00 28.19
CA GLU B 118 -18.46 15.84 27.51
C GLU B 118 -18.52 14.47 26.82
N THR B 119 -19.74 14.00 26.58
CA THR B 119 -19.93 12.62 26.16
C THR B 119 -21.11 12.50 25.18
N LYS B 120 -20.82 12.14 23.94
CA LYS B 120 -21.88 11.98 22.95
C LYS B 120 -21.87 10.67 22.20
N THR B 121 -23.10 10.26 21.87
CA THR B 121 -23.41 9.07 21.13
C THR B 121 -23.83 9.42 19.70
N TYR B 122 -23.15 8.86 18.71
CA TYR B 122 -23.65 8.95 17.35
C TYR B 122 -24.28 7.61 17.01
N PHE B 123 -25.35 7.63 16.23
CA PHE B 123 -26.12 6.44 15.92
C PHE B 123 -26.85 6.67 14.60
N TRP B 124 -26.61 5.78 13.63
CA TRP B 124 -27.17 5.90 12.27
C TRP B 124 -27.55 4.56 11.69
N LYS B 125 -28.23 4.59 10.55
CA LYS B 125 -28.61 3.37 9.86
C LYS B 125 -27.59 3.09 8.78
N VAL B 126 -26.96 1.92 8.81
CA VAL B 126 -25.89 1.61 7.84
C VAL B 126 -26.50 1.23 6.53
N GLN B 127 -26.82 2.26 5.76
CA GLN B 127 -27.53 2.13 4.49
C GLN B 127 -26.74 1.35 3.47
N HIS B 128 -27.43 0.91 2.40
CA HIS B 128 -26.76 0.28 1.26
C HIS B 128 -25.67 1.16 0.65
N HIS B 129 -25.94 2.46 0.52
CA HIS B 129 -24.97 3.39 -0.09
C HIS B 129 -23.67 3.60 0.73
N MET B 130 -23.53 2.75 1.73
CA MET B 130 -22.42 2.80 2.65
C MET B 130 -21.79 1.43 2.65
N ALA B 131 -21.93 0.72 1.53
CA ALA B 131 -21.71 -0.71 1.55
C ALA B 131 -20.83 -1.23 0.43
N PRO B 132 -20.32 -2.47 0.62
CA PRO B 132 -19.76 -3.14 -0.54
C PRO B 132 -20.82 -3.52 -1.52
N THR B 133 -20.47 -3.52 -2.79
CA THR B 133 -21.39 -3.86 -3.88
C THR B 133 -21.40 -5.35 -4.17
N LYS B 134 -22.18 -5.74 -5.18
CA LYS B 134 -22.12 -7.07 -5.77
C LYS B 134 -20.70 -7.24 -6.28
N ASP B 135 -20.17 -6.17 -6.89
CA ASP B 135 -18.76 -6.07 -7.16
C ASP B 135 -18.07 -6.19 -5.80
N GLU B 136 -17.09 -7.04 -5.75
CA GLU B 136 -16.90 -7.78 -4.54
C GLU B 136 -16.22 -7.10 -3.35
N PHE B 137 -15.77 -8.02 -2.47
CA PHE B 137 -15.10 -7.82 -1.20
C PHE B 137 -16.12 -7.73 -0.11
N ASP B 138 -16.00 -8.63 0.83
CA ASP B 138 -17.04 -8.87 1.82
C ASP B 138 -17.11 -7.69 2.77
N CYS B 139 -16.14 -6.79 2.67
CA CYS B 139 -16.15 -5.60 3.49
C CYS B 139 -15.54 -4.43 2.72
N LYS B 140 -15.97 -3.20 3.07
CA LYS B 140 -15.38 -1.96 2.53
C LYS B 140 -14.35 -1.43 3.52
N ALA B 141 -13.98 -0.15 3.45
CA ALA B 141 -13.13 0.38 4.48
C ALA B 141 -13.12 1.87 4.64
N TRP B 142 -14.26 2.49 4.93
CA TRP B 142 -14.28 3.93 5.20
C TRP B 142 -13.39 4.35 6.39
N ALA B 143 -13.36 5.65 6.68
CA ALA B 143 -12.57 6.18 7.82
C ALA B 143 -13.24 7.22 8.68
N TYR B 144 -12.94 7.13 9.97
CA TYR B 144 -13.32 8.15 10.92
C TYR B 144 -12.13 9.01 11.39
N PHE B 145 -12.45 10.31 11.40
CA PHE B 145 -11.57 11.38 11.85
C PHE B 145 -12.26 12.21 12.90
N SER B 146 -11.52 13.15 13.48
CA SER B 146 -12.16 14.22 14.18
C SER B 146 -12.13 15.41 13.27
N ASP B 147 -13.33 15.89 12.94
CA ASP B 147 -13.54 17.22 12.35
C ASP B 147 -13.42 18.23 13.46
N VAL B 148 -13.56 19.51 13.11
CA VAL B 148 -13.38 20.64 14.03
C VAL B 148 -12.09 21.28 13.56
N ASP B 149 -11.02 20.50 13.60
CA ASP B 149 -9.85 20.76 12.79
C ASP B 149 -9.73 19.55 11.92
N LEU B 150 -9.80 19.76 10.61
CA LEU B 150 -9.73 18.66 9.66
C LEU B 150 -8.29 18.12 9.61
N GLU B 151 -7.33 19.02 9.86
CA GLU B 151 -5.91 18.73 9.70
C GLU B 151 -5.21 18.72 11.04
N LYS B 152 -5.41 19.78 11.84
CA LYS B 152 -4.66 19.93 13.09
C LYS B 152 -4.80 18.72 13.99
N ASP B 153 -5.97 18.53 14.57
CA ASP B 153 -6.15 17.42 15.49
C ASP B 153 -5.79 16.11 14.81
N VAL B 154 -6.28 15.89 13.62
CA VAL B 154 -6.03 14.63 12.99
C VAL B 154 -4.55 14.30 12.96
N HIS B 155 -3.72 15.24 12.54
CA HIS B 155 -2.29 14.99 12.46
C HIS B 155 -1.77 14.56 13.85
N SER B 156 -2.12 15.35 14.85
CA SER B 156 -1.65 15.15 16.22
C SER B 156 -2.05 13.79 16.74
N GLY B 157 -3.32 13.44 16.57
CA GLY B 157 -3.88 12.40 17.39
C GLY B 157 -4.49 11.15 16.80
N LEU B 158 -5.55 11.30 16.02
CA LEU B 158 -6.47 10.20 15.85
C LEU B 158 -6.82 9.89 14.41
N ILE B 159 -7.26 8.65 14.21
CA ILE B 159 -7.76 8.18 12.95
C ILE B 159 -8.36 6.83 13.26
N GLY B 160 -9.52 6.57 12.67
CA GLY B 160 -10.20 5.31 12.91
C GLY B 160 -10.70 4.61 11.67
N PRO B 161 -10.62 3.27 11.65
CA PRO B 161 -10.98 2.51 10.48
C PRO B 161 -12.33 1.83 10.66
N LEU B 162 -13.29 2.26 9.86
CA LEU B 162 -14.65 1.72 9.88
C LEU B 162 -14.79 0.78 8.72
N LEU B 163 -15.48 -0.33 8.91
CA LEU B 163 -15.66 -1.25 7.80
C LEU B 163 -16.99 -1.98 7.86
N VAL B 164 -17.74 -1.84 6.78
CA VAL B 164 -19.06 -2.44 6.64
C VAL B 164 -19.02 -3.59 5.63
N CYS B 165 -19.77 -4.65 5.89
CA CYS B 165 -19.72 -5.89 5.14
C CYS B 165 -21.14 -6.37 4.82
N HIS B 166 -21.34 -7.19 3.77
CA HIS B 166 -22.73 -7.59 3.34
C HIS B 166 -23.44 -8.74 4.08
N THR B 167 -24.51 -8.41 4.83
CA THR B 167 -25.40 -9.42 5.43
C THR B 167 -24.66 -10.44 6.33
N ASN B 168 -24.87 -11.75 6.11
CA ASN B 168 -24.31 -12.80 6.97
C ASN B 168 -22.83 -12.87 6.71
N THR B 169 -22.14 -11.90 7.27
CA THR B 169 -20.77 -11.70 6.89
C THR B 169 -19.83 -11.79 8.03
N LEU B 170 -20.12 -11.08 9.10
CA LEU B 170 -19.20 -11.11 10.20
C LEU B 170 -19.85 -11.71 11.42
N ASN B 171 -19.03 -12.45 12.16
CA ASN B 171 -19.51 -13.52 13.03
C ASN B 171 -20.42 -13.11 14.18
N PRO B 172 -21.50 -13.88 14.41
CA PRO B 172 -22.40 -13.66 15.52
C PRO B 172 -21.69 -13.64 16.86
N ALA B 173 -21.98 -12.61 17.66
CA ALA B 173 -21.51 -12.52 19.04
C ALA B 173 -20.01 -12.45 19.01
N HIS B 174 -19.44 -13.41 18.28
CA HIS B 174 -18.02 -13.58 18.22
C HIS B 174 -17.41 -12.65 17.20
N GLY B 175 -16.66 -11.64 17.69
CA GLY B 175 -15.79 -10.82 16.87
C GLY B 175 -16.37 -10.28 15.58
N ARG B 176 -15.63 -10.44 14.49
CA ARG B 176 -16.05 -10.00 13.16
C ARG B 176 -15.31 -10.82 12.11
N GLN B 177 -15.99 -11.13 11.02
CA GLN B 177 -15.44 -11.96 9.95
C GLN B 177 -14.94 -13.34 10.43
N VAL B 178 -13.66 -13.67 10.19
CA VAL B 178 -13.00 -14.96 10.53
C VAL B 178 -12.80 -15.94 9.38
N THR B 179 -13.60 -15.83 8.33
CA THR B 179 -13.34 -16.59 7.13
C THR B 179 -11.91 -16.28 6.72
N VAL B 180 -11.52 -15.02 6.94
CA VAL B 180 -10.34 -14.37 6.37
C VAL B 180 -9.70 -13.41 7.40
N GLN B 181 -8.42 -13.09 7.24
CA GLN B 181 -7.75 -12.20 8.20
C GLN B 181 -7.78 -10.77 7.73
N GLU B 182 -8.02 -9.84 8.65
CA GLU B 182 -8.12 -8.41 8.29
C GLU B 182 -6.92 -7.57 8.83
N PHE B 183 -6.47 -6.58 8.03
CA PHE B 183 -5.41 -5.64 8.44
C PHE B 183 -5.59 -4.23 7.92
N ALA B 184 -5.60 -3.27 8.82
CA ALA B 184 -5.65 -1.89 8.40
C ALA B 184 -4.31 -1.14 8.56
N LEU B 185 -3.45 -1.30 7.59
CA LEU B 185 -2.27 -0.49 7.49
C LEU B 185 -2.57 0.89 6.91
N PHE B 186 -2.36 1.93 7.71
CA PHE B 186 -2.61 3.33 7.29
C PHE B 186 -1.36 4.21 7.12
N PHE B 187 -1.21 4.77 5.94
CA PHE B 187 0.09 5.34 5.62
C PHE B 187 0.08 6.85 5.61
N THR B 188 1.02 7.46 6.31
CA THR B 188 1.08 8.92 6.41
C THR B 188 2.42 9.46 6.82
N ILE B 189 2.58 10.76 6.61
CA ILE B 189 3.74 11.48 7.07
C ILE B 189 3.33 12.18 8.34
N PHE B 190 4.14 12.09 9.39
CA PHE B 190 3.84 12.78 10.64
C PHE B 190 4.74 13.99 10.90
N ASP B 191 4.22 15.19 10.63
CA ASP B 191 4.97 16.45 10.75
C ASP B 191 5.14 16.91 12.20
N GLU B 192 4.24 16.46 13.07
CA GLU B 192 4.15 16.95 14.45
C GLU B 192 3.86 18.43 14.45
N THR B 193 4.41 19.11 15.45
CA THR B 193 4.49 20.56 15.55
C THR B 193 3.27 21.36 15.04
N LYS B 194 2.74 20.99 13.88
CA LYS B 194 1.50 21.55 13.37
C LYS B 194 0.30 20.95 14.11
N SER B 195 0.59 20.06 15.05
CA SER B 195 -0.41 19.23 15.69
C SER B 195 -0.72 19.66 17.12
N TRP B 196 0.31 19.57 17.93
CA TRP B 196 0.22 19.90 19.30
C TRP B 196 1.39 20.74 19.75
N TYR B 197 1.11 21.53 20.79
CA TYR B 197 1.74 22.78 21.09
C TYR B 197 2.89 22.61 22.07
N PHE B 198 2.96 23.52 23.04
CA PHE B 198 4.00 23.56 24.03
C PHE B 198 4.23 22.20 24.72
N THR B 199 3.20 21.62 25.33
CA THR B 199 3.43 20.38 26.07
C THR B 199 4.15 19.40 25.15
N GLU B 200 3.72 19.31 23.89
CA GLU B 200 4.50 18.62 22.88
C GLU B 200 5.78 19.37 22.47
N ASN B 201 5.61 20.58 21.92
CA ASN B 201 6.70 21.35 21.32
C ASN B 201 7.86 21.66 22.27
N MET B 202 7.50 22.16 23.45
CA MET B 202 8.46 22.62 24.48
C MET B 202 9.30 21.52 25.11
N GLU B 203 8.76 20.31 25.20
CA GLU B 203 9.46 19.21 25.83
C GLU B 203 10.77 18.92 25.09
N ARG B 204 11.81 18.60 25.84
CA ARG B 204 13.15 18.31 25.31
C ARG B 204 13.81 19.57 24.71
N ASN B 205 13.44 20.75 25.21
CA ASN B 205 13.92 22.03 24.68
C ASN B 205 15.45 22.11 24.68
N CYS B 206 15.99 22.68 23.61
CA CYS B 206 17.44 22.88 23.45
C CYS B 206 17.73 23.55 22.10
N MET B 214 15.14 27.44 14.16
CA MET B 214 14.28 26.70 15.06
C MET B 214 12.85 26.99 14.64
N GLU B 215 12.48 26.48 13.46
CA GLU B 215 11.12 26.63 12.94
C GLU B 215 10.84 25.69 11.76
N ASP B 216 11.80 25.57 10.84
CA ASP B 216 11.69 24.69 9.67
C ASP B 216 12.97 23.88 9.34
N PRO B 217 14.07 24.58 8.89
CA PRO B 217 15.15 23.74 8.32
C PRO B 217 15.91 22.81 9.27
N THR B 218 16.16 23.27 10.49
CA THR B 218 17.17 22.68 11.37
C THR B 218 16.94 21.21 11.73
N PHE B 219 15.70 20.86 12.12
CA PHE B 219 15.38 19.51 12.60
C PHE B 219 13.95 19.13 12.20
N LYS B 220 13.37 19.95 11.33
CA LYS B 220 11.97 19.80 10.92
C LYS B 220 11.73 18.42 10.34
N GLU B 221 12.68 17.96 9.53
CA GLU B 221 12.64 16.60 9.00
C GLU B 221 12.62 15.60 10.15
N ASN B 222 13.27 15.93 11.25
CA ASN B 222 13.32 15.05 12.41
C ASN B 222 11.96 14.80 13.04
N TYR B 223 11.13 15.83 13.14
CA TYR B 223 9.78 15.61 13.63
C TYR B 223 8.91 14.78 12.66
N ARG B 224 9.17 14.90 11.37
CA ARG B 224 8.40 14.16 10.35
C ARG B 224 8.68 12.63 10.36
N PHE B 225 7.67 11.87 10.79
CA PHE B 225 7.74 10.43 10.63
C PHE B 225 7.05 10.13 9.35
N HIS B 226 7.59 9.17 8.62
CA HIS B 226 6.89 8.56 7.52
C HIS B 226 6.46 7.19 8.05
N ALA B 227 5.21 7.08 8.51
CA ALA B 227 4.85 5.96 9.38
C ALA B 227 3.56 5.22 9.11
N ILE B 228 3.71 3.93 8.95
CA ILE B 228 2.59 3.04 8.86
C ILE B 228 1.98 2.97 10.23
N ASN B 229 0.67 3.19 10.30
CA ASN B 229 -0.10 3.13 11.54
C ASN B 229 0.68 3.68 12.68
N GLY B 230 1.53 4.67 12.36
CA GLY B 230 2.40 5.39 13.31
C GLY B 230 3.57 4.62 13.87
N TYR B 231 4.28 3.92 12.99
CA TYR B 231 5.50 3.21 13.33
C TYR B 231 6.58 3.45 12.25
N ILE B 232 7.43 4.46 12.48
CA ILE B 232 8.52 4.85 11.56
C ILE B 232 9.65 3.82 11.54
N MET B 233 10.33 3.67 10.40
CA MET B 233 11.23 2.53 10.14
C MET B 233 10.53 1.19 10.50
N ASP B 234 11.27 0.11 10.74
CA ASP B 234 10.61 -1.21 10.82
C ASP B 234 9.96 -1.54 12.16
N THR B 235 9.15 -0.62 12.67
CA THR B 235 8.63 -0.71 14.05
C THR B 235 7.28 -1.42 14.19
N LEU B 236 6.50 -1.45 13.11
CA LEU B 236 5.13 -1.95 13.19
C LEU B 236 5.11 -3.40 13.64
N PRO B 237 4.16 -3.75 14.50
CA PRO B 237 4.16 -5.03 15.20
C PRO B 237 3.33 -6.15 14.61
N GLY B 238 2.01 -6.04 14.75
CA GLY B 238 1.08 -7.16 14.61
C GLY B 238 0.82 -7.63 13.20
N LEU B 239 1.62 -8.58 12.73
CA LEU B 239 1.44 -9.15 11.42
C LEU B 239 1.52 -10.66 11.47
N VAL B 240 0.77 -11.25 12.40
CA VAL B 240 0.52 -12.69 12.38
C VAL B 240 -0.10 -12.91 11.03
N MET B 241 0.48 -13.78 10.22
CA MET B 241 -0.04 -13.88 8.88
C MET B 241 -0.75 -15.21 8.77
N ALA B 242 0.00 -16.27 8.50
CA ALA B 242 -0.57 -17.62 8.28
C ALA B 242 -0.64 -18.04 6.83
N GLN B 243 0.21 -18.97 6.44
CA GLN B 243 0.27 -19.40 5.07
C GLN B 243 -1.07 -19.84 4.56
N ASP B 244 -1.35 -19.43 3.32
CA ASP B 244 -2.51 -19.86 2.53
C ASP B 244 -3.88 -19.55 3.12
N GLN B 245 -4.03 -18.34 3.64
CA GLN B 245 -5.27 -17.96 4.26
C GLN B 245 -5.65 -16.58 3.80
N ARG B 246 -6.73 -16.45 3.01
CA ARG B 246 -7.09 -15.18 2.35
C ARG B 246 -6.91 -14.04 3.35
N ILE B 247 -6.26 -12.98 2.91
CA ILE B 247 -6.07 -11.85 3.78
C ILE B 247 -6.56 -10.59 3.12
N ARG B 248 -7.46 -9.90 3.82
CA ARG B 248 -7.96 -8.61 3.39
C ARG B 248 -7.12 -7.50 4.02
N TRP B 249 -6.77 -6.52 3.18
CA TRP B 249 -5.95 -5.40 3.61
C TRP B 249 -6.74 -4.15 3.45
N TYR B 250 -6.55 -3.26 4.43
CA TYR B 250 -7.19 -1.94 4.53
C TYR B 250 -6.19 -0.79 4.50
N LEU B 251 -6.16 -0.01 3.41
CA LEU B 251 -4.99 0.78 3.16
C LEU B 251 -5.18 2.25 3.29
N LEU B 252 -6.26 2.66 3.96
CA LEU B 252 -6.70 4.06 4.07
C LEU B 252 -5.55 4.99 4.34
N SER B 253 -5.40 6.00 3.50
CA SER B 253 -4.22 6.85 3.53
C SER B 253 -4.66 8.25 3.71
N MET B 254 -3.77 9.03 4.30
CA MET B 254 -4.14 10.34 4.75
C MET B 254 -2.95 11.26 4.89
N GLY B 255 -3.27 12.51 5.21
CA GLY B 255 -2.30 13.59 5.34
C GLY B 255 -2.47 14.69 4.30
N SER B 256 -1.34 15.32 3.97
CA SER B 256 -1.26 16.43 3.04
C SER B 256 -0.92 15.95 1.64
N ASN B 257 -0.53 16.88 0.77
CA ASN B 257 -0.32 16.54 -0.62
C ASN B 257 0.91 15.69 -0.92
N GLU B 258 1.83 15.58 0.04
CA GLU B 258 3.07 14.83 -0.18
C GLU B 258 2.88 13.32 -0.25
N ASN B 259 1.80 12.85 0.38
CA ASN B 259 1.59 11.43 0.62
C ASN B 259 0.71 10.69 -0.40
N ILE B 260 1.34 10.27 -1.50
CA ILE B 260 0.67 9.61 -2.61
C ILE B 260 1.04 8.16 -2.48
N HIS B 261 1.45 7.83 -1.28
CA HIS B 261 2.23 6.65 -0.93
C HIS B 261 1.92 5.36 -1.74
N SER B 262 2.97 4.88 -2.42
CA SER B 262 2.83 3.81 -3.40
C SER B 262 3.20 2.52 -2.74
N ILE B 263 2.27 1.98 -1.98
CA ILE B 263 2.54 0.82 -1.10
C ILE B 263 2.76 -0.44 -1.92
N HIS B 264 3.70 -1.27 -1.45
CA HIS B 264 4.09 -2.48 -2.13
C HIS B 264 4.28 -3.61 -1.11
N PHE B 265 3.68 -4.76 -1.41
CA PHE B 265 3.75 -5.98 -0.59
C PHE B 265 4.83 -6.93 -1.11
N SER B 266 6.05 -6.76 -0.58
CA SER B 266 7.26 -7.42 -1.13
C SER B 266 6.92 -8.78 -1.72
N GLY B 267 7.27 -8.95 -2.98
CA GLY B 267 7.00 -10.19 -3.69
C GLY B 267 5.70 -10.88 -3.35
N HIS B 268 4.66 -10.09 -3.14
CA HIS B 268 3.29 -10.58 -3.13
C HIS B 268 2.50 -9.67 -4.06
N VAL B 269 1.44 -10.23 -4.64
CA VAL B 269 0.49 -9.44 -5.43
C VAL B 269 -0.89 -9.68 -4.89
N PHE B 270 -1.77 -8.73 -5.14
CA PHE B 270 -3.12 -8.80 -4.64
C PHE B 270 -4.09 -8.40 -5.72
N THR B 271 -5.38 -8.62 -5.45
CA THR B 271 -6.44 -8.23 -6.37
C THR B 271 -7.22 -7.11 -5.74
N VAL B 272 -7.92 -6.33 -6.55
CA VAL B 272 -8.94 -5.44 -6.03
C VAL B 272 -10.16 -5.45 -6.91
N ARG B 273 -11.31 -5.21 -6.30
CA ARG B 273 -12.54 -5.10 -7.06
C ARG B 273 -12.97 -3.65 -7.14
N LYS B 274 -13.57 -3.32 -8.27
CA LYS B 274 -14.15 -2.02 -8.50
C LYS B 274 -14.83 -2.11 -9.84
N LYS B 275 -15.96 -2.82 -9.87
CA LYS B 275 -16.74 -3.08 -11.10
C LYS B 275 -16.10 -4.22 -11.93
N GLU B 276 -14.95 -4.69 -11.44
CA GLU B 276 -14.24 -5.83 -12.01
C GLU B 276 -13.11 -6.26 -11.11
N GLU B 277 -12.48 -7.36 -11.49
CA GLU B 277 -11.43 -7.97 -10.72
C GLU B 277 -10.04 -7.61 -11.27
N TYR B 278 -9.38 -6.57 -10.76
CA TYR B 278 -8.02 -6.24 -11.25
C TYR B 278 -6.93 -6.81 -10.32
N LYS B 279 -5.91 -7.44 -10.91
CA LYS B 279 -4.69 -7.78 -10.17
C LYS B 279 -3.58 -6.71 -10.29
N MET B 280 -2.86 -6.49 -9.18
CA MET B 280 -1.76 -5.52 -9.12
C MET B 280 -0.91 -5.70 -7.87
N ALA B 281 0.32 -5.21 -7.94
CA ALA B 281 1.33 -5.44 -6.89
C ALA B 281 1.71 -4.17 -6.16
N LEU B 282 1.26 -3.02 -6.64
CA LEU B 282 1.30 -1.84 -5.79
C LEU B 282 0.18 -0.93 -6.21
N TYR B 283 -0.46 -0.33 -5.22
CA TYR B 283 -1.53 0.63 -5.42
C TYR B 283 -1.31 1.86 -4.56
N ASN B 284 -1.67 3.02 -5.10
CA ASN B 284 -1.31 4.33 -4.58
C ASN B 284 -2.46 4.93 -3.81
N LEU B 285 -2.16 5.36 -2.60
CA LEU B 285 -3.18 5.94 -1.78
C LEU B 285 -3.19 7.42 -1.98
N TYR B 286 -4.22 7.90 -2.68
CA TYR B 286 -4.38 9.33 -2.76
C TYR B 286 -4.96 9.71 -1.42
N PRO B 287 -4.30 10.60 -0.68
CA PRO B 287 -4.83 10.88 0.65
C PRO B 287 -6.36 10.90 0.62
N GLY B 288 -6.98 10.15 1.52
CA GLY B 288 -8.43 10.17 1.70
C GLY B 288 -9.19 8.96 1.17
N VAL B 289 -8.51 8.24 0.27
CA VAL B 289 -9.07 7.16 -0.55
C VAL B 289 -9.37 5.85 0.10
N PHE B 290 -8.48 5.41 0.99
CA PHE B 290 -8.52 4.10 1.64
C PHE B 290 -8.44 2.93 0.60
N GLU B 291 -9.15 1.84 0.83
CA GLU B 291 -9.41 0.81 -0.18
C GLU B 291 -9.34 -0.48 0.50
N THR B 292 -9.56 -1.53 -0.25
CA THR B 292 -9.44 -2.87 0.29
C THR B 292 -8.82 -3.78 -0.77
N VAL B 293 -8.00 -4.71 -0.31
CA VAL B 293 -7.46 -5.74 -1.18
C VAL B 293 -7.42 -7.11 -0.52
N GLU B 294 -7.48 -8.16 -1.34
CA GLU B 294 -7.24 -9.53 -0.87
C GLU B 294 -6.05 -10.19 -1.57
N MET B 295 -5.21 -10.84 -0.77
CA MET B 295 -4.11 -11.69 -1.23
C MET B 295 -3.90 -12.86 -0.28
N LEU B 296 -3.23 -13.90 -0.78
CA LEU B 296 -2.92 -15.07 0.01
C LEU B 296 -1.42 -15.29 -0.07
N PRO B 297 -0.69 -15.07 1.04
CA PRO B 297 0.76 -15.27 0.92
C PRO B 297 1.14 -16.74 0.76
N SER B 298 1.39 -17.13 -0.50
CA SER B 298 1.73 -18.49 -0.90
C SER B 298 2.97 -18.99 -0.17
N LYS B 299 3.96 -18.12 0.00
CA LYS B 299 5.17 -18.48 0.74
C LYS B 299 5.25 -17.75 2.06
N ALA B 300 5.63 -18.49 3.11
CA ALA B 300 5.61 -17.98 4.47
C ALA B 300 6.97 -17.50 4.86
N GLY B 301 7.01 -16.63 5.85
CA GLY B 301 8.24 -16.03 6.35
C GLY B 301 8.06 -14.60 6.81
N ILE B 302 9.15 -13.84 6.75
CA ILE B 302 9.12 -12.42 6.99
C ILE B 302 9.16 -11.84 5.61
N TRP B 303 8.60 -10.65 5.48
CA TRP B 303 8.56 -9.95 4.21
C TRP B 303 8.32 -8.50 4.51
N ARG B 304 8.69 -7.61 3.60
CA ARG B 304 8.34 -6.19 3.72
C ARG B 304 6.97 -5.81 3.10
N VAL B 305 6.36 -4.78 3.68
CA VAL B 305 5.33 -4.00 3.02
C VAL B 305 5.71 -2.54 3.30
N GLU B 306 5.95 -1.79 2.22
CA GLU B 306 6.39 -0.38 2.27
C GLU B 306 5.88 0.49 1.13
N CYS B 307 5.81 1.81 1.38
CA CYS B 307 5.67 2.82 0.31
C CYS B 307 6.99 2.76 -0.41
N LEU B 308 6.96 2.81 -1.74
CA LEU B 308 8.14 2.54 -2.55
C LEU B 308 8.72 3.81 -3.12
N ILE B 309 8.15 4.91 -2.67
CA ILE B 309 8.78 6.19 -2.87
C ILE B 309 10.15 6.16 -2.20
N GLY B 310 11.22 6.32 -2.97
CA GLY B 310 12.58 6.24 -2.41
C GLY B 310 12.89 7.06 -1.17
N GLU B 311 12.65 8.38 -1.27
CA GLU B 311 12.86 9.31 -0.15
C GLU B 311 12.04 8.79 1.02
N HIS B 312 10.76 8.50 0.76
CA HIS B 312 9.79 8.20 1.81
C HIS B 312 10.09 6.90 2.57
N LEU B 313 10.98 6.09 2.01
CA LEU B 313 11.27 4.79 2.57
C LEU B 313 12.41 4.87 3.56
N HIS B 314 13.46 5.57 3.15
CA HIS B 314 14.62 5.74 4.00
C HIS B 314 14.34 6.70 5.11
N ALA B 315 13.15 7.29 5.08
CA ALA B 315 12.67 8.07 6.19
C ALA B 315 11.67 7.26 7.01
N GLY B 316 11.47 6.00 6.63
CA GLY B 316 10.56 5.11 7.34
C GLY B 316 9.51 4.48 6.46
N MET B 317 8.37 4.13 7.05
CA MET B 317 7.24 3.65 6.25
C MET B 317 7.41 2.21 5.75
N SER B 318 8.30 1.46 6.39
CA SER B 318 8.43 0.07 6.02
C SER B 318 8.17 -0.86 7.21
N THR B 319 7.42 -1.92 6.97
CA THR B 319 7.24 -2.88 8.03
C THR B 319 7.19 -4.31 7.52
N LEU B 320 7.33 -5.29 8.42
CA LEU B 320 7.41 -6.71 8.03
C LEU B 320 6.25 -7.55 8.50
N PHE B 321 5.59 -8.26 7.59
CA PHE B 321 4.52 -9.18 7.97
C PHE B 321 5.13 -10.54 8.05
N LEU B 322 4.78 -11.24 9.11
CA LEU B 322 5.63 -12.31 9.60
C LEU B 322 4.89 -13.65 9.54
N VAL B 323 4.50 -13.99 8.32
CA VAL B 323 3.66 -15.16 7.99
C VAL B 323 4.25 -16.54 8.28
N TYR B 324 3.47 -17.36 8.97
CA TYR B 324 3.90 -18.67 9.40
C TYR B 324 3.24 -19.75 8.62
N SER B 325 3.80 -20.95 8.69
CA SER B 325 3.16 -22.13 8.15
C SER B 325 2.39 -22.88 9.22
N ASN B 326 1.29 -23.51 8.82
CA ASN B 326 0.42 -24.22 9.72
C ASN B 326 0.95 -25.62 10.05
N LYS B 327 1.53 -26.22 9.03
CA LYS B 327 2.03 -27.59 9.07
C LYS B 327 3.45 -27.57 9.58
N CYS B 328 3.74 -26.62 10.45
CA CYS B 328 5.08 -26.44 10.93
C CYS B 328 5.27 -27.14 12.24
N GLN B 329 4.19 -27.34 12.98
CA GLN B 329 4.25 -27.66 14.42
C GLN B 329 5.19 -28.75 14.89
N THR B 330 5.96 -28.44 15.94
CA THR B 330 6.79 -29.44 16.62
C THR B 330 7.04 -29.04 18.06
N PRO B 331 7.34 -30.03 18.89
CA PRO B 331 7.77 -29.78 20.23
C PRO B 331 9.11 -29.06 20.21
N LEU B 332 9.29 -28.11 21.12
CA LEU B 332 10.57 -27.42 21.22
C LEU B 332 11.52 -28.13 22.13
N GLY B 333 11.10 -29.30 22.62
CA GLY B 333 11.96 -30.26 23.33
C GLY B 333 12.11 -30.10 24.83
N MET B 334 11.00 -29.90 25.52
CA MET B 334 11.04 -29.72 26.95
C MET B 334 11.10 -31.08 27.58
N ALA B 335 10.60 -32.01 26.76
CA ALA B 335 10.68 -33.44 26.99
C ALA B 335 12.06 -33.93 26.60
N SER B 336 12.43 -33.63 25.36
CA SER B 336 13.65 -34.12 24.77
C SER B 336 14.86 -33.28 25.13
N GLY B 337 15.94 -33.52 24.39
CA GLY B 337 17.23 -32.90 24.64
C GLY B 337 17.42 -31.40 24.41
N HIS B 338 16.92 -30.86 23.30
CA HIS B 338 17.23 -29.49 22.86
C HIS B 338 17.11 -28.48 23.99
N ILE B 339 16.04 -28.62 24.78
CA ILE B 339 15.88 -27.82 25.98
C ILE B 339 16.81 -28.29 27.10
N ARG B 340 17.70 -27.38 27.52
CA ARG B 340 18.57 -27.59 28.67
C ARG B 340 17.89 -27.12 29.95
N ASP B 341 18.38 -27.58 31.09
CA ASP B 341 17.74 -27.33 32.37
C ASP B 341 17.82 -25.87 32.79
N PHE B 342 18.96 -25.24 32.60
CA PHE B 342 19.07 -23.82 32.97
C PHE B 342 17.95 -22.95 32.37
N GLN B 343 17.29 -23.45 31.33
CA GLN B 343 16.39 -22.65 30.51
C GLN B 343 15.18 -22.14 31.31
N ILE B 344 14.73 -22.95 32.26
CA ILE B 344 13.52 -22.67 33.05
C ILE B 344 13.69 -21.70 34.22
N THR B 345 12.57 -21.36 34.86
CA THR B 345 12.58 -20.56 36.07
C THR B 345 11.21 -20.59 36.74
N ALA B 346 11.19 -20.26 38.03
CA ALA B 346 9.99 -20.42 38.86
C ALA B 346 9.74 -19.29 39.86
N SER B 347 8.54 -19.24 40.44
CA SER B 347 8.30 -18.31 41.54
C SER B 347 9.27 -18.62 42.68
N GLY B 348 9.92 -19.78 42.60
CA GLY B 348 10.54 -20.45 43.73
C GLY B 348 9.52 -21.47 44.21
N GLN B 349 9.91 -22.73 44.24
CA GLN B 349 8.97 -23.79 44.54
C GLN B 349 9.22 -24.34 45.93
N TYR B 350 8.17 -24.38 46.74
CA TYR B 350 8.29 -25.10 47.99
C TYR B 350 8.24 -26.58 47.68
N GLY B 351 8.94 -27.37 48.47
CA GLY B 351 9.20 -28.74 48.10
C GLY B 351 10.35 -28.66 47.11
N GLN B 352 10.98 -29.80 46.88
CA GLN B 352 12.15 -29.83 46.05
C GLN B 352 11.73 -30.13 44.63
N TRP B 353 10.42 -30.07 44.38
CA TRP B 353 9.88 -30.35 43.06
C TRP B 353 10.24 -29.20 42.14
N ALA B 354 11.54 -28.99 42.01
CA ALA B 354 12.09 -27.85 41.29
C ALA B 354 11.72 -27.86 39.81
N PRO B 355 11.59 -26.65 39.20
CA PRO B 355 11.44 -26.75 37.76
C PRO B 355 12.75 -27.19 37.22
N LYS B 356 12.74 -27.61 35.97
CA LYS B 356 13.76 -28.46 35.36
C LYS B 356 13.06 -29.76 35.21
N LEU B 357 11.84 -29.80 35.72
CA LEU B 357 11.02 -30.96 35.62
C LEU B 357 9.72 -30.55 34.93
N ALA B 358 9.63 -31.04 33.70
CA ALA B 358 8.45 -30.92 32.89
C ALA B 358 8.40 -31.95 31.76
N ARG B 359 7.18 -32.44 31.61
CA ARG B 359 6.64 -33.36 30.61
C ARG B 359 7.15 -34.75 30.41
N LEU B 360 6.39 -35.66 31.01
CA LEU B 360 6.53 -37.10 30.94
C LEU B 360 7.63 -37.60 31.87
N HIS B 361 8.31 -36.65 32.50
CA HIS B 361 9.50 -36.96 33.26
C HIS B 361 9.11 -37.56 34.58
N TYR B 362 8.85 -38.85 34.56
CA TYR B 362 8.61 -39.47 35.82
C TYR B 362 9.87 -40.23 36.18
N SER B 363 10.53 -39.75 37.21
CA SER B 363 11.72 -40.39 37.72
C SER B 363 11.65 -40.40 39.24
N GLY B 364 11.78 -41.60 39.81
CA GLY B 364 11.81 -41.78 41.26
C GLY B 364 10.71 -40.98 41.92
N SER B 365 11.08 -40.26 42.98
CA SER B 365 10.12 -39.38 43.65
C SER B 365 9.71 -38.22 42.77
N ILE B 366 10.69 -37.58 42.13
CA ILE B 366 10.48 -36.27 41.49
C ILE B 366 10.27 -36.26 39.96
N ASN B 367 9.11 -35.74 39.52
CA ASN B 367 8.78 -35.67 38.10
C ASN B 367 8.23 -34.35 37.57
N ALA B 368 8.10 -33.32 38.40
CA ALA B 368 7.48 -32.06 37.96
C ALA B 368 7.95 -30.83 38.74
N TRP B 369 7.48 -29.65 38.32
CA TRP B 369 7.60 -28.46 39.14
C TRP B 369 6.45 -28.41 40.11
N SER B 370 6.63 -27.75 41.26
CA SER B 370 5.58 -27.63 42.28
C SER B 370 5.89 -26.61 43.37
N THR B 371 5.19 -25.48 43.35
CA THR B 371 5.21 -24.51 44.44
C THR B 371 4.10 -24.77 45.44
N LYS B 372 4.14 -23.99 46.51
CA LYS B 372 3.02 -23.90 47.43
C LYS B 372 1.93 -23.00 46.86
N GLU B 373 0.85 -22.83 47.64
CA GLU B 373 -0.39 -22.15 47.24
C GLU B 373 -0.23 -20.73 46.67
N PRO B 374 0.80 -19.95 47.16
CA PRO B 374 0.84 -18.58 46.64
C PRO B 374 1.12 -18.55 45.14
N PHE B 375 0.60 -17.52 44.46
CA PHE B 375 0.60 -17.42 42.99
C PHE B 375 2.00 -17.37 42.39
N SER B 376 2.13 -18.03 41.25
CA SER B 376 3.41 -18.50 40.76
C SER B 376 3.55 -18.30 39.29
N TRP B 377 4.76 -18.60 38.83
CA TRP B 377 5.12 -18.39 37.47
C TRP B 377 6.30 -19.23 37.08
N ILE B 378 5.99 -20.24 36.28
CA ILE B 378 7.01 -20.95 35.53
C ILE B 378 7.27 -20.29 34.15
N LYS B 379 8.40 -19.59 34.06
CA LYS B 379 8.80 -18.92 32.82
C LYS B 379 9.83 -19.78 32.10
N VAL B 380 9.93 -19.60 30.79
CA VAL B 380 10.80 -20.42 29.96
C VAL B 380 11.59 -19.58 28.98
N ASP B 381 12.92 -19.63 29.07
CA ASP B 381 13.73 -18.93 28.07
C ASP B 381 14.01 -19.87 26.91
N LEU B 382 13.40 -19.53 25.77
CA LEU B 382 13.58 -20.31 24.55
C LEU B 382 14.91 -20.08 23.89
N LEU B 383 15.68 -19.11 24.42
CA LEU B 383 17.06 -18.82 24.04
C LEU B 383 17.09 -18.01 22.74
N ALA B 384 15.92 -17.92 22.13
CA ALA B 384 15.68 -17.21 20.87
C ALA B 384 14.18 -16.89 20.82
N PRO B 385 13.80 -15.83 20.10
CA PRO B 385 12.39 -15.59 19.85
C PRO B 385 11.90 -16.68 18.95
N MET B 386 10.66 -17.10 19.11
CA MET B 386 10.13 -18.24 18.36
C MET B 386 8.61 -18.31 18.33
N ILE B 387 8.05 -18.86 17.24
CA ILE B 387 6.59 -19.01 17.18
C ILE B 387 6.22 -20.32 17.80
N ILE B 388 5.03 -20.32 18.41
CA ILE B 388 4.55 -21.40 19.28
C ILE B 388 3.06 -21.56 19.17
N HIS B 389 2.65 -22.71 18.68
CA HIS B 389 1.23 -22.95 18.41
C HIS B 389 0.43 -23.53 19.56
N GLY B 390 1.11 -23.79 20.68
CA GLY B 390 0.45 -24.47 21.79
C GLY B 390 1.32 -25.21 22.80
N ILE B 391 0.82 -25.33 24.04
CA ILE B 391 1.47 -25.99 25.19
C ILE B 391 0.71 -27.24 25.69
N LYS B 392 1.49 -28.25 26.10
CA LYS B 392 0.94 -29.50 26.61
C LYS B 392 1.27 -29.59 28.09
N THR B 393 0.24 -29.54 28.93
CA THR B 393 0.42 -29.46 30.39
C THR B 393 0.44 -30.82 31.08
N GLN B 394 1.05 -30.86 32.26
CA GLN B 394 1.15 -32.11 33.00
C GLN B 394 0.98 -31.90 34.49
N GLY B 395 0.58 -32.98 35.17
CA GLY B 395 0.58 -33.02 36.63
C GLY B 395 1.06 -34.37 37.15
N ALA B 396 1.44 -34.46 38.42
CA ALA B 396 1.90 -35.75 38.95
C ALA B 396 1.30 -36.15 40.28
N ARG B 397 1.26 -37.46 40.53
CA ARG B 397 0.86 -37.99 41.82
C ARG B 397 2.06 -38.04 42.75
N GLN B 398 1.80 -37.78 44.02
CA GLN B 398 2.70 -38.09 45.12
C GLN B 398 1.83 -38.43 46.34
N LYS B 399 2.19 -39.49 47.06
CA LYS B 399 1.50 -39.83 48.31
C LYS B 399 -0.02 -39.92 48.10
N PHE B 400 -0.41 -40.59 47.03
CA PHE B 400 -1.84 -40.75 46.70
C PHE B 400 -2.42 -39.43 46.28
N SER B 401 -2.28 -38.41 47.12
CA SER B 401 -2.81 -37.09 46.80
C SER B 401 -2.47 -36.55 45.40
N SER B 402 -3.52 -36.34 44.60
CA SER B 402 -3.40 -36.00 43.19
C SER B 402 -2.88 -34.57 43.00
N LEU B 403 -1.75 -34.41 42.29
CA LEU B 403 -1.23 -33.07 42.01
C LEU B 403 -1.34 -32.67 40.56
N TYR B 404 -2.01 -31.55 40.30
CA TYR B 404 -2.09 -30.97 38.93
C TYR B 404 -2.31 -29.45 38.90
N ILE B 405 -2.31 -28.84 37.70
CA ILE B 405 -2.82 -27.46 37.57
C ILE B 405 -4.07 -27.44 36.73
N SER B 406 -5.09 -26.79 37.27
CA SER B 406 -6.41 -26.85 36.68
C SER B 406 -6.69 -25.78 35.60
N GLN B 407 -6.19 -24.56 35.82
CA GLN B 407 -6.51 -23.40 34.98
C GLN B 407 -5.35 -22.41 35.07
N PHE B 408 -5.05 -21.76 33.94
CA PHE B 408 -3.86 -20.89 33.81
C PHE B 408 -3.92 -19.88 32.66
N ILE B 409 -3.17 -18.79 32.81
CA ILE B 409 -2.93 -17.84 31.72
C ILE B 409 -1.48 -17.87 31.29
N ILE B 410 -1.25 -17.57 30.01
CA ILE B 410 0.10 -17.47 29.49
C ILE B 410 0.48 -16.00 29.36
N MET B 411 1.70 -15.72 29.78
CA MET B 411 2.36 -14.45 29.50
C MET B 411 3.60 -14.76 28.64
N TYR B 412 4.02 -13.77 27.85
CA TYR B 412 5.14 -13.94 26.93
C TYR B 412 5.91 -12.68 26.68
N SER B 413 7.22 -12.79 26.39
CA SER B 413 8.01 -11.63 25.89
C SER B 413 9.24 -11.95 25.08
N LEU B 414 9.81 -10.91 24.49
CA LEU B 414 11.02 -11.03 23.73
C LEU B 414 12.32 -10.68 24.46
N ASP B 415 12.30 -9.58 25.19
CA ASP B 415 13.53 -9.10 25.84
C ASP B 415 13.54 -9.29 27.36
N GLY B 416 12.40 -9.74 27.91
CA GLY B 416 12.24 -9.89 29.35
C GLY B 416 11.87 -8.57 29.98
N LYS B 417 11.84 -7.54 29.13
CA LYS B 417 11.45 -6.19 29.53
C LYS B 417 9.94 -6.09 29.39
N LYS B 418 9.47 -6.24 28.15
CA LYS B 418 8.06 -6.27 27.86
C LYS B 418 7.47 -7.51 28.49
N TRP B 419 6.20 -7.44 28.87
CA TRP B 419 5.41 -8.64 29.17
C TRP B 419 4.00 -8.49 28.64
N GLN B 420 3.36 -9.63 28.35
CA GLN B 420 2.02 -9.60 27.79
C GLN B 420 1.14 -10.75 28.26
N THR B 421 -0.06 -10.40 28.71
CA THR B 421 -1.13 -11.35 29.01
C THR B 421 -1.84 -11.76 27.70
N TYR B 422 -1.79 -13.05 27.37
CA TYR B 422 -2.31 -13.54 26.09
C TYR B 422 -3.77 -13.79 26.12
N ARG B 423 -4.40 -13.25 25.08
CA ARG B 423 -5.82 -13.27 24.84
C ARG B 423 -6.20 -14.22 23.70
N GLY B 424 -5.54 -14.11 22.55
CA GLY B 424 -5.91 -14.90 21.39
C GLY B 424 -7.30 -14.51 20.91
N ASN B 425 -8.18 -15.49 20.78
CA ASN B 425 -9.55 -15.19 20.41
C ASN B 425 -10.31 -14.55 21.55
N SER B 426 -10.20 -15.18 22.73
CA SER B 426 -11.17 -15.02 23.83
C SER B 426 -11.76 -13.66 24.06
N THR B 427 -13.06 -13.59 23.84
CA THR B 427 -13.89 -12.49 24.25
C THR B 427 -13.43 -11.92 25.59
N GLY B 428 -13.04 -10.64 25.59
CA GLY B 428 -12.68 -9.93 26.82
C GLY B 428 -11.23 -9.96 27.26
N THR B 429 -11.04 -9.68 28.54
CA THR B 429 -9.75 -9.33 29.18
C THR B 429 -8.55 -10.22 28.93
N LEU B 430 -8.81 -11.52 28.79
CA LEU B 430 -7.84 -12.51 28.31
C LEU B 430 -8.47 -13.90 28.16
N MET B 431 -7.71 -14.86 27.60
CA MET B 431 -8.10 -16.28 27.65
C MET B 431 -7.38 -16.98 28.75
N VAL B 432 -8.19 -17.54 29.63
CA VAL B 432 -7.75 -18.49 30.62
C VAL B 432 -7.80 -19.85 29.97
N PHE B 433 -6.79 -20.67 30.23
CA PHE B 433 -6.73 -21.98 29.62
C PHE B 433 -7.15 -23.03 30.62
N PHE B 434 -7.70 -24.13 30.12
CA PHE B 434 -8.13 -25.25 30.97
C PHE B 434 -7.09 -26.35 31.05
N GLY B 435 -6.46 -26.41 32.22
CA GLY B 435 -5.44 -27.40 32.50
C GLY B 435 -6.03 -28.77 32.70
N ASN B 436 -5.17 -29.72 33.04
CA ASN B 436 -5.61 -31.07 33.36
C ASN B 436 -6.50 -31.07 34.61
N VAL B 437 -7.23 -32.18 34.86
CA VAL B 437 -7.95 -32.36 36.14
C VAL B 437 -7.53 -33.64 36.90
N ASP B 438 -6.25 -33.99 36.82
CA ASP B 438 -5.71 -35.25 37.37
C ASP B 438 -4.20 -35.34 37.21
N SER B 439 -3.58 -36.34 37.85
CA SER B 439 -2.19 -36.66 37.61
C SER B 439 -2.11 -37.37 36.27
N SER B 440 -1.13 -37.00 35.45
CA SER B 440 -0.96 -37.55 34.07
C SER B 440 -2.02 -36.98 33.10
N GLY B 441 -2.17 -35.67 33.11
CA GLY B 441 -3.31 -35.03 32.46
C GLY B 441 -3.21 -34.96 30.96
N ILE B 442 -2.05 -34.48 30.50
CA ILE B 442 -1.75 -34.28 29.07
C ILE B 442 -2.81 -33.39 28.41
N LYS B 443 -2.76 -32.08 28.69
CA LYS B 443 -3.66 -31.16 28.00
C LYS B 443 -2.93 -30.27 27.02
N HIS B 444 -3.17 -30.56 25.74
CA HIS B 444 -2.70 -29.77 24.61
C HIS B 444 -3.59 -28.57 24.57
N ASN B 445 -3.09 -27.46 25.08
CA ASN B 445 -3.77 -26.21 24.88
C ASN B 445 -3.27 -25.63 23.59
N ILE B 446 -4.10 -24.86 22.91
CA ILE B 446 -3.76 -24.36 21.58
C ILE B 446 -3.72 -22.82 21.46
N PHE B 447 -2.68 -22.34 20.76
CA PHE B 447 -2.45 -20.91 20.62
C PHE B 447 -2.61 -20.54 19.15
N ASN B 448 -3.83 -20.52 18.65
CA ASN B 448 -4.11 -19.88 17.38
C ASN B 448 -5.15 -18.85 17.78
N PRO B 449 -4.89 -17.53 17.61
CA PRO B 449 -3.64 -17.12 16.99
C PRO B 449 -2.43 -17.41 17.89
N PRO B 450 -1.19 -17.40 17.31
CA PRO B 450 -0.10 -17.94 18.12
C PRO B 450 0.85 -16.90 18.63
N ILE B 451 1.57 -17.26 19.68
CA ILE B 451 2.58 -16.40 20.33
C ILE B 451 3.88 -16.28 19.50
N ILE B 452 4.63 -15.22 19.76
CA ILE B 452 5.87 -14.94 19.04
C ILE B 452 7.12 -14.82 19.92
N ALA B 453 6.91 -14.50 21.19
CA ALA B 453 7.96 -14.33 22.20
C ALA B 453 9.10 -15.35 22.24
N ARG B 454 10.21 -14.91 22.81
CA ARG B 454 11.27 -15.80 23.24
C ARG B 454 10.99 -16.35 24.63
N TYR B 455 10.14 -15.66 25.37
CA TYR B 455 9.89 -15.95 26.76
C TYR B 455 8.43 -16.30 27.05
N ILE B 456 8.13 -17.57 27.38
CA ILE B 456 6.79 -17.97 27.85
C ILE B 456 6.76 -18.24 29.32
N ARG B 457 5.93 -17.45 30.00
CA ARG B 457 5.65 -17.59 31.42
C ARG B 457 4.38 -18.40 31.53
N LEU B 458 4.06 -18.82 32.75
CA LEU B 458 2.83 -19.54 32.99
C LEU B 458 2.40 -19.33 34.41
N HIS B 459 1.23 -18.69 34.54
CA HIS B 459 0.64 -18.40 35.83
C HIS B 459 -0.56 -19.31 35.98
N PRO B 460 -0.63 -20.04 37.10
CA PRO B 460 -1.77 -20.89 37.38
C PRO B 460 -2.89 -20.09 38.06
N THR B 461 -4.14 -20.55 37.89
CA THR B 461 -5.33 -19.85 38.42
C THR B 461 -6.08 -20.79 39.37
N HIS B 462 -6.04 -22.07 39.03
CA HIS B 462 -6.67 -23.10 39.81
C HIS B 462 -5.79 -24.34 39.82
N TYR B 463 -5.96 -25.09 40.90
CA TYR B 463 -5.11 -26.20 41.24
C TYR B 463 -5.89 -27.04 42.23
N SER B 464 -5.33 -28.19 42.59
CA SER B 464 -5.99 -29.16 43.46
C SER B 464 -5.06 -29.47 44.60
N ILE B 465 -5.25 -28.63 45.64
CA ILE B 465 -4.59 -28.77 46.94
C ILE B 465 -3.10 -28.46 46.80
N ARG B 466 -2.63 -28.35 45.57
CA ARG B 466 -1.28 -27.86 45.30
C ARG B 466 -1.14 -27.40 43.86
N SER B 467 -0.11 -26.59 43.59
CA SER B 467 0.26 -26.29 42.22
C SER B 467 1.44 -27.14 41.84
N THR B 468 1.43 -27.65 40.61
CA THR B 468 2.44 -28.60 40.14
C THR B 468 2.29 -28.84 38.63
N LEU B 469 3.40 -28.89 37.89
CA LEU B 469 3.32 -29.26 36.47
C LEU B 469 4.55 -29.75 35.70
N ARG B 470 4.23 -30.60 34.75
CA ARG B 470 5.13 -30.99 33.70
C ARG B 470 4.57 -30.30 32.42
N MET B 471 5.43 -29.87 31.50
CA MET B 471 4.91 -29.21 30.30
C MET B 471 5.87 -29.31 29.14
N GLU B 472 5.35 -29.13 27.93
CA GLU B 472 6.20 -29.22 26.74
C GLU B 472 5.60 -28.44 25.66
N LEU B 473 5.93 -27.17 25.64
CA LEU B 473 5.39 -26.31 24.62
C LEU B 473 5.81 -26.70 23.20
N MET B 474 4.89 -26.46 22.28
CA MET B 474 5.05 -26.80 20.89
C MET B 474 4.85 -25.59 20.00
N GLY B 475 5.88 -25.33 19.19
CA GLY B 475 5.92 -24.26 18.20
C GLY B 475 6.93 -24.64 17.15
N CYS B 476 7.39 -23.65 16.37
CA CYS B 476 8.10 -23.99 15.15
C CYS B 476 9.31 -23.19 14.68
N ASP B 477 9.63 -22.07 15.29
CA ASP B 477 10.75 -21.31 14.73
C ASP B 477 10.11 -20.13 14.03
N LEU B 478 10.80 -18.98 14.05
CA LEU B 478 10.30 -17.70 13.50
C LEU B 478 10.06 -17.79 11.99
N ASN B 479 11.02 -18.38 11.28
CA ASN B 479 10.82 -18.89 9.91
C ASN B 479 10.00 -20.16 10.00
N SER B 480 9.30 -20.53 8.94
CA SER B 480 8.52 -21.75 9.06
C SER B 480 9.29 -23.06 8.75
N CYS B 481 10.41 -23.23 9.43
CA CYS B 481 11.30 -24.37 9.27
C CYS B 481 11.36 -25.17 10.52
N SER B 482 12.46 -25.90 10.69
CA SER B 482 12.73 -26.72 11.86
C SER B 482 11.75 -27.90 11.89
N MET B 483 11.91 -28.81 10.93
CA MET B 483 11.01 -29.95 10.78
C MET B 483 11.73 -31.15 10.19
N PRO B 484 11.31 -32.37 10.56
CA PRO B 484 11.97 -33.60 10.13
C PRO B 484 11.68 -33.97 8.69
N LEU B 485 12.70 -34.45 7.99
CA LEU B 485 12.55 -34.79 6.58
C LEU B 485 12.93 -36.23 6.36
N GLY B 486 11.93 -37.04 6.00
CA GLY B 486 12.12 -38.46 5.70
C GLY B 486 12.70 -39.19 6.89
N MET B 487 13.81 -39.93 6.70
CA MET B 487 14.52 -40.57 7.82
C MET B 487 13.57 -41.37 8.67
N GLU B 488 13.33 -40.88 9.88
CA GLU B 488 12.30 -41.45 10.77
C GLU B 488 10.94 -41.57 10.07
N SER B 489 10.35 -40.44 9.65
CA SER B 489 9.05 -40.45 8.97
C SER B 489 9.07 -41.38 7.75
N LYS B 490 10.23 -41.94 7.45
CA LYS B 490 10.41 -42.94 6.38
C LYS B 490 10.18 -42.38 4.99
N ALA B 491 9.86 -41.10 4.95
CA ALA B 491 9.55 -40.41 3.71
C ALA B 491 10.79 -40.32 2.82
N ILE B 492 11.98 -40.43 3.41
CA ILE B 492 13.21 -40.48 2.65
C ILE B 492 13.54 -41.95 2.44
N SER B 493 13.86 -42.31 1.20
CA SER B 493 14.04 -43.71 0.77
C SER B 493 15.30 -44.35 1.31
N ASP B 494 15.22 -45.62 1.71
CA ASP B 494 16.44 -46.34 2.04
C ASP B 494 17.16 -46.77 0.74
N ALA B 495 16.61 -46.30 -0.37
CA ALA B 495 17.34 -46.17 -1.62
C ALA B 495 18.17 -44.87 -1.59
N GLN B 496 17.60 -43.84 -0.96
CA GLN B 496 18.22 -42.52 -0.90
C GLN B 496 19.43 -42.48 0.03
N ILE B 497 19.36 -43.21 1.14
CA ILE B 497 20.45 -43.22 2.12
C ILE B 497 21.60 -44.13 1.65
N THR B 498 22.82 -43.61 1.78
CA THR B 498 24.05 -44.36 1.55
C THR B 498 25.06 -43.99 2.63
N ALA B 499 26.15 -44.75 2.67
CA ALA B 499 27.24 -44.51 3.61
C ALA B 499 28.54 -45.14 3.11
N SER B 500 29.63 -44.78 3.78
CA SER B 500 30.95 -45.18 3.38
C SER B 500 31.11 -46.68 3.35
N SER B 501 30.76 -47.30 4.45
CA SER B 501 31.01 -48.69 4.63
C SER B 501 30.00 -49.14 5.67
N TYR B 502 29.69 -50.43 5.71
CA TYR B 502 28.73 -50.93 6.68
C TYR B 502 29.04 -52.33 7.21
N PHE B 503 28.52 -52.61 8.40
CA PHE B 503 28.77 -53.87 9.11
C PHE B 503 27.71 -54.89 8.74
N THR B 504 28.08 -55.74 7.79
CA THR B 504 27.18 -56.78 7.32
C THR B 504 27.78 -58.12 7.63
N ASN B 505 26.96 -58.96 8.24
CA ASN B 505 27.35 -60.27 8.67
C ASN B 505 26.15 -61.11 8.38
N MET B 506 26.30 -62.42 8.48
CA MET B 506 25.17 -63.31 8.32
C MET B 506 24.06 -62.84 9.24
N PHE B 507 22.85 -62.82 8.70
CA PHE B 507 21.74 -62.14 9.37
C PHE B 507 22.04 -60.65 9.46
N ALA B 508 22.61 -60.23 10.58
CA ALA B 508 22.74 -58.82 10.93
C ALA B 508 23.43 -58.05 9.82
N THR B 509 22.78 -56.96 9.41
CA THR B 509 23.21 -56.12 8.28
C THR B 509 22.95 -54.64 8.59
N TRP B 510 23.92 -54.00 9.25
CA TRP B 510 23.79 -52.63 9.80
C TRP B 510 23.83 -51.57 8.72
N SER B 511 22.92 -51.76 7.78
CA SER B 511 22.82 -51.00 6.56
C SER B 511 22.62 -49.53 6.83
N PRO B 512 23.18 -48.67 5.96
CA PRO B 512 22.99 -47.23 6.04
C PRO B 512 21.51 -46.87 6.11
N SER B 513 20.71 -47.68 5.44
CA SER B 513 19.26 -47.59 5.39
C SER B 513 18.58 -47.62 6.76
N LYS B 514 19.30 -48.17 7.75
CA LYS B 514 18.75 -48.35 9.09
C LYS B 514 19.12 -47.20 10.02
N ALA B 515 19.60 -46.09 9.45
CA ALA B 515 20.08 -44.97 10.24
C ALA B 515 18.97 -44.03 10.64
N ARG B 516 17.78 -44.60 10.79
CA ARG B 516 16.60 -43.81 11.03
C ARG B 516 16.27 -43.82 12.50
N LEU B 517 16.24 -42.62 13.07
CA LEU B 517 15.83 -42.37 14.45
C LEU B 517 14.63 -43.21 14.98
N HIS B 518 14.76 -43.69 16.21
CA HIS B 518 13.68 -44.36 16.92
C HIS B 518 13.12 -45.54 16.14
N LEU B 519 14.00 -46.30 15.49
CA LEU B 519 13.53 -47.46 14.75
C LEU B 519 13.93 -48.73 15.48
N GLN B 520 12.94 -49.57 15.76
CA GLN B 520 13.20 -50.78 16.49
C GLN B 520 12.99 -52.00 15.58
N GLY B 521 13.99 -52.87 15.53
CA GLY B 521 13.93 -54.10 14.72
C GLY B 521 15.22 -54.88 14.66
N ARG B 522 15.28 -55.83 13.74
CA ARG B 522 16.52 -56.54 13.47
C ARG B 522 17.49 -55.51 12.89
N SER B 523 18.70 -55.46 13.43
CA SER B 523 19.73 -54.60 12.87
C SER B 523 19.30 -53.12 12.85
N ASN B 524 18.63 -52.66 13.91
CA ASN B 524 18.06 -51.31 13.93
C ASN B 524 19.05 -50.19 14.27
N ALA B 525 19.95 -49.95 13.31
CA ALA B 525 20.87 -48.82 13.28
C ALA B 525 21.83 -48.92 12.09
N TRP B 526 22.68 -47.91 11.90
CA TRP B 526 23.78 -48.03 10.97
C TRP B 526 25.09 -48.30 11.66
N ARG B 527 25.94 -49.06 11.00
CA ARG B 527 27.26 -49.31 11.49
C ARG B 527 28.24 -49.46 10.32
N PRO B 528 29.36 -48.71 10.33
CA PRO B 528 30.47 -48.87 9.39
C PRO B 528 31.31 -50.13 9.63
N GLN B 529 31.81 -50.77 8.56
CA GLN B 529 32.29 -52.17 8.64
C GLN B 529 33.16 -52.50 9.85
N VAL B 530 34.25 -51.76 10.04
CA VAL B 530 34.84 -51.58 11.35
C VAL B 530 35.19 -50.09 11.44
N ASN B 531 35.46 -49.65 12.65
CA ASN B 531 35.53 -48.24 13.01
C ASN B 531 36.71 -47.47 12.41
N ASN B 532 36.46 -46.19 12.14
CA ASN B 532 37.45 -45.26 11.64
C ASN B 532 37.12 -43.87 12.20
N PRO B 533 38.15 -43.04 12.50
CA PRO B 533 37.78 -41.70 12.96
C PRO B 533 37.02 -40.93 11.89
N LYS B 534 37.40 -41.18 10.63
CA LYS B 534 36.71 -40.58 9.49
C LYS B 534 35.93 -41.67 8.79
N GLU B 535 34.63 -41.66 8.99
CA GLU B 535 33.72 -42.38 8.11
C GLU B 535 32.68 -41.42 7.59
N TRP B 536 31.57 -41.95 7.08
CA TRP B 536 30.48 -41.11 6.61
C TRP B 536 29.19 -41.85 6.37
N LEU B 537 28.09 -41.18 6.75
CA LEU B 537 26.72 -41.55 6.41
C LEU B 537 26.06 -40.44 5.62
N GLN B 538 25.43 -40.81 4.52
CA GLN B 538 24.98 -39.85 3.52
C GLN B 538 23.52 -40.02 3.15
N VAL B 539 22.90 -38.91 2.73
CA VAL B 539 21.49 -38.92 2.39
C VAL B 539 21.18 -38.18 1.09
N ASP B 540 20.82 -38.93 0.07
CA ASP B 540 20.53 -38.34 -1.24
C ASP B 540 19.14 -37.71 -1.23
N PHE B 541 19.06 -36.52 -0.63
CA PHE B 541 17.80 -35.80 -0.53
C PHE B 541 17.06 -35.74 -1.86
N GLN B 542 17.84 -35.70 -2.94
CA GLN B 542 17.36 -35.49 -4.31
C GLN B 542 17.06 -34.02 -4.61
N LYS B 543 16.11 -33.45 -3.87
CA LYS B 543 15.77 -32.03 -4.00
C LYS B 543 16.83 -31.17 -3.33
N THR B 544 17.09 -29.96 -3.84
CA THR B 544 18.02 -29.07 -3.16
C THR B 544 17.31 -28.46 -1.97
N MET B 545 17.93 -28.61 -0.81
CA MET B 545 17.26 -28.42 0.47
C MET B 545 18.02 -27.51 1.39
N LYS B 546 17.31 -26.95 2.38
CA LYS B 546 17.89 -26.23 3.49
C LYS B 546 17.86 -27.15 4.67
N VAL B 547 18.81 -26.98 5.60
CA VAL B 547 18.89 -27.83 6.80
C VAL B 547 19.05 -27.03 8.11
N THR B 548 17.99 -26.98 8.92
CA THR B 548 18.01 -26.31 10.23
C THR B 548 18.99 -27.04 11.12
N GLY B 549 18.86 -28.37 11.18
CA GLY B 549 19.76 -29.20 11.97
C GLY B 549 19.64 -30.71 11.84
N VAL B 550 20.22 -31.38 12.83
CA VAL B 550 20.31 -32.81 12.84
C VAL B 550 20.13 -33.40 14.25
N THR B 551 19.18 -34.33 14.35
CA THR B 551 18.97 -35.18 15.53
C THR B 551 19.78 -36.50 15.37
N THR B 552 20.58 -36.76 16.39
CA THR B 552 21.54 -37.83 16.37
C THR B 552 21.22 -38.82 17.47
N GLN B 553 21.75 -40.06 17.35
CA GLN B 553 21.39 -41.19 18.22
C GLN B 553 22.50 -42.25 18.43
N GLY B 554 22.12 -43.35 19.09
CA GLY B 554 22.97 -44.55 19.25
C GLY B 554 22.16 -45.80 19.58
N VAL B 555 22.71 -46.99 19.33
CA VAL B 555 21.95 -48.23 19.53
C VAL B 555 22.64 -49.22 20.49
N LYS B 556 21.85 -49.92 21.31
CA LYS B 556 22.32 -51.13 21.98
C LYS B 556 21.69 -52.35 21.31
N SER B 557 22.51 -53.37 21.06
CA SER B 557 22.04 -54.59 20.44
C SER B 557 22.63 -55.81 21.14
N LEU B 558 21.77 -56.45 21.91
CA LEU B 558 22.10 -57.62 22.71
C LEU B 558 23.15 -57.31 23.78
N LEU B 559 22.76 -56.40 24.67
CA LEU B 559 23.45 -56.13 25.95
C LEU B 559 24.76 -55.38 25.80
N THR B 560 25.13 -55.12 24.58
CA THR B 560 26.26 -54.29 24.36
C THR B 560 25.72 -52.96 23.83
N SER B 561 26.09 -51.87 24.49
CA SER B 561 25.63 -50.50 24.15
C SER B 561 26.71 -49.75 23.38
N MET B 562 26.28 -48.92 22.43
CA MET B 562 27.18 -48.20 21.54
C MET B 562 26.53 -46.97 20.94
N TYR B 563 27.27 -45.86 20.89
CA TYR B 563 26.74 -44.61 20.36
C TYR B 563 27.83 -43.68 19.86
N VAL B 564 27.45 -42.71 19.01
CA VAL B 564 28.40 -41.70 18.54
C VAL B 564 28.27 -40.39 19.32
N LYS B 565 29.43 -39.95 19.84
CA LYS B 565 29.52 -38.85 20.79
C LYS B 565 29.89 -37.55 20.11
N GLU B 566 30.92 -37.59 19.25
CA GLU B 566 31.40 -36.42 18.51
C GLU B 566 31.28 -36.64 17.01
N PHE B 567 30.88 -35.59 16.27
CA PHE B 567 30.74 -35.73 14.82
C PHE B 567 30.90 -34.49 13.93
N LEU B 568 31.16 -34.78 12.66
CA LEU B 568 31.46 -33.77 11.64
C LEU B 568 30.60 -33.94 10.40
N ILE B 569 30.18 -32.81 9.83
CA ILE B 569 29.16 -32.76 8.78
C ILE B 569 29.75 -32.21 7.48
N SER B 570 29.44 -32.87 6.37
CA SER B 570 29.94 -32.49 5.05
C SER B 570 28.99 -31.62 4.22
N SER B 571 28.01 -32.27 3.57
CA SER B 571 27.11 -31.67 2.56
C SER B 571 27.78 -31.42 1.20
N SER B 572 26.97 -31.54 0.15
CA SER B 572 27.39 -31.10 -1.16
C SER B 572 26.20 -30.79 -1.99
N GLN B 573 26.39 -29.86 -2.90
CA GLN B 573 25.48 -29.75 -3.99
C GLN B 573 26.05 -30.56 -5.14
N ASP B 574 27.19 -31.17 -4.87
CA ASP B 574 27.98 -31.77 -5.88
C ASP B 574 28.09 -33.22 -5.57
N GLY B 575 27.73 -34.05 -6.54
CA GLY B 575 27.77 -35.48 -6.34
C GLY B 575 29.10 -35.93 -5.79
N HIS B 576 30.21 -35.38 -6.29
CA HIS B 576 31.54 -35.88 -5.93
C HIS B 576 32.44 -34.90 -5.16
N GLN B 577 31.99 -33.66 -4.97
CA GLN B 577 32.79 -32.68 -4.25
C GLN B 577 32.12 -32.36 -2.96
N TRP B 578 32.89 -32.22 -1.91
CA TRP B 578 32.32 -32.00 -0.61
C TRP B 578 32.96 -30.86 0.16
N THR B 579 32.15 -30.12 0.91
CA THR B 579 32.69 -29.02 1.73
C THR B 579 32.29 -29.11 3.21
N LEU B 580 33.23 -29.67 3.97
CA LEU B 580 33.20 -29.78 5.43
C LEU B 580 32.54 -28.58 6.09
N PHE B 581 31.80 -28.77 7.16
CA PHE B 581 31.29 -27.58 7.82
C PHE B 581 32.46 -26.82 8.45
N PHE B 582 32.44 -25.51 8.39
CA PHE B 582 33.46 -24.67 9.05
C PHE B 582 32.78 -23.67 9.99
N GLN B 583 33.15 -23.65 11.27
CA GLN B 583 32.49 -22.72 12.21
C GLN B 583 33.47 -21.83 12.95
N ASN B 584 33.12 -20.55 12.97
CA ASN B 584 33.94 -19.55 13.60
C ASN B 584 35.36 -19.74 13.06
N GLY B 585 35.44 -19.68 11.73
CA GLY B 585 36.63 -20.12 11.04
C GLY B 585 36.59 -21.63 10.97
N LYS B 586 37.09 -22.26 12.02
CA LYS B 586 37.42 -23.68 12.00
C LYS B 586 36.26 -24.61 11.80
N VAL B 587 36.56 -25.74 11.19
CA VAL B 587 35.65 -26.87 11.11
C VAL B 587 35.29 -27.27 12.53
N LYS B 588 34.08 -27.81 12.72
CA LYS B 588 33.46 -27.89 14.05
C LYS B 588 33.14 -29.31 14.49
N VAL B 589 33.30 -29.52 15.80
CA VAL B 589 33.02 -30.80 16.42
C VAL B 589 31.62 -30.78 17.02
N PHE B 590 30.82 -31.79 16.71
CA PHE B 590 29.43 -31.75 17.13
C PHE B 590 29.20 -32.61 18.37
N GLN B 591 28.65 -32.03 19.43
CA GLN B 591 28.46 -32.79 20.67
C GLN B 591 27.03 -33.12 20.95
N GLY B 592 26.78 -34.42 21.02
CA GLY B 592 25.47 -34.97 21.31
C GLY B 592 25.47 -36.46 21.66
N ASN B 593 24.47 -36.83 22.45
CA ASN B 593 24.18 -38.22 22.81
C ASN B 593 25.29 -38.84 23.63
N GLN B 594 25.09 -38.88 24.95
CA GLN B 594 26.00 -39.59 25.84
C GLN B 594 25.57 -41.04 25.96
N ASP B 595 24.50 -41.39 25.23
CA ASP B 595 23.84 -42.70 25.34
C ASP B 595 23.19 -43.19 24.06
N SER B 596 23.00 -44.50 23.99
CA SER B 596 22.14 -45.08 22.99
C SER B 596 20.69 -44.62 23.12
N PHE B 597 20.16 -44.79 24.34
CA PHE B 597 18.71 -44.75 24.59
C PHE B 597 18.12 -43.52 23.88
N THR B 598 18.64 -42.36 24.27
CA THR B 598 18.08 -41.05 23.91
C THR B 598 18.64 -40.51 22.63
N PRO B 599 17.87 -39.61 21.98
CA PRO B 599 18.31 -38.74 20.89
C PRO B 599 18.49 -37.30 21.31
N VAL B 600 19.54 -36.67 20.81
CA VAL B 600 19.77 -35.26 21.07
C VAL B 600 20.18 -34.58 19.76
N VAL B 601 20.08 -33.25 19.78
CA VAL B 601 19.91 -32.44 18.59
C VAL B 601 20.90 -31.27 18.44
N ASN B 602 21.37 -31.02 17.22
CA ASN B 602 22.33 -29.92 16.98
C ASN B 602 21.83 -28.80 16.09
N SER B 603 22.02 -27.58 16.58
CA SER B 603 21.45 -26.35 16.00
C SER B 603 21.80 -26.02 14.54
N LEU B 604 23.05 -26.19 14.15
CA LEU B 604 23.49 -25.83 12.80
C LEU B 604 23.28 -24.33 12.49
N ASP B 605 23.92 -23.47 13.27
CA ASP B 605 23.63 -22.03 13.31
C ASP B 605 23.53 -21.30 11.96
N PRO B 606 24.55 -21.52 11.07
CA PRO B 606 24.30 -21.02 9.72
C PRO B 606 23.93 -22.22 8.86
N PRO B 607 22.66 -22.26 8.36
CA PRO B 607 22.23 -23.57 7.85
C PRO B 607 22.73 -23.88 6.48
N LEU B 608 23.60 -24.89 6.41
CA LEU B 608 24.09 -25.35 5.16
C LEU B 608 22.90 -25.89 4.42
N LEU B 609 22.84 -25.61 3.14
CA LEU B 609 21.76 -26.08 2.30
C LEU B 609 22.30 -26.79 1.09
N THR B 610 21.92 -28.05 0.93
CA THR B 610 22.43 -28.81 -0.21
C THR B 610 21.44 -29.87 -0.59
N ARG B 611 21.65 -30.49 -1.76
CA ARG B 611 20.86 -31.66 -2.16
C ARG B 611 21.36 -32.93 -1.46
N TYR B 612 22.67 -33.07 -1.29
CA TYR B 612 23.21 -34.27 -0.70
C TYR B 612 23.94 -33.94 0.59
N LEU B 613 23.88 -34.85 1.56
CA LEU B 613 24.48 -34.64 2.88
C LEU B 613 25.27 -35.80 3.43
N ARG B 614 26.26 -35.47 4.25
CA ARG B 614 27.20 -36.42 4.83
C ARG B 614 27.60 -36.06 6.28
N ILE B 615 27.95 -37.10 7.05
CA ILE B 615 28.16 -36.99 8.48
C ILE B 615 29.27 -37.93 8.93
N HIS B 616 30.26 -37.40 9.65
CA HIS B 616 31.45 -38.18 10.05
C HIS B 616 31.64 -38.25 11.55
N PRO B 617 31.55 -39.46 12.12
CA PRO B 617 31.77 -39.64 13.53
C PRO B 617 33.23 -39.45 13.94
N GLN B 618 33.46 -38.82 15.09
CA GLN B 618 34.80 -38.68 15.67
C GLN B 618 34.98 -39.57 16.93
N SER B 619 34.42 -39.15 18.06
CA SER B 619 34.43 -39.92 19.33
C SER B 619 33.21 -40.83 19.44
N TRP B 620 33.47 -42.12 19.32
CA TRP B 620 32.42 -43.11 19.25
C TRP B 620 32.65 -44.09 20.37
N VAL B 621 31.63 -44.22 21.23
CA VAL B 621 31.76 -44.99 22.48
C VAL B 621 31.48 -46.50 22.32
N HIS B 622 32.46 -47.30 22.71
CA HIS B 622 32.40 -48.76 22.66
C HIS B 622 32.51 -49.24 21.22
N GLN B 623 31.53 -48.86 20.40
CA GLN B 623 31.50 -49.18 18.98
C GLN B 623 30.76 -48.06 18.25
N ILE B 624 31.03 -47.90 16.95
CA ILE B 624 30.28 -46.91 16.16
C ILE B 624 28.92 -47.44 15.79
N ALA B 625 27.92 -46.56 15.88
CA ALA B 625 26.56 -46.89 15.46
C ALA B 625 25.71 -45.65 15.46
N LEU B 626 24.82 -45.58 14.46
CA LEU B 626 24.01 -44.40 14.26
C LEU B 626 22.62 -44.62 13.68
N ARG B 627 21.71 -43.92 14.34
CA ARG B 627 20.40 -43.63 13.84
C ARG B 627 20.29 -42.11 13.93
N MET B 628 19.42 -41.52 13.12
CA MET B 628 19.26 -40.07 13.10
C MET B 628 18.01 -39.64 12.36
N GLU B 629 17.74 -38.34 12.48
CA GLU B 629 16.86 -37.62 11.58
C GLU B 629 17.60 -36.36 11.20
N VAL B 630 17.11 -35.70 10.14
CA VAL B 630 17.58 -34.38 9.78
C VAL B 630 16.45 -33.40 10.04
N LEU B 631 16.79 -32.14 10.23
CA LEU B 631 15.76 -31.10 10.32
C LEU B 631 15.81 -30.18 9.10
N GLY B 632 14.68 -29.51 8.77
CA GLY B 632 14.65 -28.52 7.68
C GLY B 632 13.36 -27.99 7.04
N CYS B 633 13.44 -27.69 5.74
CA CYS B 633 12.38 -27.06 4.94
C CYS B 633 12.73 -27.04 3.45
N GLU B 634 11.67 -27.04 2.62
CA GLU B 634 11.84 -27.14 1.18
C GLU B 634 12.24 -25.79 0.59
N ALA B 635 13.24 -25.81 -0.29
CA ALA B 635 13.63 -24.67 -1.15
C ALA B 635 13.58 -25.14 -2.60
N GLN B 636 13.59 -24.19 -3.54
CA GLN B 636 13.21 -24.45 -4.94
C GLN B 636 13.97 -25.59 -5.64
N ASP B 637 13.21 -26.42 -6.36
CA ASP B 637 13.80 -27.50 -7.12
C ASP B 637 14.48 -26.95 -8.32
N LEU B 638 15.58 -27.61 -8.72
CA LEU B 638 16.31 -27.23 -9.90
C LEU B 638 17.07 -25.93 -9.62
N TYR B 639 17.20 -25.62 -8.33
CA TYR B 639 17.87 -24.41 -7.83
C TYR B 639 17.23 -23.93 -6.53
C1 NAG C . 15.26 21.52 -22.45
C2 NAG C . 16.71 21.96 -22.28
C3 NAG C . 16.82 23.11 -21.29
C4 NAG C . 15.75 24.20 -21.53
C5 NAG C . 14.35 23.61 -21.78
C6 NAG C . 13.33 24.67 -22.18
C7 NAG C . 18.01 19.89 -22.65
C8 NAG C . 18.88 18.88 -21.98
N2 NAG C . 17.56 20.85 -21.84
O3 NAG C . 18.13 23.67 -21.40
O4 NAG C . 15.70 25.08 -20.39
O5 NAG C . 14.44 22.64 -22.81
O6 NAG C . 12.33 24.10 -23.05
O7 NAG C . 17.75 19.83 -23.85
C1 NAG C . 16.18 26.39 -20.45
C2 NAG C . 15.97 27.54 -19.47
C3 NAG C . 17.10 28.57 -19.60
C4 NAG C . 18.48 27.92 -19.45
C5 NAG C . 18.56 26.56 -20.13
C6 NAG C . 18.66 25.46 -19.08
C7 NAG C . 14.28 29.28 -19.12
C8 NAG C . 12.80 29.60 -19.23
N2 NAG C . 14.67 28.14 -19.69
O3 NAG C . 16.94 29.55 -18.58
O4 NAG C . 19.54 28.72 -20.01
O5 NAG C . 17.48 26.36 -21.05
O6 NAG C . 17.71 25.71 -18.04
O7 NAG C . 15.05 30.03 -18.54
C1 BMA C . 19.72 29.93 -19.18
C2 BMA C . 19.48 31.01 -20.23
C3 BMA C . 18.97 32.35 -19.70
C4 BMA C . 18.05 32.15 -18.51
C5 BMA C . 18.74 31.31 -17.45
C6 BMA C . 17.89 31.24 -16.19
O2 BMA C . 18.56 30.53 -21.23
O3 BMA C . 18.26 33.01 -20.76
O4 BMA C . 17.72 33.43 -17.94
O5 BMA C . 18.91 30.00 -17.99
O6 BMA C . 16.85 30.27 -16.39
C1 MAN C . 15.61 30.67 -15.76
C2 MAN C . 15.12 32.05 -16.21
C3 MAN C . 15.76 33.18 -15.41
C4 MAN C . 15.74 32.89 -13.91
C5 MAN C . 16.33 31.52 -13.63
C6 MAN C . 16.29 31.20 -12.13
O2 MAN C . 13.70 32.12 -16.08
O3 MAN C . 15.05 34.40 -15.66
O4 MAN C . 16.50 33.90 -13.22
O5 MAN C . 15.60 30.52 -14.33
O6 MAN C . 16.53 32.38 -11.36
C1 NAG D . -13.32 16.58 32.78
C2 NAG D . -13.75 17.59 33.86
C3 NAG D . -13.19 17.18 35.23
C4 NAG D . -11.87 16.42 35.10
C5 NAG D . -11.15 16.87 33.81
C6 NAG D . -9.67 16.54 33.68
C7 NAG D . -14.06 20.09 33.63
C8 NAG D . -13.36 21.33 33.16
N2 NAG D . -13.33 18.96 33.49
O3 NAG D . -14.15 16.38 35.92
O4 NAG D . -11.08 16.56 36.28
O5 NAG D . -11.90 16.39 32.68
O6 NAG D . -9.02 17.67 33.10
O7 NAG D . -15.18 20.14 34.11
C1 NAG D . -11.11 15.34 37.06
C2 NAG D . -10.20 15.50 38.27
C3 NAG D . -10.17 14.20 39.10
C4 NAG D . -11.45 13.35 39.12
C5 NAG D . -12.47 13.62 37.99
C6 NAG D . -13.90 13.36 38.47
C7 NAG D . -8.30 17.10 38.20
C8 NAG D . -9.05 18.10 39.04
N2 NAG D . -8.87 15.93 37.88
O3 NAG D . -9.85 14.54 40.45
O4 NAG D . -11.10 11.96 39.09
O5 NAG D . -12.41 14.96 37.52
O6 NAG D . -14.24 12.00 38.18
O7 NAG D . -7.16 17.36 37.81
C1 NAG E . -9.72 -18.06 16.66
C2 NAG E . -10.49 -19.37 16.42
C3 NAG E . -11.12 -19.37 15.03
C4 NAG E . -10.16 -18.84 13.93
C5 NAG E . -9.28 -17.64 14.34
C6 NAG E . -9.21 -16.64 13.16
C7 NAG E . -9.12 -21.21 17.52
C8 NAG E . -8.41 -22.49 17.18
N2 NAG E . -9.70 -20.60 16.49
O3 NAG E . -12.37 -18.68 15.02
O4 NAG E . -9.26 -19.87 13.57
O5 NAG E . -9.76 -17.13 15.57
O6 NAG E . -9.05 -15.28 13.56
O7 NAG E . -9.11 -20.78 18.68
C1 NAG E . -9.65 -20.23 12.27
C2 NAG E . -8.47 -20.64 11.41
C3 NAG E . -9.02 -21.05 10.04
C4 NAG E . -10.22 -22.02 10.18
C5 NAG E . -11.28 -21.36 11.07
C6 NAG E . -12.61 -22.08 11.30
C7 NAG E . -6.54 -19.23 12.18
C8 NAG E . -5.72 -18.03 11.80
N2 NAG E . -7.52 -19.53 11.31
O3 NAG E . -8.00 -21.64 9.25
O4 NAG E . -10.73 -22.38 8.90
O5 NAG E . -10.65 -21.23 12.32
O6 NAG E . -12.47 -23.02 12.35
O7 NAG E . -6.28 -19.85 13.21
C1 BMA E . -10.83 -23.83 8.81
C2 BMA E . -12.31 -24.16 8.53
C3 BMA E . -12.49 -25.65 8.22
C4 BMA E . -11.49 -26.11 7.13
C5 BMA E . -10.06 -25.78 7.59
C6 BMA E . -9.02 -26.20 6.56
O2 BMA E . -12.80 -23.35 7.45
O3 BMA E . -13.87 -25.98 7.92
O4 BMA E . -11.62 -27.52 6.89
O5 BMA E . -9.93 -24.37 7.84
O6 BMA E . -8.53 -25.06 5.84
C1 BMA E . -14.79 -25.59 6.83
C2 BMA E . -15.14 -26.79 5.96
C3 BMA E . -16.06 -26.40 4.82
C4 BMA E . -17.29 -25.70 5.39
C5 BMA E . -16.87 -24.51 6.25
C6 BMA E . -18.08 -23.82 6.85
O2 BMA E . -15.77 -27.83 6.73
O3 BMA E . -16.44 -27.55 4.08
O4 BMA E . -18.13 -25.26 4.31
O5 BMA E . -15.99 -24.94 7.28
O6 BMA E . -18.81 -24.75 7.65
C1 MAN E . -15.03 -28.08 7.96
C2 MAN E . -14.22 -29.36 7.86
C3 MAN E . -15.16 -30.56 7.84
C4 MAN E . -16.09 -30.48 9.04
C5 MAN E . -16.81 -29.13 9.07
C6 MAN E . -17.72 -29.02 10.29
O2 MAN E . -13.34 -29.47 8.98
O3 MAN E . -14.40 -31.76 7.91
O4 MAN E . -17.06 -31.53 8.97
O5 MAN E . -15.85 -28.08 9.12
O6 MAN E . -18.37 -27.75 10.25
C1 MAN E . -9.18 -24.85 4.56
C2 MAN E . -9.65 -26.16 3.90
C3 MAN E . -8.74 -26.66 2.77
C4 MAN E . -7.27 -26.25 2.96
C5 MAN E . -7.10 -24.76 3.29
C6 MAN E . -6.51 -24.00 2.09
O2 MAN E . -11.00 -26.02 3.43
O3 MAN E . -9.19 -26.16 1.50
O4 MAN E . -6.69 -27.04 4.01
O5 MAN E . -8.32 -24.12 3.68
O6 MAN E . -7.43 -24.07 0.98
C1 MAN E . -7.90 -22.76 0.60
C2 MAN E . -8.91 -22.20 1.62
C3 MAN E . -10.22 -22.98 1.58
C4 MAN E . -10.75 -23.15 0.15
C5 MAN E . -9.66 -23.61 -0.81
C6 MAN E . -10.14 -23.62 -2.25
O2 MAN E . -9.16 -20.82 1.37
O3 MAN E . -11.19 -22.31 2.39
O4 MAN E . -11.84 -24.07 0.15
O5 MAN E . -8.50 -22.77 -0.70
O6 MAN E . -9.21 -24.38 -3.07
CA CA F . 16.96 -11.52 2.30
CA CA G . -5.87 31.01 -22.67
CA CA H . 18.72 -14.07 -2.53
CU CU I . 5.99 16.77 -15.52
CU CU J . 5.64 7.36 0.52
#